data_2OD5
# 
_entry.id   2OD5 
# 
_audit_conform.dict_name       mmcif_pdbx.dic 
_audit_conform.dict_version    5.397 
_audit_conform.dict_location   http://mmcif.pdb.org/dictionaries/ascii/mmcif_pdbx.dic 
# 
loop_
_database_2.database_id 
_database_2.database_code 
_database_2.pdbx_database_accession 
_database_2.pdbx_DOI 
PDB   2OD5         pdb_00002od5 10.2210/pdb2od5/pdb 
RCSB  RCSB040985   ?            ?                   
WWPDB D_1000040985 ?            ?                   
# 
loop_
_pdbx_audit_revision_history.ordinal 
_pdbx_audit_revision_history.data_content_type 
_pdbx_audit_revision_history.major_revision 
_pdbx_audit_revision_history.minor_revision 
_pdbx_audit_revision_history.revision_date 
1 'Structure model' 1 0 2007-01-23 
2 'Structure model' 1 1 2008-05-01 
3 'Structure model' 1 2 2011-07-13 
4 'Structure model' 1 3 2017-10-18 
5 'Structure model' 1 4 2017-10-25 
6 'Structure model' 1 5 2023-12-27 
7 'Structure model' 1 6 2024-10-09 
# 
_pdbx_audit_revision_details.ordinal             1 
_pdbx_audit_revision_details.revision_ordinal    1 
_pdbx_audit_revision_details.data_content_type   'Structure model' 
_pdbx_audit_revision_details.provider            repository 
_pdbx_audit_revision_details.type                'Initial release' 
_pdbx_audit_revision_details.description         ? 
_pdbx_audit_revision_details.details             ? 
# 
loop_
_pdbx_audit_revision_group.ordinal 
_pdbx_audit_revision_group.revision_ordinal 
_pdbx_audit_revision_group.data_content_type 
_pdbx_audit_revision_group.group 
1  2 'Structure model' 'Version format compliance'  
2  3 'Structure model' Advisory                     
3  3 'Structure model' 'Derived calculations'       
4  3 'Structure model' 'Version format compliance'  
5  4 'Structure model' 'Refinement description'     
6  5 'Structure model' 'Author supporting evidence' 
7  6 'Structure model' 'Data collection'            
8  6 'Structure model' 'Database references'        
9  6 'Structure model' 'Derived calculations'       
10 7 'Structure model' 'Structure summary'          
# 
loop_
_pdbx_audit_revision_category.ordinal 
_pdbx_audit_revision_category.revision_ordinal 
_pdbx_audit_revision_category.data_content_type 
_pdbx_audit_revision_category.category 
1 4 'Structure model' software                           
2 5 'Structure model' pdbx_struct_assembly_auth_evidence 
3 6 'Structure model' chem_comp_atom                     
4 6 'Structure model' chem_comp_bond                     
5 6 'Structure model' database_2                         
6 6 'Structure model' struct_conn                        
7 6 'Structure model' struct_site                        
8 7 'Structure model' pdbx_entry_details                 
9 7 'Structure model' pdbx_modification_feature          
# 
loop_
_pdbx_audit_revision_item.ordinal 
_pdbx_audit_revision_item.revision_ordinal 
_pdbx_audit_revision_item.data_content_type 
_pdbx_audit_revision_item.item 
1 4 'Structure model' '_software.classification'            
2 4 'Structure model' '_software.name'                      
3 6 'Structure model' '_database_2.pdbx_DOI'                
4 6 'Structure model' '_database_2.pdbx_database_accession' 
5 6 'Structure model' '_struct_conn.pdbx_leaving_atom_flag' 
6 6 'Structure model' '_struct_site.pdbx_auth_asym_id'      
7 6 'Structure model' '_struct_site.pdbx_auth_comp_id'      
8 6 'Structure model' '_struct_site.pdbx_auth_seq_id'       
# 
_pdbx_database_status.SG_entry                        Y 
_pdbx_database_status.entry_id                        2OD5 
_pdbx_database_status.deposit_site                    RCSB 
_pdbx_database_status.process_site                    RCSB 
_pdbx_database_status.recvd_initial_deposition_date   2006-12-21 
_pdbx_database_status.status_code                     REL 
_pdbx_database_status.status_code_sf                  REL 
_pdbx_database_status.status_code_mr                  ? 
_pdbx_database_status.pdb_format_compatible           Y 
_pdbx_database_status.status_code_cs                  ? 
_pdbx_database_status.methods_development_category    ? 
_pdbx_database_status.status_code_nmr_data            ? 
# 
_pdbx_database_related.db_name        TargetDB 
_pdbx_database_related.db_id          367491 
_pdbx_database_related.details        . 
_pdbx_database_related.content_type   unspecified 
# 
_audit_author.name           'Joint Center for Structural Genomics (JCSG)' 
_audit_author.pdbx_ordinal   1 
# 
_citation.id                        primary 
_citation.title                     
;Crystal structure of hypothetical protein (JCVI_PEP_1096688149193) from an environmental metagenome (unidentified marine microbe), Sorcerer II Global Ocean Sampling experiment at 1.79 A resolution
;
_citation.journal_abbrev            'To be published' 
_citation.journal_volume            ? 
_citation.page_first                ? 
_citation.page_last                 ? 
_citation.year                      ? 
_citation.journal_id_ASTM           ? 
_citation.country                   ? 
_citation.journal_id_ISSN           ? 
_citation.journal_id_CSD            0353 
_citation.book_publisher            ? 
_citation.pdbx_database_id_PubMed   ? 
_citation.pdbx_database_id_DOI      ? 
# 
_citation_author.citation_id        primary 
_citation_author.name               'Joint Center for Structural Genomics (JCSG)' 
_citation_author.ordinal            1 
_citation_author.identifier_ORCID   ? 
# 
loop_
_entity.id 
_entity.type 
_entity.src_method 
_entity.pdbx_description 
_entity.formula_weight 
_entity.pdbx_number_of_molecules 
_entity.pdbx_ec 
_entity.pdbx_mutation 
_entity.pdbx_fragment 
_entity.details 
1 polymer     man 'hypothetical protein' 13185.475 1  ? ? ? ? 
2 non-polymer syn 'CHLORIDE ION'         35.453    1  ? ? ? ? 
3 non-polymer syn IMIDAZOLE              69.085    1  ? ? ? ? 
4 non-polymer syn 1,2-ETHANEDIOL         62.068    3  ? ? ? ? 
5 non-polymer syn 'PENTAETHYLENE GLYCOL' 238.278   2  ? ? ? ? 
6 water       nat water                  18.015    77 ? ? ? ? 
# 
_entity_poly.entity_id                      1 
_entity_poly.type                           'polypeptide(L)' 
_entity_poly.nstd_linkage                   no 
_entity_poly.nstd_monomer                   yes 
_entity_poly.pdbx_seq_one_letter_code       
;G(MSE)TGAVETES(MSE)KTVRIREKIKKFLGDRPRNTAEILEHINST(MSE)RHGTTSQQLGNVLSKDKDIVKVGYIK
RSGILSGGYDICEWATRNWVAEHCPEWTEGQPIILNEEGDFTLGPLPE
;
_entity_poly.pdbx_seq_one_letter_code_can   
;GMTGAVETESMKTVRIREKIKKFLGDRPRNTAEILEHINSTMRHGTTSQQLGNVLSKDKDIVKVGYIKRSGILSGGYDIC
EWATRNWVAEHCPEWTEGQPIILNEEGDFTLGPLPE
;
_entity_poly.pdbx_strand_id                 A 
_entity_poly.pdbx_target_identifier         367491 
# 
loop_
_pdbx_entity_nonpoly.entity_id 
_pdbx_entity_nonpoly.name 
_pdbx_entity_nonpoly.comp_id 
2 'CHLORIDE ION'         CL  
3 IMIDAZOLE              IMD 
4 1,2-ETHANEDIOL         EDO 
5 'PENTAETHYLENE GLYCOL' 1PE 
6 water                  HOH 
# 
loop_
_entity_poly_seq.entity_id 
_entity_poly_seq.num 
_entity_poly_seq.mon_id 
_entity_poly_seq.hetero 
1 1   GLY n 
1 2   MSE n 
1 3   THR n 
1 4   GLY n 
1 5   ALA n 
1 6   VAL n 
1 7   GLU n 
1 8   THR n 
1 9   GLU n 
1 10  SER n 
1 11  MSE n 
1 12  LYS n 
1 13  THR n 
1 14  VAL n 
1 15  ARG n 
1 16  ILE n 
1 17  ARG n 
1 18  GLU n 
1 19  LYS n 
1 20  ILE n 
1 21  LYS n 
1 22  LYS n 
1 23  PHE n 
1 24  LEU n 
1 25  GLY n 
1 26  ASP n 
1 27  ARG n 
1 28  PRO n 
1 29  ARG n 
1 30  ASN n 
1 31  THR n 
1 32  ALA n 
1 33  GLU n 
1 34  ILE n 
1 35  LEU n 
1 36  GLU n 
1 37  HIS n 
1 38  ILE n 
1 39  ASN n 
1 40  SER n 
1 41  THR n 
1 42  MSE n 
1 43  ARG n 
1 44  HIS n 
1 45  GLY n 
1 46  THR n 
1 47  THR n 
1 48  SER n 
1 49  GLN n 
1 50  GLN n 
1 51  LEU n 
1 52  GLY n 
1 53  ASN n 
1 54  VAL n 
1 55  LEU n 
1 56  SER n 
1 57  LYS n 
1 58  ASP n 
1 59  LYS n 
1 60  ASP n 
1 61  ILE n 
1 62  VAL n 
1 63  LYS n 
1 64  VAL n 
1 65  GLY n 
1 66  TYR n 
1 67  ILE n 
1 68  LYS n 
1 69  ARG n 
1 70  SER n 
1 71  GLY n 
1 72  ILE n 
1 73  LEU n 
1 74  SER n 
1 75  GLY n 
1 76  GLY n 
1 77  TYR n 
1 78  ASP n 
1 79  ILE n 
1 80  CYS n 
1 81  GLU n 
1 82  TRP n 
1 83  ALA n 
1 84  THR n 
1 85  ARG n 
1 86  ASN n 
1 87  TRP n 
1 88  VAL n 
1 89  ALA n 
1 90  GLU n 
1 91  HIS n 
1 92  CYS n 
1 93  PRO n 
1 94  GLU n 
1 95  TRP n 
1 96  THR n 
1 97  GLU n 
1 98  GLY n 
1 99  GLN n 
1 100 PRO n 
1 101 ILE n 
1 102 ILE n 
1 103 LEU n 
1 104 ASN n 
1 105 GLU n 
1 106 GLU n 
1 107 GLY n 
1 108 ASP n 
1 109 PHE n 
1 110 THR n 
1 111 LEU n 
1 112 GLY n 
1 113 PRO n 
1 114 LEU n 
1 115 PRO n 
1 116 GLU n 
# 
_entity_src_gen.entity_id                          1 
_entity_src_gen.pdbx_src_id                        1 
_entity_src_gen.pdbx_alt_source_flag               sample 
_entity_src_gen.pdbx_seq_type                      ? 
_entity_src_gen.pdbx_beg_seq_num                   ? 
_entity_src_gen.pdbx_end_seq_num                   ? 
_entity_src_gen.gene_src_common_name               ? 
_entity_src_gen.gene_src_genus                     ? 
_entity_src_gen.pdbx_gene_src_gene                 ? 
_entity_src_gen.gene_src_species                   ? 
_entity_src_gen.gene_src_strain                    ? 
_entity_src_gen.gene_src_tissue                    ? 
_entity_src_gen.gene_src_tissue_fraction           ? 
_entity_src_gen.gene_src_details                   ? 
_entity_src_gen.pdbx_gene_src_fragment             ? 
_entity_src_gen.pdbx_gene_src_scientific_name      'uncultured marine organism' 
_entity_src_gen.pdbx_gene_src_ncbi_taxonomy_id     360281 
_entity_src_gen.pdbx_gene_src_variant              ? 
_entity_src_gen.pdbx_gene_src_cell_line            ? 
_entity_src_gen.pdbx_gene_src_atcc                 ? 
_entity_src_gen.pdbx_gene_src_organ                ? 
_entity_src_gen.pdbx_gene_src_organelle            ? 
_entity_src_gen.pdbx_gene_src_cell                 ? 
_entity_src_gen.pdbx_gene_src_cellular_location    ? 
_entity_src_gen.host_org_common_name               ? 
_entity_src_gen.pdbx_host_org_scientific_name      'Escherichia coli' 
_entity_src_gen.pdbx_host_org_ncbi_taxonomy_id     562 
_entity_src_gen.host_org_genus                     Escherichia 
_entity_src_gen.pdbx_host_org_gene                 ? 
_entity_src_gen.pdbx_host_org_organ                ? 
_entity_src_gen.host_org_species                   ? 
_entity_src_gen.pdbx_host_org_tissue               ? 
_entity_src_gen.pdbx_host_org_tissue_fraction      ? 
_entity_src_gen.pdbx_host_org_strain               ? 
_entity_src_gen.pdbx_host_org_variant              ? 
_entity_src_gen.pdbx_host_org_cell_line            ? 
_entity_src_gen.pdbx_host_org_atcc                 ? 
_entity_src_gen.pdbx_host_org_culture_collection   ? 
_entity_src_gen.pdbx_host_org_cell                 ? 
_entity_src_gen.pdbx_host_org_organelle            ? 
_entity_src_gen.pdbx_host_org_cellular_location    ? 
_entity_src_gen.pdbx_host_org_vector_type          Plasmid 
_entity_src_gen.pdbx_host_org_vector               ? 
_entity_src_gen.host_org_details                   ? 
_entity_src_gen.expression_system_id               ? 
_entity_src_gen.plasmid_name                       ? 
_entity_src_gen.plasmid_details                    ? 
_entity_src_gen.pdbx_description                   
'SYNTHETIC GENE: The gene product was based on JCVI_PEP_1096688149193 from the Sorcerer II Global Ocean Sampling experiment' 
# 
loop_
_chem_comp.id 
_chem_comp.type 
_chem_comp.mon_nstd_flag 
_chem_comp.name 
_chem_comp.pdbx_synonyms 
_chem_comp.formula 
_chem_comp.formula_weight 
1PE non-polymer         . 'PENTAETHYLENE GLYCOL' PEG400            'C10 H22 O6'     238.278 
ALA 'L-peptide linking' y ALANINE                ?                 'C3 H7 N O2'     89.093  
ARG 'L-peptide linking' y ARGININE               ?                 'C6 H15 N4 O2 1' 175.209 
ASN 'L-peptide linking' y ASPARAGINE             ?                 'C4 H8 N2 O3'    132.118 
ASP 'L-peptide linking' y 'ASPARTIC ACID'        ?                 'C4 H7 N O4'     133.103 
CL  non-polymer         . 'CHLORIDE ION'         ?                 'Cl -1'          35.453  
CYS 'L-peptide linking' y CYSTEINE               ?                 'C3 H7 N O2 S'   121.158 
EDO non-polymer         . 1,2-ETHANEDIOL         'ETHYLENE GLYCOL' 'C2 H6 O2'       62.068  
GLN 'L-peptide linking' y GLUTAMINE              ?                 'C5 H10 N2 O3'   146.144 
GLU 'L-peptide linking' y 'GLUTAMIC ACID'        ?                 'C5 H9 N O4'     147.129 
GLY 'peptide linking'   y GLYCINE                ?                 'C2 H5 N O2'     75.067  
HIS 'L-peptide linking' y HISTIDINE              ?                 'C6 H10 N3 O2 1' 156.162 
HOH non-polymer         . WATER                  ?                 'H2 O'           18.015  
ILE 'L-peptide linking' y ISOLEUCINE             ?                 'C6 H13 N O2'    131.173 
IMD non-polymer         . IMIDAZOLE              ?                 'C3 H5 N2 1'     69.085  
LEU 'L-peptide linking' y LEUCINE                ?                 'C6 H13 N O2'    131.173 
LYS 'L-peptide linking' y LYSINE                 ?                 'C6 H15 N2 O2 1' 147.195 
MSE 'L-peptide linking' n SELENOMETHIONINE       ?                 'C5 H11 N O2 Se' 196.106 
PHE 'L-peptide linking' y PHENYLALANINE          ?                 'C9 H11 N O2'    165.189 
PRO 'L-peptide linking' y PROLINE                ?                 'C5 H9 N O2'     115.130 
SER 'L-peptide linking' y SERINE                 ?                 'C3 H7 N O3'     105.093 
THR 'L-peptide linking' y THREONINE              ?                 'C4 H9 N O3'     119.119 
TRP 'L-peptide linking' y TRYPTOPHAN             ?                 'C11 H12 N2 O2'  204.225 
TYR 'L-peptide linking' y TYROSINE               ?                 'C9 H11 N O3'    181.189 
VAL 'L-peptide linking' y VALINE                 ?                 'C5 H11 N O2'    117.146 
# 
loop_
_pdbx_poly_seq_scheme.asym_id 
_pdbx_poly_seq_scheme.entity_id 
_pdbx_poly_seq_scheme.seq_id 
_pdbx_poly_seq_scheme.mon_id 
_pdbx_poly_seq_scheme.ndb_seq_num 
_pdbx_poly_seq_scheme.pdb_seq_num 
_pdbx_poly_seq_scheme.auth_seq_num 
_pdbx_poly_seq_scheme.pdb_mon_id 
_pdbx_poly_seq_scheme.auth_mon_id 
_pdbx_poly_seq_scheme.pdb_strand_id 
_pdbx_poly_seq_scheme.pdb_ins_code 
_pdbx_poly_seq_scheme.hetero 
A 1 1   GLY 1   0   ?  ?   ?   A . n 
A 1 2   MSE 2   1   ?  ?   ?   A . n 
A 1 3   THR 3   2   ?  ?   ?   A . n 
A 1 4   GLY 4   3   ?  ?   ?   A . n 
A 1 5   ALA 5   4   ?  ?   ?   A . n 
A 1 6   VAL 6   5   ?  ?   ?   A . n 
A 1 7   GLU 7   6   6  GLU GLU A . n 
A 1 8   THR 8   7   7  THR THR A . n 
A 1 9   GLU 9   8   8  GLU GLU A . n 
A 1 10  SER 10  9   9  SER SER A . n 
A 1 11  MSE 11  10  10 MSE MSE A . n 
A 1 12  LYS 12  11  11 LYS LYS A . n 
A 1 13  THR 13  12  12 THR THR A . n 
A 1 14  VAL 14  13  13 VAL VAL A . n 
A 1 15  ARG 15  14  14 ARG ARG A . n 
A 1 16  ILE 16  15  15 ILE ILE A . n 
A 1 17  ARG 17  16  16 ARG ARG A . n 
A 1 18  GLU 18  17  17 GLU GLU A . n 
A 1 19  LYS 19  18  18 LYS LYS A . n 
A 1 20  ILE 20  19  19 ILE ILE A . n 
A 1 21  LYS 21  20  20 LYS LYS A . n 
A 1 22  LYS 22  21  21 LYS LYS A . n 
A 1 23  PHE 23  22  22 PHE PHE A . n 
A 1 24  LEU 24  23  23 LEU LEU A . n 
A 1 25  GLY 25  24  24 GLY GLY A . n 
A 1 26  ASP 26  25  25 ASP ASP A . n 
A 1 27  ARG 27  26  26 ARG ARG A . n 
A 1 28  PRO 28  27  27 PRO PRO A . n 
A 1 29  ARG 29  28  28 ARG ARG A . n 
A 1 30  ASN 30  29  29 ASN ASN A . n 
A 1 31  THR 31  30  30 THR THR A . n 
A 1 32  ALA 32  31  31 ALA ALA A . n 
A 1 33  GLU 33  32  32 GLU GLU A . n 
A 1 34  ILE 34  33  33 ILE ILE A . n 
A 1 35  LEU 35  34  34 LEU LEU A . n 
A 1 36  GLU 36  35  35 GLU GLU A . n 
A 1 37  HIS 37  36  36 HIS HIS A . n 
A 1 38  ILE 38  37  37 ILE ILE A . n 
A 1 39  ASN 39  38  38 ASN ASN A . n 
A 1 40  SER 40  39  39 SER SER A . n 
A 1 41  THR 41  40  40 THR THR A . n 
A 1 42  MSE 42  41  41 MSE MSE A . n 
A 1 43  ARG 43  42  42 ARG ARG A . n 
A 1 44  HIS 44  43  43 HIS HIS A . n 
A 1 45  GLY 45  44  44 GLY GLY A . n 
A 1 46  THR 46  45  45 THR THR A . n 
A 1 47  THR 47  46  46 THR THR A . n 
A 1 48  SER 48  47  47 SER SER A . n 
A 1 49  GLN 49  48  48 GLN GLN A . n 
A 1 50  GLN 50  49  49 GLN GLN A . n 
A 1 51  LEU 51  50  50 LEU LEU A . n 
A 1 52  GLY 52  51  51 GLY GLY A . n 
A 1 53  ASN 53  52  52 ASN ASN A . n 
A 1 54  VAL 54  53  53 VAL VAL A . n 
A 1 55  LEU 55  54  54 LEU LEU A . n 
A 1 56  SER 56  55  55 SER SER A . n 
A 1 57  LYS 57  56  56 LYS LYS A . n 
A 1 58  ASP 58  57  57 ASP ASP A . n 
A 1 59  LYS 59  58  58 LYS LYS A . n 
A 1 60  ASP 60  59  59 ASP ASP A . n 
A 1 61  ILE 61  60  60 ILE ILE A . n 
A 1 62  VAL 62  61  61 VAL VAL A . n 
A 1 63  LYS 63  62  62 LYS LYS A . n 
A 1 64  VAL 64  63  63 VAL VAL A . n 
A 1 65  GLY 65  64  64 GLY GLY A . n 
A 1 66  TYR 66  65  65 TYR TYR A . n 
A 1 67  ILE 67  66  66 ILE ILE A . n 
A 1 68  LYS 68  67  67 LYS LYS A . n 
A 1 69  ARG 69  68  68 ARG ARG A . n 
A 1 70  SER 70  69  69 SER SER A . n 
A 1 71  GLY 71  70  70 GLY GLY A . n 
A 1 72  ILE 72  71  71 ILE ILE A . n 
A 1 73  LEU 73  72  72 LEU LEU A . n 
A 1 74  SER 74  73  73 SER SER A . n 
A 1 75  GLY 75  74  74 GLY GLY A . n 
A 1 76  GLY 76  75  75 GLY GLY A . n 
A 1 77  TYR 77  76  76 TYR TYR A . n 
A 1 78  ASP 78  77  77 ASP ASP A . n 
A 1 79  ILE 79  78  78 ILE ILE A . n 
A 1 80  CYS 80  79  79 CYS CYS A . n 
A 1 81  GLU 81  80  80 GLU GLU A . n 
A 1 82  TRP 82  81  81 TRP TRP A . n 
A 1 83  ALA 83  82  82 ALA ALA A . n 
A 1 84  THR 84  83  83 THR THR A . n 
A 1 85  ARG 85  84  84 ARG ARG A . n 
A 1 86  ASN 86  85  85 ASN ASN A . n 
A 1 87  TRP 87  86  86 TRP TRP A . n 
A 1 88  VAL 88  87  87 VAL VAL A . n 
A 1 89  ALA 89  88  88 ALA ALA A . n 
A 1 90  GLU 90  89  89 GLU GLU A . n 
A 1 91  HIS 91  90  90 HIS HIS A . n 
A 1 92  CYS 92  91  91 CYS CYS A . n 
A 1 93  PRO 93  92  92 PRO PRO A . n 
A 1 94  GLU 94  93  93 GLU GLU A . n 
A 1 95  TRP 95  94  94 TRP TRP A . n 
A 1 96  THR 96  95  95 THR THR A . n 
A 1 97  GLU 97  96  96 GLU GLU A . n 
A 1 98  GLY 98  97  ?  ?   ?   A . n 
A 1 99  GLN 99  98  ?  ?   ?   A . n 
A 1 100 PRO 100 99  ?  ?   ?   A . n 
A 1 101 ILE 101 100 ?  ?   ?   A . n 
A 1 102 ILE 102 101 ?  ?   ?   A . n 
A 1 103 LEU 103 102 ?  ?   ?   A . n 
A 1 104 ASN 104 103 ?  ?   ?   A . n 
A 1 105 GLU 105 104 ?  ?   ?   A . n 
A 1 106 GLU 106 105 ?  ?   ?   A . n 
A 1 107 GLY 107 106 ?  ?   ?   A . n 
A 1 108 ASP 108 107 ?  ?   ?   A . n 
A 1 109 PHE 109 108 ?  ?   ?   A . n 
A 1 110 THR 110 109 ?  ?   ?   A . n 
A 1 111 LEU 111 110 ?  ?   ?   A . n 
A 1 112 GLY 112 111 ?  ?   ?   A . n 
A 1 113 PRO 113 112 ?  ?   ?   A . n 
A 1 114 LEU 114 113 ?  ?   ?   A . n 
A 1 115 PRO 115 114 ?  ?   ?   A . n 
A 1 116 GLU 116 115 ?  ?   ?   A . n 
# 
loop_
_pdbx_nonpoly_scheme.asym_id 
_pdbx_nonpoly_scheme.entity_id 
_pdbx_nonpoly_scheme.mon_id 
_pdbx_nonpoly_scheme.ndb_seq_num 
_pdbx_nonpoly_scheme.pdb_seq_num 
_pdbx_nonpoly_scheme.auth_seq_num 
_pdbx_nonpoly_scheme.pdb_mon_id 
_pdbx_nonpoly_scheme.auth_mon_id 
_pdbx_nonpoly_scheme.pdb_strand_id 
_pdbx_nonpoly_scheme.pdb_ins_code 
B 2 CL  1  116 1  CL  CL  A . 
C 3 IMD 1  117 2  IMD IMD A . 
D 4 EDO 1  118 3  EDO EDO A . 
E 4 EDO 1  119 4  EDO EDO A . 
F 4 EDO 1  120 5  EDO EDO A . 
G 5 1PE 1  121 6  1PE 1PE A . 
H 5 1PE 1  122 7  1PE 1PE A . 
I 6 HOH 1  123 8  HOH HOH A . 
I 6 HOH 2  124 9  HOH HOH A . 
I 6 HOH 3  125 10 HOH HOH A . 
I 6 HOH 4  126 11 HOH HOH A . 
I 6 HOH 5  127 12 HOH HOH A . 
I 6 HOH 6  128 13 HOH HOH A . 
I 6 HOH 7  129 14 HOH HOH A . 
I 6 HOH 8  130 15 HOH HOH A . 
I 6 HOH 9  131 16 HOH HOH A . 
I 6 HOH 10 132 17 HOH HOH A . 
I 6 HOH 11 133 18 HOH HOH A . 
I 6 HOH 12 134 19 HOH HOH A . 
I 6 HOH 13 135 20 HOH HOH A . 
I 6 HOH 14 136 21 HOH HOH A . 
I 6 HOH 15 137 22 HOH HOH A . 
I 6 HOH 16 138 23 HOH HOH A . 
I 6 HOH 17 139 24 HOH HOH A . 
I 6 HOH 18 140 25 HOH HOH A . 
I 6 HOH 19 141 26 HOH HOH A . 
I 6 HOH 20 142 27 HOH HOH A . 
I 6 HOH 21 143 28 HOH HOH A . 
I 6 HOH 22 144 29 HOH HOH A . 
I 6 HOH 23 145 30 HOH HOH A . 
I 6 HOH 24 146 31 HOH HOH A . 
I 6 HOH 25 147 32 HOH HOH A . 
I 6 HOH 26 148 33 HOH HOH A . 
I 6 HOH 27 149 34 HOH HOH A . 
I 6 HOH 28 150 35 HOH HOH A . 
I 6 HOH 29 151 36 HOH HOH A . 
I 6 HOH 30 152 37 HOH HOH A . 
I 6 HOH 31 153 38 HOH HOH A . 
I 6 HOH 32 154 39 HOH HOH A . 
I 6 HOH 33 155 40 HOH HOH A . 
I 6 HOH 34 156 41 HOH HOH A . 
I 6 HOH 35 157 42 HOH HOH A . 
I 6 HOH 36 158 43 HOH HOH A . 
I 6 HOH 37 159 44 HOH HOH A . 
I 6 HOH 38 160 45 HOH HOH A . 
I 6 HOH 39 161 46 HOH HOH A . 
I 6 HOH 40 162 47 HOH HOH A . 
I 6 HOH 41 163 48 HOH HOH A . 
I 6 HOH 42 164 49 HOH HOH A . 
I 6 HOH 43 165 50 HOH HOH A . 
I 6 HOH 44 166 51 HOH HOH A . 
I 6 HOH 45 167 52 HOH HOH A . 
I 6 HOH 46 168 53 HOH HOH A . 
I 6 HOH 47 169 54 HOH HOH A . 
I 6 HOH 48 170 55 HOH HOH A . 
I 6 HOH 49 171 56 HOH HOH A . 
I 6 HOH 50 172 57 HOH HOH A . 
I 6 HOH 51 173 58 HOH HOH A . 
I 6 HOH 52 174 59 HOH HOH A . 
I 6 HOH 53 175 60 HOH HOH A . 
I 6 HOH 54 176 61 HOH HOH A . 
I 6 HOH 55 177 62 HOH HOH A . 
I 6 HOH 56 178 63 HOH HOH A . 
I 6 HOH 57 179 64 HOH HOH A . 
I 6 HOH 58 180 65 HOH HOH A . 
I 6 HOH 59 181 66 HOH HOH A . 
I 6 HOH 60 182 67 HOH HOH A . 
I 6 HOH 61 183 68 HOH HOH A . 
I 6 HOH 62 184 69 HOH HOH A . 
I 6 HOH 63 185 70 HOH HOH A . 
I 6 HOH 64 186 71 HOH HOH A . 
I 6 HOH 65 187 72 HOH HOH A . 
I 6 HOH 66 188 73 HOH HOH A . 
I 6 HOH 67 189 74 HOH HOH A . 
I 6 HOH 68 190 75 HOH HOH A . 
I 6 HOH 69 191 76 HOH HOH A . 
I 6 HOH 70 192 77 HOH HOH A . 
I 6 HOH 71 193 78 HOH HOH A . 
I 6 HOH 72 194 79 HOH HOH A . 
I 6 HOH 73 195 80 HOH HOH A . 
I 6 HOH 74 196 81 HOH HOH A . 
I 6 HOH 75 197 82 HOH HOH A . 
I 6 HOH 76 198 83 HOH HOH A . 
I 6 HOH 77 199 84 HOH HOH A . 
# 
loop_
_pdbx_unobs_or_zero_occ_atoms.id 
_pdbx_unobs_or_zero_occ_atoms.PDB_model_num 
_pdbx_unobs_or_zero_occ_atoms.polymer_flag 
_pdbx_unobs_or_zero_occ_atoms.occupancy_flag 
_pdbx_unobs_or_zero_occ_atoms.auth_asym_id 
_pdbx_unobs_or_zero_occ_atoms.auth_comp_id 
_pdbx_unobs_or_zero_occ_atoms.auth_seq_id 
_pdbx_unobs_or_zero_occ_atoms.PDB_ins_code 
_pdbx_unobs_or_zero_occ_atoms.auth_atom_id 
_pdbx_unobs_or_zero_occ_atoms.label_alt_id 
_pdbx_unobs_or_zero_occ_atoms.label_asym_id 
_pdbx_unobs_or_zero_occ_atoms.label_comp_id 
_pdbx_unobs_or_zero_occ_atoms.label_seq_id 
_pdbx_unobs_or_zero_occ_atoms.label_atom_id 
1  1 Y 1 A GLU 8   ? CG  ? A GLU 9  CG  
2  1 Y 1 A GLU 8   ? CD  ? A GLU 9  CD  
3  1 Y 1 A GLU 8   ? OE1 ? A GLU 9  OE1 
4  1 Y 1 A GLU 8   ? OE2 ? A GLU 9  OE2 
5  1 Y 1 A GLU 17  ? CD  ? A GLU 18 CD  
6  1 Y 1 A GLU 17  ? OE1 ? A GLU 18 OE1 
7  1 Y 1 A GLU 17  ? OE2 ? A GLU 18 OE2 
8  1 Y 1 A LYS 20  ? CD  ? A LYS 21 CD  
9  1 Y 1 A LYS 20  ? CE  ? A LYS 21 CE  
10 1 Y 1 A LYS 20  ? NZ  ? A LYS 21 NZ  
11 1 Y 1 A LYS 21  ? CE  ? A LYS 22 CE  
12 1 Y 1 A LYS 21  ? NZ  ? A LYS 22 NZ  
13 1 Y 1 A GLU 89  ? CD  ? A GLU 90 CD  
14 1 Y 1 A GLU 89  ? OE1 ? A GLU 90 OE1 
15 1 Y 1 A GLU 89  ? OE2 ? A GLU 90 OE2 
16 1 N 1 A 1PE 122 ? OH2 ? H 1PE 1  OH2 
17 1 N 1 A 1PE 122 ? C12 ? H 1PE 1  C12 
18 1 N 1 A 1PE 122 ? C22 ? H 1PE 1  C22 
19 1 N 1 A 1PE 122 ? OH3 ? H 1PE 1  OH3 
20 1 N 1 A 1PE 122 ? C23 ? H 1PE 1  C23 
# 
loop_
_software.name 
_software.version 
_software.date 
_software.type 
_software.contact_author 
_software.contact_author_email 
_software.classification 
_software.location 
_software.language 
_software.citation_id 
_software.pdbx_ordinal 
MolProbity  3beta29   ?                package 'D.C. & J.S. Richardson lab' molprobity@kinemage.biochem.duke.edu 'model building'  
http://kinemage.biochem.duke.edu/molprobity/ ?          ? 1 
SOLVE       .         ?                package 'Tom Terwilliger'            terwilliger@LANL.gov                 phasing           
http://www.solve.lanl.gov/                   ?          ? 2 
REFMAC      5.2.0019  ?                program 'Murshudov, G.N.'            ccp4@dl.ac.uk                        refinement        
http://www.ccp4.ac.uk/main.html              Fortran_77 ? 3 
SCALA       .         ?                other   'Phil Evans'                 pre@mrc-lmb.cam.ac.uk                'data scaling'    
http://www.ccp4.ac.uk/dist/html/INDEX.html   Fortran_77 ? 4 
PDB_EXTRACT 2.000     'April. 3, 2006' package PDB                          sw-help@rcsb.rutgers.edu             'data extraction' 
http://pdb.rutgers.edu/software/             C++        ? 5 
MOSFLM      .         ?                ?       ?                            ?                                    'data reduction'  
?                                            ?          ? 6 
CCP4        '(SCALA)' ?                ?       ?                            ?                                    'data scaling'    
?                                            ?          ? 7 
# 
_cell.entry_id           2OD5 
_cell.length_a           64.406 
_cell.length_b           64.406 
_cell.length_c           133.246 
_cell.angle_alpha        90.000 
_cell.angle_beta         90.000 
_cell.angle_gamma        120.000 
_cell.pdbx_unique_axis   ? 
_cell.Z_PDB              12 
_cell.length_a_esd       ? 
_cell.length_b_esd       ? 
_cell.length_c_esd       ? 
_cell.angle_alpha_esd    ? 
_cell.angle_beta_esd     ? 
_cell.angle_gamma_esd    ? 
# 
_symmetry.entry_id                         2OD5 
_symmetry.Int_Tables_number                180 
_symmetry.space_group_name_H-M             'P 62 2 2' 
_symmetry.pdbx_full_space_group_name_H-M   ? 
_symmetry.cell_setting                     ? 
_symmetry.space_group_name_Hall            ? 
# 
_exptl.crystals_number   1 
_exptl.method            'X-RAY DIFFRACTION' 
_exptl.entry_id          2OD5 
# 
_exptl_crystal.id                    1 
_exptl_crystal.density_Matthews      3.02 
_exptl_crystal.density_meas          ? 
_exptl_crystal.density_percent_sol   59.33 
_exptl_crystal.description           ? 
_exptl_crystal.F_000                 ? 
_exptl_crystal.preparation           ? 
# 
_exptl_crystal_grow.crystal_id      1 
_exptl_crystal_grow.method          'VAPOR DIFFUSION, SITTING DROP, NANODROP' 
_exptl_crystal_grow.pH              7.0 
_exptl_crystal_grow.temp            277 
_exptl_crystal_grow.pdbx_details    
'1.0M LiCl, 20.0% PEG-6000, 0.1M HEPES pH 7.0, VAPOR DIFFUSION, SITTING DROP, NANODROP, temperature 277K' 
_exptl_crystal_grow.temp_details    ? 
_exptl_crystal_grow.pdbx_pH_range   . 
# 
_diffrn.id                     1 
_diffrn.ambient_temp           100 
_diffrn.ambient_temp_details   ? 
_diffrn.crystal_id             1 
# 
_diffrn_detector.diffrn_id              1 
_diffrn_detector.detector               CCD 
_diffrn_detector.type                   'MARMOSAIC 325 mm CCD' 
_diffrn_detector.details                'Flat mirror (vertical focusing)' 
_diffrn_detector.pdbx_collection_date   2006-11-19 
# 
_diffrn_radiation.diffrn_id                        1 
_diffrn_radiation.pdbx_monochromatic_or_laue_m_l   M 
_diffrn_radiation.monochromator                    'Single crystal Si(111) bent monochromator (horizontal focusing)' 
_diffrn_radiation.pdbx_diffrn_protocol             MAD 
_diffrn_radiation.wavelength_id                    1 
_diffrn_radiation.pdbx_scattering_type             x-ray 
# 
loop_
_diffrn_radiation_wavelength.id 
_diffrn_radiation_wavelength.wavelength 
_diffrn_radiation_wavelength.wt 
1 0.91837 1.0 
2 0.97971 1.0 
# 
_diffrn_source.diffrn_id                   1 
_diffrn_source.source                      SYNCHROTRON 
_diffrn_source.pdbx_synchrotron_beamline   BL11-1 
_diffrn_source.type                        'SSRL BEAMLINE BL11-1' 
_diffrn_source.pdbx_wavelength_list        '0.91837, 0.97971' 
_diffrn_source.pdbx_wavelength             ? 
_diffrn_source.pdbx_synchrotron_site       SSRL 
# 
_reflns.entry_id                     2OD5 
_reflns.d_resolution_high            1.600 
_reflns.d_resolution_low             28.989 
_reflns.number_obs                   16175 
_reflns.pdbx_Rmerge_I_obs            0.137 
_reflns.pdbx_netI_over_sigmaI        3.900 
_reflns.pdbx_Rsym_value              0.137 
_reflns.pdbx_redundancy              13.600 
_reflns.percent_possible_obs         100.000 
_reflns.observed_criterion_sigma_F   ? 
_reflns.observed_criterion_sigma_I   ? 
_reflns.number_all                   ? 
_reflns.B_iso_Wilson_estimate        ? 
_reflns.R_free_details               ? 
_reflns.limit_h_max                  ? 
_reflns.limit_h_min                  ? 
_reflns.limit_k_max                  ? 
_reflns.limit_k_min                  ? 
_reflns.limit_l_max                  ? 
_reflns.limit_l_min                  ? 
_reflns.observed_criterion_F_max     ? 
_reflns.observed_criterion_F_min     ? 
_reflns.pdbx_chi_squared             ? 
_reflns.pdbx_scaling_rejects         ? 
_reflns.pdbx_ordinal                 1 
_reflns.pdbx_diffrn_id               1 
# 
loop_
_reflns_shell.d_res_high 
_reflns_shell.d_res_low 
_reflns_shell.number_measured_obs 
_reflns_shell.number_measured_all 
_reflns_shell.number_unique_obs 
_reflns_shell.Rmerge_I_obs 
_reflns_shell.meanI_over_sigI_obs 
_reflns_shell.pdbx_Rsym_value 
_reflns_shell.pdbx_chi_squared 
_reflns_shell.pdbx_redundancy 
_reflns_shell.percent_possible_obs 
_reflns_shell.number_unique_all 
_reflns_shell.percent_possible_all 
_reflns_shell.pdbx_ordinal 
_reflns_shell.pdbx_diffrn_id 
1.79 1.84  ? 16140 ? 0.017 0.4 1.674 ? 14.00 ? 1154 100.00 1  1 
1.84 1.89  ? 15691 ? 0.017 0.6 1.244 ? 13.90 ? 1125 100.00 2  1 
1.89 1.94  ? 15447 ? 0.017 0.7 1.042 ? 13.90 ? 1108 100.00 3  1 
1.94 2.00  ? 15054 ? 0.017 1.1 0.669 ? 13.90 ? 1082 100.00 4  1 
2.00 2.07  ? 14414 ? 0.017 1.4 0.498 ? 14.00 ? 1033 100.00 5  1 
2.07 2.14  ? 14245 ? 0.017 2.0 0.379 ? 14.00 ? 1021 100.00 6  1 
2.14 2.22  ? 13472 ? 0.017 2.2 0.337 ? 13.90 ? 970  100.00 7  1 
2.22 2.31  ? 13064 ? 0.017 2.5 0.302 ? 13.80 ? 945  100.00 8  1 
2.31 2.41  ? 12493 ? 0.017 3.3 0.228 ? 13.90 ? 902  100.00 9  1 
2.41 2.53  ? 12024 ? 0.017 3.8 0.194 ? 13.70 ? 876  100.00 10 1 
2.53 2.67  ? 11483 ? 0.017 4.5 0.163 ? 13.70 ? 836  100.00 11 1 
2.67 2.83  ? 10691 ? 0.017 5.0 0.139 ? 13.70 ? 781  100.00 12 1 
2.83 3.03  ? 10195 ? 0.017 5.6 0.121 ? 13.50 ? 755  100.00 13 1 
3.03 3.27  ? 9493  ? 0.017 6.6 0.099 ? 13.40 ? 711  100.00 14 1 
3.27 3.58  ? 8664  ? 0.017 6.9 0.088 ? 13.30 ? 652  100.00 15 1 
3.58 4.00  ? 7927  ? 0.017 7.1 0.077 ? 13.10 ? 604  100.00 16 1 
4.00 4.62  ? 6911  ? 0.017 8.0 0.073 ? 12.80 ? 538  100.00 17 1 
4.62 5.66  ? 5822  ? 0.017 8.3 0.069 ? 12.60 ? 463  100.00 18 1 
5.66 8.01  ? 4564  ? 0.017 7.8 0.071 ? 11.90 ? 384  100.00 19 1 
8.01 28.99 ? 2314  ? 0.017 9.9 0.057 ? 9.80  ? 235  97.50  20 1 
# 
_refine.entry_id                                 2OD5 
_refine.ls_d_res_high                            1.790 
_refine.ls_d_res_low                             28.989 
_refine.pdbx_ls_sigma_F                          0.00 
_refine.ls_percent_reflns_obs                    99.930 
_refine.ls_number_reflns_obs                     16127 
_refine.pdbx_ls_cross_valid_method               THROUGHOUT 
_refine.pdbx_R_Free_selection_details            RANDOM 
_refine.details                                  
;1. HYDROGENS HAVE BEEN ADDED IN THE RIDING POSITIONS.
 2. A MET-INHIBITION PROTOCOL WAS USED FOR SELENOMETHIONINE
 INCORPORATION DURING PROTEIN EXPRESSION. THE OCCUPANCY
 OF THE SE ATOMS IN THE MSE RESIDUES WAS REDUCED TO 0.75
 FOR THE REDUCED SCATTERING POWER DUE TO PARTIAL S-MET INCORPORATION.
 4. EDO MOLECULES FROM THE CRYO SOLUTION ARE MODELED.
 5. PEG6000 FRAGMENTS (1PE) FROM CRYSTALLIZATION SOLUTION ARE MODELED.
 6. ATOM RECORDS CONTAIN RESIDUAL B FACTORS ONLY.
;
_refine.ls_R_factor_all                          ? 
_refine.ls_R_factor_R_work                       0.189 
_refine.ls_R_factor_R_free                       0.213 
_refine.ls_percent_reflns_R_free                 5.000 
_refine.ls_number_reflns_R_free                  809 
_refine.B_iso_mean                               31.725 
_refine.aniso_B[1][1]                            -0.020 
_refine.aniso_B[2][2]                            -0.020 
_refine.aniso_B[3][3]                            0.030 
_refine.aniso_B[1][2]                            -0.010 
_refine.aniso_B[1][3]                            0.000 
_refine.aniso_B[2][3]                            0.000 
_refine.correlation_coeff_Fo_to_Fc               0.957 
_refine.correlation_coeff_Fo_to_Fc_free          0.948 
_refine.pdbx_overall_ESU_R                       0.094 
_refine.pdbx_overall_ESU_R_Free                  0.093 
_refine.overall_SU_ML                            0.062 
_refine.overall_SU_B                             3.899 
_refine.solvent_model_details                    'BABINET MODEL WITH MASK' 
_refine.pdbx_solvent_vdw_probe_radii             1.200 
_refine.pdbx_solvent_ion_probe_radii             0.800 
_refine.pdbx_solvent_shrinkage_radii             0.800 
_refine.pdbx_method_to_determine_struct          MAD 
_refine.pdbx_stereochemistry_target_values       'MAXIMUM LIKELIHOOD WITH PHASES' 
_refine.pdbx_ls_sigma_I                          ? 
_refine.ls_number_reflns_all                     ? 
_refine.ls_R_factor_obs                          0.19 
_refine.ls_redundancy_reflns_obs                 ? 
_refine.pdbx_data_cutoff_high_absF               ? 
_refine.pdbx_data_cutoff_low_absF                ? 
_refine.ls_number_parameters                     ? 
_refine.ls_number_restraints                     ? 
_refine.ls_R_factor_R_free_error                 ? 
_refine.ls_R_factor_R_free_error_details         ? 
_refine.pdbx_starting_model                      ? 
_refine.pdbx_stereochem_target_val_spec_case     ? 
_refine.solvent_model_param_bsol                 ? 
_refine.solvent_model_param_ksol                 ? 
_refine.occupancy_max                            ? 
_refine.occupancy_min                            ? 
_refine.pdbx_isotropic_thermal_model             ? 
_refine.B_iso_min                                ? 
_refine.B_iso_max                                ? 
_refine.overall_SU_R_Cruickshank_DPI             ? 
_refine.overall_SU_R_free                        ? 
_refine.pdbx_data_cutoff_high_rms_absF           ? 
_refine.ls_wR_factor_R_free                      ? 
_refine.ls_wR_factor_R_work                      ? 
_refine.overall_FOM_free_R_set                   ? 
_refine.overall_FOM_work_R_set                   ? 
_refine.pdbx_refine_id                           'X-RAY DIFFRACTION' 
_refine.pdbx_TLS_residual_ADP_flag               'LIKELY RESIDUAL' 
_refine.pdbx_diffrn_id                           1 
_refine.pdbx_overall_phase_error                 ? 
_refine.pdbx_overall_SU_R_free_Cruickshank_DPI   ? 
_refine.pdbx_overall_SU_R_Blow_DPI               ? 
_refine.pdbx_overall_SU_R_free_Blow_DPI          ? 
# 
_refine_hist.pdbx_refine_id                   'X-RAY DIFFRACTION' 
_refine_hist.cycle_id                         LAST 
_refine_hist.pdbx_number_atoms_protein        720 
_refine_hist.pdbx_number_atoms_nucleic_acid   0 
_refine_hist.pdbx_number_atoms_ligand         45 
_refine_hist.number_atoms_solvent             77 
_refine_hist.number_atoms_total               842 
_refine_hist.d_res_high                       1.790 
_refine_hist.d_res_low                        28.989 
# 
loop_
_refine_ls_restr.type 
_refine_ls_restr.number 
_refine_ls_restr.dev_ideal 
_refine_ls_restr.dev_ideal_target 
_refine_ls_restr.weight 
_refine_ls_restr.pdbx_refine_id 
_refine_ls_restr.pdbx_restraint_function 
r_bond_refined_d         812  0.013  0.021  ? 'X-RAY DIFFRACTION' ? 
r_bond_other_d           599  0.002  0.020  ? 'X-RAY DIFFRACTION' ? 
r_angle_refined_deg      1088 1.418  1.967  ? 'X-RAY DIFFRACTION' ? 
r_angle_other_deg        1450 0.954  3.000  ? 'X-RAY DIFFRACTION' ? 
r_dihedral_angle_1_deg   103  5.664  5.000  ? 'X-RAY DIFFRACTION' ? 
r_dihedral_angle_2_deg   34   34.394 22.941 ? 'X-RAY DIFFRACTION' ? 
r_dihedral_angle_3_deg   145  12.595 15.000 ? 'X-RAY DIFFRACTION' ? 
r_dihedral_angle_4_deg   7    4.303  15.000 ? 'X-RAY DIFFRACTION' ? 
r_chiral_restr           118  0.093  0.200  ? 'X-RAY DIFFRACTION' ? 
r_gen_planes_refined     868  0.006  0.020  ? 'X-RAY DIFFRACTION' ? 
r_gen_planes_other       166  0.002  0.020  ? 'X-RAY DIFFRACTION' ? 
r_nbd_refined            196  0.227  0.200  ? 'X-RAY DIFFRACTION' ? 
r_nbd_other              597  0.198  0.200  ? 'X-RAY DIFFRACTION' ? 
r_nbtor_refined          385  0.181  0.200  ? 'X-RAY DIFFRACTION' ? 
r_nbtor_other            454  0.087  0.200  ? 'X-RAY DIFFRACTION' ? 
r_xyhbond_nbd_refined    40   0.148  0.200  ? 'X-RAY DIFFRACTION' ? 
r_symmetry_vdw_refined   31   0.253  0.200  ? 'X-RAY DIFFRACTION' ? 
r_symmetry_vdw_other     111  0.309  0.200  ? 'X-RAY DIFFRACTION' ? 
r_symmetry_hbond_refined 16   0.235  0.200  ? 'X-RAY DIFFRACTION' ? 
r_mcbond_it              508  2.378  3.000  ? 'X-RAY DIFFRACTION' ? 
r_mcbond_other           193  0.529  3.000  ? 'X-RAY DIFFRACTION' ? 
r_mcangle_it             770  3.437  5.000  ? 'X-RAY DIFFRACTION' ? 
r_scbond_it              378  5.253  8.000  ? 'X-RAY DIFFRACTION' ? 
r_scangle_it             311  6.743  11.000 ? 'X-RAY DIFFRACTION' ? 
# 
_refine_ls_shell.d_res_high                       1.790 
_refine_ls_shell.d_res_low                        1.836 
_refine_ls_shell.pdbx_total_number_of_bins_used   20 
_refine_ls_shell.percent_reflns_obs               99.910 
_refine_ls_shell.number_reflns_R_work             1089 
_refine_ls_shell.R_factor_all                     ? 
_refine_ls_shell.R_factor_R_work                  0.258 
_refine_ls_shell.R_factor_R_free                  0.293 
_refine_ls_shell.percent_reflns_R_free            ? 
_refine_ls_shell.number_reflns_R_free             60 
_refine_ls_shell.R_factor_R_free_error            ? 
_refine_ls_shell.number_reflns_all                ? 
_refine_ls_shell.number_reflns_obs                1149 
_refine_ls_shell.redundancy_reflns_obs            ? 
_refine_ls_shell.pdbx_refine_id                   'X-RAY DIFFRACTION' 
# 
_struct.entry_id                  2OD5 
_struct.title                     
;CRYSTAL STRUCTURE OF A PUTATIVE NUCLEIC ACID BINDING PROTEIN (JCVI_PEP_1096688149193) FROM UNCULTURED MARINE ORGANISM AT 1.79 A RESOLUTION
;
_struct.pdbx_model_details        ? 
_struct.pdbx_CASP_flag            ? 
_struct.pdbx_model_type_details   ? 
# 
_struct_keywords.text            
;METAGENOMICS, STRUCTURAL GENOMICS, JOINT CENTER FOR STRUCTURAL GENOMICS, JCSG, PROTEIN STRUCTURE INITIATIVE, PSI-2, DNA BINDING PROTEIN
;
_struct_keywords.pdbx_keywords   'DNA BINDING PROTEIN' 
_struct_keywords.entry_id        2OD5 
# 
loop_
_struct_asym.id 
_struct_asym.pdbx_blank_PDB_chainid_flag 
_struct_asym.pdbx_modified 
_struct_asym.entity_id 
_struct_asym.details 
A N N 1 ? 
B N N 2 ? 
C N N 3 ? 
D N N 4 ? 
E N N 4 ? 
F N N 4 ? 
G N N 5 ? 
H N N 5 ? 
I N N 6 ? 
# 
_struct_ref.id                         1 
_struct_ref.entity_id                  1 
_struct_ref.db_name                    PDB 
_struct_ref.db_code                    2OD5 
_struct_ref.pdbx_db_accession          2OD5 
_struct_ref.pdbx_db_isoform            ? 
_struct_ref.pdbx_seq_one_letter_code   ? 
_struct_ref.pdbx_align_begin           ? 
# 
_struct_ref_seq.align_id                      1 
_struct_ref_seq.ref_id                        1 
_struct_ref_seq.pdbx_PDB_id_code              2OD5 
_struct_ref_seq.pdbx_strand_id                A 
_struct_ref_seq.seq_align_beg                 1 
_struct_ref_seq.pdbx_seq_align_beg_ins_code   ? 
_struct_ref_seq.seq_align_end                 116 
_struct_ref_seq.pdbx_seq_align_end_ins_code   ? 
_struct_ref_seq.pdbx_db_accession             2OD5 
_struct_ref_seq.db_align_beg                  0 
_struct_ref_seq.pdbx_db_align_beg_ins_code    ? 
_struct_ref_seq.db_align_end                  115 
_struct_ref_seq.pdbx_db_align_end_ins_code    ? 
_struct_ref_seq.pdbx_auth_seq_align_beg       0 
_struct_ref_seq.pdbx_auth_seq_align_end       115 
# 
loop_
_pdbx_struct_assembly.id 
_pdbx_struct_assembly.details 
_pdbx_struct_assembly.method_details 
_pdbx_struct_assembly.oligomeric_details 
_pdbx_struct_assembly.oligomeric_count 
1 author_defined_assembly   ?        monomeric  1 
2 software_defined_assembly PISA,PQS tetrameric 4 
# 
loop_
_pdbx_struct_assembly_prop.biol_id 
_pdbx_struct_assembly_prop.type 
_pdbx_struct_assembly_prop.value 
_pdbx_struct_assembly_prop.details 
2 'ABSA (A^2)' 10650 ? 
2 MORE         -56   ? 
2 'SSA (A^2)'  20080 ? 
# 
loop_
_pdbx_struct_assembly_gen.assembly_id 
_pdbx_struct_assembly_gen.oper_expression 
_pdbx_struct_assembly_gen.asym_id_list 
1 1       A,B,C,D,E,F,G,H,I 
2 1,2,3,4 A,B,C,D,E,F,G,H,I 
# 
loop_
_pdbx_struct_assembly_auth_evidence.id 
_pdbx_struct_assembly_auth_evidence.assembly_id 
_pdbx_struct_assembly_auth_evidence.experimental_support 
_pdbx_struct_assembly_auth_evidence.details 
1 1 'gel filtration'   ? 
2 1 'light scattering' ? 
# 
loop_
_pdbx_struct_oper_list.id 
_pdbx_struct_oper_list.type 
_pdbx_struct_oper_list.name 
_pdbx_struct_oper_list.symmetry_operation 
_pdbx_struct_oper_list.matrix[1][1] 
_pdbx_struct_oper_list.matrix[1][2] 
_pdbx_struct_oper_list.matrix[1][3] 
_pdbx_struct_oper_list.vector[1] 
_pdbx_struct_oper_list.matrix[2][1] 
_pdbx_struct_oper_list.matrix[2][2] 
_pdbx_struct_oper_list.matrix[2][3] 
_pdbx_struct_oper_list.vector[2] 
_pdbx_struct_oper_list.matrix[3][1] 
_pdbx_struct_oper_list.matrix[3][2] 
_pdbx_struct_oper_list.matrix[3][3] 
_pdbx_struct_oper_list.vector[3] 
1 'identity operation'         1_555  x,y,z       1.0000000000  0.0000000000  0.0000000000  0.0000000000  0.0000000000  1.0000000000  0.0000000000  0.0000000000  0.0000000000  0.0000000000  1.0000000000  0.0000000000   
2 'crystal symmetry operation' 4_655  -x+1,-y,z   -0.9708206118 -0.0844469089 0.2244461167  20.0794944995 -0.0844469089 -0.7556055537 -0.6495605952 23.1668511581 0.2244461167  -0.6495605952 0.7264261654  6.1059715570   
3 'crystal symmetry operation' 8_555  x-y,-y,-z   -0.7786290027 0.5962352877  0.1955514197  8.0145631233  0.5962352877  0.6058856975  0.5266934623  3.7402449389  0.1955514197  0.5266934623  -0.8272566947 -20.4767516098 
4 'crystal symmetry operation' 11_655 -x+y+1,y,-z 0.7494496145  -0.5117883788 -0.4199975365 7.3870119192  -0.5117883788 -0.8502801438 0.1228671329  32.9647871918 -0.4199975365 0.1228671329  -0.8991694707 -9.3995547540 
# 
_struct_biol.id                    1 
_struct_biol.details               
;ASSINMENT OF A TETRAMER AS BIOMOLECULE IS SUPPORTED BY
EBI/PISA ANALYSIS. HOWEVER, SIZE EXCLUSION CHROMATOGRAPHY
WITH STATIC LIGHT SCATTERING SUPPORTS THE ASSIGNMENT OF A 
MONOMER AS A SIGNIFICANT OLIGOMERIZATION STATE IN SOLUTION.
;
_struct_biol.pdbx_parent_biol_id   ? 
# 
loop_
_struct_conf.conf_type_id 
_struct_conf.id 
_struct_conf.pdbx_PDB_helix_id 
_struct_conf.beg_label_comp_id 
_struct_conf.beg_label_asym_id 
_struct_conf.beg_label_seq_id 
_struct_conf.pdbx_beg_PDB_ins_code 
_struct_conf.end_label_comp_id 
_struct_conf.end_label_asym_id 
_struct_conf.end_label_seq_id 
_struct_conf.pdbx_end_PDB_ins_code 
_struct_conf.beg_auth_comp_id 
_struct_conf.beg_auth_asym_id 
_struct_conf.beg_auth_seq_id 
_struct_conf.end_auth_comp_id 
_struct_conf.end_auth_asym_id 
_struct_conf.end_auth_seq_id 
_struct_conf.pdbx_PDB_helix_class 
_struct_conf.details 
_struct_conf.pdbx_PDB_helix_length 
HELX_P HELX_P1 1 THR A 8  ? LEU A 24 ? THR A 7  LEU A 23 1 ? 17 
HELX_P HELX_P2 2 THR A 31 ? SER A 40 ? THR A 30 SER A 39 1 ? 10 
HELX_P HELX_P3 3 THR A 47 ? ASP A 58 ? THR A 46 ASP A 57 1 ? 12 
HELX_P HELX_P4 4 ARG A 85 ? CYS A 92 ? ARG A 84 CYS A 91 1 ? 8  
# 
_struct_conf_type.id          HELX_P 
_struct_conf_type.criteria    ? 
_struct_conf_type.reference   ? 
# 
loop_
_struct_conn.id 
_struct_conn.conn_type_id 
_struct_conn.pdbx_leaving_atom_flag 
_struct_conn.pdbx_PDB_id 
_struct_conn.ptnr1_label_asym_id 
_struct_conn.ptnr1_label_comp_id 
_struct_conn.ptnr1_label_seq_id 
_struct_conn.ptnr1_label_atom_id 
_struct_conn.pdbx_ptnr1_label_alt_id 
_struct_conn.pdbx_ptnr1_PDB_ins_code 
_struct_conn.pdbx_ptnr1_standard_comp_id 
_struct_conn.ptnr1_symmetry 
_struct_conn.ptnr2_label_asym_id 
_struct_conn.ptnr2_label_comp_id 
_struct_conn.ptnr2_label_seq_id 
_struct_conn.ptnr2_label_atom_id 
_struct_conn.pdbx_ptnr2_label_alt_id 
_struct_conn.pdbx_ptnr2_PDB_ins_code 
_struct_conn.ptnr1_auth_asym_id 
_struct_conn.ptnr1_auth_comp_id 
_struct_conn.ptnr1_auth_seq_id 
_struct_conn.ptnr2_auth_asym_id 
_struct_conn.ptnr2_auth_comp_id 
_struct_conn.ptnr2_auth_seq_id 
_struct_conn.ptnr2_symmetry 
_struct_conn.pdbx_ptnr3_label_atom_id 
_struct_conn.pdbx_ptnr3_label_seq_id 
_struct_conn.pdbx_ptnr3_label_comp_id 
_struct_conn.pdbx_ptnr3_label_asym_id 
_struct_conn.pdbx_ptnr3_label_alt_id 
_struct_conn.pdbx_ptnr3_PDB_ins_code 
_struct_conn.details 
_struct_conn.pdbx_dist_value 
_struct_conn.pdbx_value_order 
_struct_conn.pdbx_role 
covale1 covale both ? A SER 10 C ? ? ? 1_555 A MSE 11 N ? ? A SER 9  A MSE 10 1_555 ? ? ? ? ? ? ? 1.331 ? ? 
covale2 covale both ? A MSE 11 C ? ? ? 1_555 A LYS 12 N ? ? A MSE 10 A LYS 11 1_555 ? ? ? ? ? ? ? 1.330 ? ? 
covale3 covale both ? A THR 41 C ? ? ? 1_555 A MSE 42 N ? ? A THR 40 A MSE 41 1_555 ? ? ? ? ? ? ? 1.330 ? ? 
covale4 covale both ? A MSE 42 C ? ? ? 1_555 A ARG 43 N ? ? A MSE 41 A ARG 42 1_555 ? ? ? ? ? ? ? 1.324 ? ? 
# 
_struct_conn_type.id          covale 
_struct_conn_type.criteria    ? 
_struct_conn_type.reference   ? 
# 
loop_
_pdbx_modification_feature.ordinal 
_pdbx_modification_feature.label_comp_id 
_pdbx_modification_feature.label_asym_id 
_pdbx_modification_feature.label_seq_id 
_pdbx_modification_feature.label_alt_id 
_pdbx_modification_feature.modified_residue_label_comp_id 
_pdbx_modification_feature.modified_residue_label_asym_id 
_pdbx_modification_feature.modified_residue_label_seq_id 
_pdbx_modification_feature.modified_residue_label_alt_id 
_pdbx_modification_feature.auth_comp_id 
_pdbx_modification_feature.auth_asym_id 
_pdbx_modification_feature.auth_seq_id 
_pdbx_modification_feature.PDB_ins_code 
_pdbx_modification_feature.symmetry 
_pdbx_modification_feature.modified_residue_auth_comp_id 
_pdbx_modification_feature.modified_residue_auth_asym_id 
_pdbx_modification_feature.modified_residue_auth_seq_id 
_pdbx_modification_feature.modified_residue_PDB_ins_code 
_pdbx_modification_feature.modified_residue_symmetry 
_pdbx_modification_feature.comp_id_linking_atom 
_pdbx_modification_feature.modified_residue_id_linking_atom 
_pdbx_modification_feature.modified_residue_id 
_pdbx_modification_feature.ref_pcm_id 
_pdbx_modification_feature.ref_comp_id 
_pdbx_modification_feature.type 
_pdbx_modification_feature.category 
1 MSE A 11 ? . . . . MSE A 10 ? 1_555 . . . . . . . MET 1 MSE Selenomethionine 'Named protein modification' 
2 MSE A 42 ? . . . . MSE A 41 ? 1_555 . . . . . . . MET 1 MSE Selenomethionine 'Named protein modification' 
# 
_struct_sheet.id               A 
_struct_sheet.type             ? 
_struct_sheet.number_strands   3 
_struct_sheet.details          ? 
# 
loop_
_struct_sheet_order.sheet_id 
_struct_sheet_order.range_id_1 
_struct_sheet_order.range_id_2 
_struct_sheet_order.offset 
_struct_sheet_order.sense 
A 1 2 ? anti-parallel 
A 2 3 ? anti-parallel 
# 
loop_
_struct_sheet_range.sheet_id 
_struct_sheet_range.id 
_struct_sheet_range.beg_label_comp_id 
_struct_sheet_range.beg_label_asym_id 
_struct_sheet_range.beg_label_seq_id 
_struct_sheet_range.pdbx_beg_PDB_ins_code 
_struct_sheet_range.end_label_comp_id 
_struct_sheet_range.end_label_asym_id 
_struct_sheet_range.end_label_seq_id 
_struct_sheet_range.pdbx_end_PDB_ins_code 
_struct_sheet_range.beg_auth_comp_id 
_struct_sheet_range.beg_auth_asym_id 
_struct_sheet_range.beg_auth_seq_id 
_struct_sheet_range.end_auth_comp_id 
_struct_sheet_range.end_auth_asym_id 
_struct_sheet_range.end_auth_seq_id 
A 1 ARG A 29 ? ASN A 30 ? ARG A 28 ASN A 29 
A 2 GLY A 75 ? THR A 84 ? GLY A 74 THR A 83 
A 3 ILE A 61 ? GLY A 71 ? ILE A 60 GLY A 70 
# 
loop_
_pdbx_struct_sheet_hbond.sheet_id 
_pdbx_struct_sheet_hbond.range_id_1 
_pdbx_struct_sheet_hbond.range_id_2 
_pdbx_struct_sheet_hbond.range_1_label_atom_id 
_pdbx_struct_sheet_hbond.range_1_label_comp_id 
_pdbx_struct_sheet_hbond.range_1_label_asym_id 
_pdbx_struct_sheet_hbond.range_1_label_seq_id 
_pdbx_struct_sheet_hbond.range_1_PDB_ins_code 
_pdbx_struct_sheet_hbond.range_1_auth_atom_id 
_pdbx_struct_sheet_hbond.range_1_auth_comp_id 
_pdbx_struct_sheet_hbond.range_1_auth_asym_id 
_pdbx_struct_sheet_hbond.range_1_auth_seq_id 
_pdbx_struct_sheet_hbond.range_2_label_atom_id 
_pdbx_struct_sheet_hbond.range_2_label_comp_id 
_pdbx_struct_sheet_hbond.range_2_label_asym_id 
_pdbx_struct_sheet_hbond.range_2_label_seq_id 
_pdbx_struct_sheet_hbond.range_2_PDB_ins_code 
_pdbx_struct_sheet_hbond.range_2_auth_atom_id 
_pdbx_struct_sheet_hbond.range_2_auth_comp_id 
_pdbx_struct_sheet_hbond.range_2_auth_asym_id 
_pdbx_struct_sheet_hbond.range_2_auth_seq_id 
A 1 2 N ARG A 29 ? N ARG A 28 O TRP A 82 ? O TRP A 81 
A 2 3 O TYR A 77 ? O TYR A 76 N ARG A 69 ? N ARG A 68 
# 
loop_
_struct_site.id 
_struct_site.pdbx_evidence_code 
_struct_site.pdbx_auth_asym_id 
_struct_site.pdbx_auth_comp_id 
_struct_site.pdbx_auth_seq_id 
_struct_site.pdbx_auth_ins_code 
_struct_site.pdbx_num_residues 
_struct_site.details 
AC1 Software A CL  116 ? 3  'BINDING SITE FOR RESIDUE CL A 116'  
AC2 Software A IMD 117 ? 7  'BINDING SITE FOR RESIDUE IMD A 117' 
AC3 Software A EDO 118 ? 6  'BINDING SITE FOR RESIDUE EDO A 118' 
AC4 Software A EDO 119 ? 4  'BINDING SITE FOR RESIDUE EDO A 119' 
AC5 Software A EDO 120 ? 5  'BINDING SITE FOR RESIDUE EDO A 120' 
AC6 Software A 1PE 121 ? 15 'BINDING SITE FOR RESIDUE 1PE A 121' 
AC7 Software A 1PE 122 ? 7  'BINDING SITE FOR RESIDUE 1PE A 122' 
# 
loop_
_struct_site_gen.id 
_struct_site_gen.site_id 
_struct_site_gen.pdbx_num_res 
_struct_site_gen.label_comp_id 
_struct_site_gen.label_asym_id 
_struct_site_gen.label_seq_id 
_struct_site_gen.pdbx_auth_ins_code 
_struct_site_gen.auth_comp_id 
_struct_site_gen.auth_asym_id 
_struct_site_gen.auth_seq_id 
_struct_site_gen.label_atom_id 
_struct_site_gen.label_alt_id 
_struct_site_gen.symmetry 
_struct_site_gen.details 
1  AC1 3  ARG A 15 ? ARG A 14  . ? 1_555  ? 
2  AC1 3  HIS A 44 ? HIS A 43  . ? 1_555  ? 
3  AC1 3  GLY A 45 ? GLY A 44  . ? 1_555  ? 
4  AC2 7  LEU A 35 ? LEU A 34  . ? 1_555  ? 
5  AC2 7  GLU A 36 ? GLU A 35  . ? 8_555  ? 
6  AC2 7  ASN A 39 ? ASN A 38  . ? 8_555  ? 
7  AC2 7  ASN A 39 ? ASN A 38  . ? 1_555  ? 
8  AC2 7  1PE G .  ? 1PE A 121 . ? 1_555  ? 
9  AC2 7  1PE G .  ? 1PE A 121 . ? 8_555  ? 
10 AC2 7  HOH I .  ? HOH A 191 . ? 8_555  ? 
11 AC3 6  ASN A 30 ? ASN A 29  . ? 1_555  ? 
12 AC3 6  GLU A 33 ? GLU A 32  . ? 1_555  ? 
13 AC3 6  TYR A 77 ? TYR A 76  . ? 8_555  ? 
14 AC3 6  ASP A 78 ? ASP A 77  . ? 8_555  ? 
15 AC3 6  HOH I .  ? HOH A 185 . ? 8_555  ? 
16 AC3 6  HOH I .  ? HOH A 192 . ? 8_555  ? 
17 AC4 4  GLU A 33 ? GLU A 32  . ? 1_555  ? 
18 AC4 4  GLU A 36 ? GLU A 35  . ? 1_555  ? 
19 AC4 4  HIS A 37 ? HIS A 36  . ? 1_555  ? 
20 AC4 4  HOH I .  ? HOH A 190 . ? 1_555  ? 
21 AC5 5  GLU A 7  ? GLU A 6   . ? 1_555  ? 
22 AC5 5  THR A 8  ? THR A 7   . ? 1_555  ? 
23 AC5 5  MSE A 11 ? MSE A 10  . ? 1_555  ? 
24 AC5 5  LYS A 12 ? LYS A 11  . ? 1_555  ? 
25 AC5 5  ARG A 15 ? ARG A 14  . ? 1_555  ? 
26 AC6 15 ASN A 39 ? ASN A 38  . ? 1_555  ? 
27 AC6 15 ASN A 39 ? ASN A 38  . ? 8_555  ? 
28 AC6 15 SER A 40 ? SER A 39  . ? 1_555  ? 
29 AC6 15 SER A 40 ? SER A 39  . ? 8_555  ? 
30 AC6 15 ARG A 43 ? ARG A 42  . ? 4_555  ? 
31 AC6 15 ARG A 43 ? ARG A 42  . ? 11_555 ? 
32 AC6 15 HIS A 44 ? HIS A 43  . ? 4_555  ? 
33 AC6 15 HIS A 44 ? HIS A 43  . ? 11_555 ? 
34 AC6 15 IMD C .  ? IMD A 117 . ? 1_555  ? 
35 AC6 15 IMD C .  ? IMD A 117 . ? 8_555  ? 
36 AC6 15 1PE H .  ? 1PE A 122 . ? 4_555  ? 
37 AC6 15 HOH I .  ? HOH A 139 . ? 1_555  ? 
38 AC6 15 HOH I .  ? HOH A 139 . ? 8_555  ? 
39 AC6 15 HOH I .  ? HOH A 191 . ? 8_555  ? 
40 AC6 15 HOH I .  ? HOH A 191 . ? 1_555  ? 
41 AC7 7  LYS A 12 ? LYS A 11  . ? 1_555  ? 
42 AC7 7  HIS A 44 ? HIS A 43  . ? 1_555  ? 
43 AC7 7  HIS A 44 ? HIS A 43  . ? 11_555 ? 
44 AC7 7  GLY A 45 ? GLY A 44  . ? 1_555  ? 
45 AC7 7  GLY A 45 ? GLY A 44  . ? 11_555 ? 
46 AC7 7  THR A 46 ? THR A 45  . ? 1_555  ? 
47 AC7 7  1PE G .  ? 1PE A 121 . ? 4_555  ? 
# 
_pdbx_entry_details.entry_id                   2OD5 
_pdbx_entry_details.compound_details           ? 
_pdbx_entry_details.source_details             ? 
_pdbx_entry_details.nonpolymer_details         ? 
_pdbx_entry_details.sequence_details           ? 
_pdbx_entry_details.has_ligand_of_interest     ? 
_pdbx_entry_details.has_protein_modification   Y 
# 
_pdbx_validate_symm_contact.id                1 
_pdbx_validate_symm_contact.PDB_model_num     1 
_pdbx_validate_symm_contact.auth_atom_id_1    OH 
_pdbx_validate_symm_contact.auth_asym_id_1    A 
_pdbx_validate_symm_contact.auth_comp_id_1    TYR 
_pdbx_validate_symm_contact.auth_seq_id_1     65 
_pdbx_validate_symm_contact.PDB_ins_code_1    ? 
_pdbx_validate_symm_contact.label_alt_id_1    B 
_pdbx_validate_symm_contact.site_symmetry_1   1_555 
_pdbx_validate_symm_contact.auth_atom_id_2    NZ 
_pdbx_validate_symm_contact.auth_asym_id_2    A 
_pdbx_validate_symm_contact.auth_comp_id_2    LYS 
_pdbx_validate_symm_contact.auth_seq_id_2     67 
_pdbx_validate_symm_contact.PDB_ins_code_2    ? 
_pdbx_validate_symm_contact.label_alt_id_2    ? 
_pdbx_validate_symm_contact.site_symmetry_2   11_655 
_pdbx_validate_symm_contact.dist              2.18 
# 
_pdbx_SG_project.project_name          'PSI, Protein Structure Initiative' 
_pdbx_SG_project.full_name_of_center   'Joint Center for Structural Genomics' 
_pdbx_SG_project.id                    1 
_pdbx_SG_project.initial_of_center     JCSG 
# 
loop_
_pdbx_struct_mod_residue.id 
_pdbx_struct_mod_residue.label_asym_id 
_pdbx_struct_mod_residue.label_comp_id 
_pdbx_struct_mod_residue.label_seq_id 
_pdbx_struct_mod_residue.auth_asym_id 
_pdbx_struct_mod_residue.auth_comp_id 
_pdbx_struct_mod_residue.auth_seq_id 
_pdbx_struct_mod_residue.PDB_ins_code 
_pdbx_struct_mod_residue.parent_comp_id 
_pdbx_struct_mod_residue.details 
1 A MSE 11 A MSE 10 ? MET SELENOMETHIONINE 
2 A MSE 42 A MSE 41 ? MET SELENOMETHIONINE 
# 
_pdbx_refine_tls.id               1 
_pdbx_refine_tls.details          ? 
_pdbx_refine_tls.method           refined 
_pdbx_refine_tls.origin_x         0.1219 
_pdbx_refine_tls.origin_y         -0.1795 
_pdbx_refine_tls.origin_z         0.2631 
_pdbx_refine_tls.T[1][1]          -0.0133 
_pdbx_refine_tls.T[2][2]          -0.1224 
_pdbx_refine_tls.T[3][3]          -0.1744 
_pdbx_refine_tls.T[1][2]          -0.0350 
_pdbx_refine_tls.T[1][3]          0.0210 
_pdbx_refine_tls.T[2][3]          0.0275 
_pdbx_refine_tls.L[1][1]          1.3330 
_pdbx_refine_tls.L[2][2]          0.7449 
_pdbx_refine_tls.L[3][3]          2.2227 
_pdbx_refine_tls.L[1][2]          0.2489 
_pdbx_refine_tls.L[1][3]          0.6788 
_pdbx_refine_tls.L[2][3]          -0.1923 
_pdbx_refine_tls.S[1][1]          -0.0094 
_pdbx_refine_tls.S[2][2]          0.0048 
_pdbx_refine_tls.S[3][3]          0.0047 
_pdbx_refine_tls.S[1][2]          -0.0666 
_pdbx_refine_tls.S[1][3]          -0.0850 
_pdbx_refine_tls.S[2][3]          0.0429 
_pdbx_refine_tls.S[2][1]          0.0951 
_pdbx_refine_tls.S[3][1]          -0.1670 
_pdbx_refine_tls.S[3][2]          -0.0488 
_pdbx_refine_tls.pdbx_refine_id   'X-RAY DIFFRACTION' 
# 
_pdbx_refine_tls_group.id                  1 
_pdbx_refine_tls_group.refine_tls_id       1 
_pdbx_refine_tls_group.beg_label_asym_id   A 
_pdbx_refine_tls_group.beg_label_seq_id    7 
_pdbx_refine_tls_group.end_label_asym_id   A 
_pdbx_refine_tls_group.end_label_seq_id    97 
_pdbx_refine_tls_group.selection           ALL 
_pdbx_refine_tls_group.beg_auth_asym_id    A 
_pdbx_refine_tls_group.beg_auth_seq_id     6 
_pdbx_refine_tls_group.end_auth_asym_id    A 
_pdbx_refine_tls_group.end_auth_seq_id     96 
_pdbx_refine_tls_group.pdbx_refine_id      'X-RAY DIFFRACTION' 
_pdbx_refine_tls_group.selection_details   ? 
# 
_phasing.method   MAD 
# 
loop_
_pdbx_database_remark.id 
_pdbx_database_remark.text 
300 
;BIOMOLECULE: 1
THIS ENTRY CONTAINS THE CRYSTALLOGRAPHIC ASYMMETRIC UNIT
WHICH CONSISTS OF 1 CHAINS. SEE REMARK 350 FOR
INFORMATION ON GENERATING THE BIOLOGICAL MOLECULE(S).
ASSINMENT OF A TETRAMER AS BIOMOLECULE IS SUPPORTED BY
EBI/PISA ANALYSIS. HOWEVER, SIZE EXCLUSION CHROMATOGRAPHY
WITH STATIC LIGHT SCATTERING SUPPORTS THE ASSIGNMENT OF A 
MONOMER AS A SIGNIFICANT OLIGOMERIZATION STATE IN SOLUTION.
;
999 
;SEQUENCE
(1) THE CONSTRUCT WAS EXPRESSED WITH A PURIFICATION
TAG MGSDKIHHHHHHENLYFQG. THE TAG WAS REMOVED WITH TEV
PROTEASE LEAVING ONLY A GLYCINE (0) FOLLOWED BY THE
TARGET SEQUENCE.
(2) THE SEQUENCE OF THE PROTEIN WAS NOT AVAILABLE IN THE
UNP DATABASE AT THE TIME OF PROCESSING.
(3) PRODUCT OF THE EXPRESSED SYNTHETIC GENE WAS BASED ON
THE PREDICTED SEQUENCE OF ACCESSION ID 
JCVI_PEP_1096688149193 FROM THE J. CRAIG VENTER INSTITUTE.
;
# 
loop_
_pdbx_unobs_or_zero_occ_residues.id 
_pdbx_unobs_or_zero_occ_residues.PDB_model_num 
_pdbx_unobs_or_zero_occ_residues.polymer_flag 
_pdbx_unobs_or_zero_occ_residues.occupancy_flag 
_pdbx_unobs_or_zero_occ_residues.auth_asym_id 
_pdbx_unobs_or_zero_occ_residues.auth_comp_id 
_pdbx_unobs_or_zero_occ_residues.auth_seq_id 
_pdbx_unobs_or_zero_occ_residues.PDB_ins_code 
_pdbx_unobs_or_zero_occ_residues.label_asym_id 
_pdbx_unobs_or_zero_occ_residues.label_comp_id 
_pdbx_unobs_or_zero_occ_residues.label_seq_id 
1  1 Y 1 A GLY 0   ? A GLY 1   
2  1 Y 1 A MSE 1   ? A MSE 2   
3  1 Y 1 A THR 2   ? A THR 3   
4  1 Y 1 A GLY 3   ? A GLY 4   
5  1 Y 1 A ALA 4   ? A ALA 5   
6  1 Y 1 A VAL 5   ? A VAL 6   
7  1 Y 1 A GLY 97  ? A GLY 98  
8  1 Y 1 A GLN 98  ? A GLN 99  
9  1 Y 1 A PRO 99  ? A PRO 100 
10 1 Y 1 A ILE 100 ? A ILE 101 
11 1 Y 1 A ILE 101 ? A ILE 102 
12 1 Y 1 A LEU 102 ? A LEU 103 
13 1 Y 1 A ASN 103 ? A ASN 104 
14 1 Y 1 A GLU 104 ? A GLU 105 
15 1 Y 1 A GLU 105 ? A GLU 106 
16 1 Y 1 A GLY 106 ? A GLY 107 
17 1 Y 1 A ASP 107 ? A ASP 108 
18 1 Y 1 A PHE 108 ? A PHE 109 
19 1 Y 1 A THR 109 ? A THR 110 
20 1 Y 1 A LEU 110 ? A LEU 111 
21 1 Y 1 A GLY 111 ? A GLY 112 
22 1 Y 1 A PRO 112 ? A PRO 113 
23 1 Y 1 A LEU 113 ? A LEU 114 
24 1 Y 1 A PRO 114 ? A PRO 115 
25 1 Y 1 A GLU 115 ? A GLU 116 
# 
loop_
_chem_comp_atom.comp_id 
_chem_comp_atom.atom_id 
_chem_comp_atom.type_symbol 
_chem_comp_atom.pdbx_aromatic_flag 
_chem_comp_atom.pdbx_stereo_config 
_chem_comp_atom.pdbx_ordinal 
1PE OH2  O  N N 1   
1PE C12  C  N N 2   
1PE C22  C  N N 3   
1PE OH3  O  N N 4   
1PE C13  C  N N 5   
1PE C23  C  N N 6   
1PE OH4  O  N N 7   
1PE C14  C  N N 8   
1PE C24  C  N N 9   
1PE OH5  O  N N 10  
1PE C15  C  N N 11  
1PE C25  C  N N 12  
1PE OH6  O  N N 13  
1PE C16  C  N N 14  
1PE C26  C  N N 15  
1PE OH7  O  N N 16  
1PE HO2  H  N N 17  
1PE H121 H  N N 18  
1PE H122 H  N N 19  
1PE H221 H  N N 20  
1PE H222 H  N N 21  
1PE H131 H  N N 22  
1PE H132 H  N N 23  
1PE H231 H  N N 24  
1PE H232 H  N N 25  
1PE H141 H  N N 26  
1PE H142 H  N N 27  
1PE H241 H  N N 28  
1PE H242 H  N N 29  
1PE H151 H  N N 30  
1PE H152 H  N N 31  
1PE H251 H  N N 32  
1PE H252 H  N N 33  
1PE H161 H  N N 34  
1PE H162 H  N N 35  
1PE H261 H  N N 36  
1PE H262 H  N N 37  
1PE HO7  H  N N 38  
ALA N    N  N N 39  
ALA CA   C  N S 40  
ALA C    C  N N 41  
ALA O    O  N N 42  
ALA CB   C  N N 43  
ALA OXT  O  N N 44  
ALA H    H  N N 45  
ALA H2   H  N N 46  
ALA HA   H  N N 47  
ALA HB1  H  N N 48  
ALA HB2  H  N N 49  
ALA HB3  H  N N 50  
ALA HXT  H  N N 51  
ARG N    N  N N 52  
ARG CA   C  N S 53  
ARG C    C  N N 54  
ARG O    O  N N 55  
ARG CB   C  N N 56  
ARG CG   C  N N 57  
ARG CD   C  N N 58  
ARG NE   N  N N 59  
ARG CZ   C  N N 60  
ARG NH1  N  N N 61  
ARG NH2  N  N N 62  
ARG OXT  O  N N 63  
ARG H    H  N N 64  
ARG H2   H  N N 65  
ARG HA   H  N N 66  
ARG HB2  H  N N 67  
ARG HB3  H  N N 68  
ARG HG2  H  N N 69  
ARG HG3  H  N N 70  
ARG HD2  H  N N 71  
ARG HD3  H  N N 72  
ARG HE   H  N N 73  
ARG HH11 H  N N 74  
ARG HH12 H  N N 75  
ARG HH21 H  N N 76  
ARG HH22 H  N N 77  
ARG HXT  H  N N 78  
ASN N    N  N N 79  
ASN CA   C  N S 80  
ASN C    C  N N 81  
ASN O    O  N N 82  
ASN CB   C  N N 83  
ASN CG   C  N N 84  
ASN OD1  O  N N 85  
ASN ND2  N  N N 86  
ASN OXT  O  N N 87  
ASN H    H  N N 88  
ASN H2   H  N N 89  
ASN HA   H  N N 90  
ASN HB2  H  N N 91  
ASN HB3  H  N N 92  
ASN HD21 H  N N 93  
ASN HD22 H  N N 94  
ASN HXT  H  N N 95  
ASP N    N  N N 96  
ASP CA   C  N S 97  
ASP C    C  N N 98  
ASP O    O  N N 99  
ASP CB   C  N N 100 
ASP CG   C  N N 101 
ASP OD1  O  N N 102 
ASP OD2  O  N N 103 
ASP OXT  O  N N 104 
ASP H    H  N N 105 
ASP H2   H  N N 106 
ASP HA   H  N N 107 
ASP HB2  H  N N 108 
ASP HB3  H  N N 109 
ASP HD2  H  N N 110 
ASP HXT  H  N N 111 
CL  CL   CL N N 112 
CYS N    N  N N 113 
CYS CA   C  N R 114 
CYS C    C  N N 115 
CYS O    O  N N 116 
CYS CB   C  N N 117 
CYS SG   S  N N 118 
CYS OXT  O  N N 119 
CYS H    H  N N 120 
CYS H2   H  N N 121 
CYS HA   H  N N 122 
CYS HB2  H  N N 123 
CYS HB3  H  N N 124 
CYS HG   H  N N 125 
CYS HXT  H  N N 126 
EDO C1   C  N N 127 
EDO O1   O  N N 128 
EDO C2   C  N N 129 
EDO O2   O  N N 130 
EDO H11  H  N N 131 
EDO H12  H  N N 132 
EDO HO1  H  N N 133 
EDO H21  H  N N 134 
EDO H22  H  N N 135 
EDO HO2  H  N N 136 
GLN N    N  N N 137 
GLN CA   C  N S 138 
GLN C    C  N N 139 
GLN O    O  N N 140 
GLN CB   C  N N 141 
GLN CG   C  N N 142 
GLN CD   C  N N 143 
GLN OE1  O  N N 144 
GLN NE2  N  N N 145 
GLN OXT  O  N N 146 
GLN H    H  N N 147 
GLN H2   H  N N 148 
GLN HA   H  N N 149 
GLN HB2  H  N N 150 
GLN HB3  H  N N 151 
GLN HG2  H  N N 152 
GLN HG3  H  N N 153 
GLN HE21 H  N N 154 
GLN HE22 H  N N 155 
GLN HXT  H  N N 156 
GLU N    N  N N 157 
GLU CA   C  N S 158 
GLU C    C  N N 159 
GLU O    O  N N 160 
GLU CB   C  N N 161 
GLU CG   C  N N 162 
GLU CD   C  N N 163 
GLU OE1  O  N N 164 
GLU OE2  O  N N 165 
GLU OXT  O  N N 166 
GLU H    H  N N 167 
GLU H2   H  N N 168 
GLU HA   H  N N 169 
GLU HB2  H  N N 170 
GLU HB3  H  N N 171 
GLU HG2  H  N N 172 
GLU HG3  H  N N 173 
GLU HE2  H  N N 174 
GLU HXT  H  N N 175 
GLY N    N  N N 176 
GLY CA   C  N N 177 
GLY C    C  N N 178 
GLY O    O  N N 179 
GLY OXT  O  N N 180 
GLY H    H  N N 181 
GLY H2   H  N N 182 
GLY HA2  H  N N 183 
GLY HA3  H  N N 184 
GLY HXT  H  N N 185 
HIS N    N  N N 186 
HIS CA   C  N S 187 
HIS C    C  N N 188 
HIS O    O  N N 189 
HIS CB   C  N N 190 
HIS CG   C  Y N 191 
HIS ND1  N  Y N 192 
HIS CD2  C  Y N 193 
HIS CE1  C  Y N 194 
HIS NE2  N  Y N 195 
HIS OXT  O  N N 196 
HIS H    H  N N 197 
HIS H2   H  N N 198 
HIS HA   H  N N 199 
HIS HB2  H  N N 200 
HIS HB3  H  N N 201 
HIS HD1  H  N N 202 
HIS HD2  H  N N 203 
HIS HE1  H  N N 204 
HIS HE2  H  N N 205 
HIS HXT  H  N N 206 
HOH O    O  N N 207 
HOH H1   H  N N 208 
HOH H2   H  N N 209 
ILE N    N  N N 210 
ILE CA   C  N S 211 
ILE C    C  N N 212 
ILE O    O  N N 213 
ILE CB   C  N S 214 
ILE CG1  C  N N 215 
ILE CG2  C  N N 216 
ILE CD1  C  N N 217 
ILE OXT  O  N N 218 
ILE H    H  N N 219 
ILE H2   H  N N 220 
ILE HA   H  N N 221 
ILE HB   H  N N 222 
ILE HG12 H  N N 223 
ILE HG13 H  N N 224 
ILE HG21 H  N N 225 
ILE HG22 H  N N 226 
ILE HG23 H  N N 227 
ILE HD11 H  N N 228 
ILE HD12 H  N N 229 
ILE HD13 H  N N 230 
ILE HXT  H  N N 231 
IMD N1   N  Y N 232 
IMD C2   C  Y N 233 
IMD N3   N  Y N 234 
IMD C4   C  Y N 235 
IMD C5   C  Y N 236 
IMD HN1  H  N N 237 
IMD H2   H  N N 238 
IMD HN3  H  N N 239 
IMD H4   H  N N 240 
IMD H5   H  N N 241 
LEU N    N  N N 242 
LEU CA   C  N S 243 
LEU C    C  N N 244 
LEU O    O  N N 245 
LEU CB   C  N N 246 
LEU CG   C  N N 247 
LEU CD1  C  N N 248 
LEU CD2  C  N N 249 
LEU OXT  O  N N 250 
LEU H    H  N N 251 
LEU H2   H  N N 252 
LEU HA   H  N N 253 
LEU HB2  H  N N 254 
LEU HB3  H  N N 255 
LEU HG   H  N N 256 
LEU HD11 H  N N 257 
LEU HD12 H  N N 258 
LEU HD13 H  N N 259 
LEU HD21 H  N N 260 
LEU HD22 H  N N 261 
LEU HD23 H  N N 262 
LEU HXT  H  N N 263 
LYS N    N  N N 264 
LYS CA   C  N S 265 
LYS C    C  N N 266 
LYS O    O  N N 267 
LYS CB   C  N N 268 
LYS CG   C  N N 269 
LYS CD   C  N N 270 
LYS CE   C  N N 271 
LYS NZ   N  N N 272 
LYS OXT  O  N N 273 
LYS H    H  N N 274 
LYS H2   H  N N 275 
LYS HA   H  N N 276 
LYS HB2  H  N N 277 
LYS HB3  H  N N 278 
LYS HG2  H  N N 279 
LYS HG3  H  N N 280 
LYS HD2  H  N N 281 
LYS HD3  H  N N 282 
LYS HE2  H  N N 283 
LYS HE3  H  N N 284 
LYS HZ1  H  N N 285 
LYS HZ2  H  N N 286 
LYS HZ3  H  N N 287 
LYS HXT  H  N N 288 
MSE N    N  N N 289 
MSE CA   C  N S 290 
MSE C    C  N N 291 
MSE O    O  N N 292 
MSE OXT  O  N N 293 
MSE CB   C  N N 294 
MSE CG   C  N N 295 
MSE SE   SE N N 296 
MSE CE   C  N N 297 
MSE H    H  N N 298 
MSE H2   H  N N 299 
MSE HA   H  N N 300 
MSE HXT  H  N N 301 
MSE HB2  H  N N 302 
MSE HB3  H  N N 303 
MSE HG2  H  N N 304 
MSE HG3  H  N N 305 
MSE HE1  H  N N 306 
MSE HE2  H  N N 307 
MSE HE3  H  N N 308 
PHE N    N  N N 309 
PHE CA   C  N S 310 
PHE C    C  N N 311 
PHE O    O  N N 312 
PHE CB   C  N N 313 
PHE CG   C  Y N 314 
PHE CD1  C  Y N 315 
PHE CD2  C  Y N 316 
PHE CE1  C  Y N 317 
PHE CE2  C  Y N 318 
PHE CZ   C  Y N 319 
PHE OXT  O  N N 320 
PHE H    H  N N 321 
PHE H2   H  N N 322 
PHE HA   H  N N 323 
PHE HB2  H  N N 324 
PHE HB3  H  N N 325 
PHE HD1  H  N N 326 
PHE HD2  H  N N 327 
PHE HE1  H  N N 328 
PHE HE2  H  N N 329 
PHE HZ   H  N N 330 
PHE HXT  H  N N 331 
PRO N    N  N N 332 
PRO CA   C  N S 333 
PRO C    C  N N 334 
PRO O    O  N N 335 
PRO CB   C  N N 336 
PRO CG   C  N N 337 
PRO CD   C  N N 338 
PRO OXT  O  N N 339 
PRO H    H  N N 340 
PRO HA   H  N N 341 
PRO HB2  H  N N 342 
PRO HB3  H  N N 343 
PRO HG2  H  N N 344 
PRO HG3  H  N N 345 
PRO HD2  H  N N 346 
PRO HD3  H  N N 347 
PRO HXT  H  N N 348 
SER N    N  N N 349 
SER CA   C  N S 350 
SER C    C  N N 351 
SER O    O  N N 352 
SER CB   C  N N 353 
SER OG   O  N N 354 
SER OXT  O  N N 355 
SER H    H  N N 356 
SER H2   H  N N 357 
SER HA   H  N N 358 
SER HB2  H  N N 359 
SER HB3  H  N N 360 
SER HG   H  N N 361 
SER HXT  H  N N 362 
THR N    N  N N 363 
THR CA   C  N S 364 
THR C    C  N N 365 
THR O    O  N N 366 
THR CB   C  N R 367 
THR OG1  O  N N 368 
THR CG2  C  N N 369 
THR OXT  O  N N 370 
THR H    H  N N 371 
THR H2   H  N N 372 
THR HA   H  N N 373 
THR HB   H  N N 374 
THR HG1  H  N N 375 
THR HG21 H  N N 376 
THR HG22 H  N N 377 
THR HG23 H  N N 378 
THR HXT  H  N N 379 
TRP N    N  N N 380 
TRP CA   C  N S 381 
TRP C    C  N N 382 
TRP O    O  N N 383 
TRP CB   C  N N 384 
TRP CG   C  Y N 385 
TRP CD1  C  Y N 386 
TRP CD2  C  Y N 387 
TRP NE1  N  Y N 388 
TRP CE2  C  Y N 389 
TRP CE3  C  Y N 390 
TRP CZ2  C  Y N 391 
TRP CZ3  C  Y N 392 
TRP CH2  C  Y N 393 
TRP OXT  O  N N 394 
TRP H    H  N N 395 
TRP H2   H  N N 396 
TRP HA   H  N N 397 
TRP HB2  H  N N 398 
TRP HB3  H  N N 399 
TRP HD1  H  N N 400 
TRP HE1  H  N N 401 
TRP HE3  H  N N 402 
TRP HZ2  H  N N 403 
TRP HZ3  H  N N 404 
TRP HH2  H  N N 405 
TRP HXT  H  N N 406 
TYR N    N  N N 407 
TYR CA   C  N S 408 
TYR C    C  N N 409 
TYR O    O  N N 410 
TYR CB   C  N N 411 
TYR CG   C  Y N 412 
TYR CD1  C  Y N 413 
TYR CD2  C  Y N 414 
TYR CE1  C  Y N 415 
TYR CE2  C  Y N 416 
TYR CZ   C  Y N 417 
TYR OH   O  N N 418 
TYR OXT  O  N N 419 
TYR H    H  N N 420 
TYR H2   H  N N 421 
TYR HA   H  N N 422 
TYR HB2  H  N N 423 
TYR HB3  H  N N 424 
TYR HD1  H  N N 425 
TYR HD2  H  N N 426 
TYR HE1  H  N N 427 
TYR HE2  H  N N 428 
TYR HH   H  N N 429 
TYR HXT  H  N N 430 
VAL N    N  N N 431 
VAL CA   C  N S 432 
VAL C    C  N N 433 
VAL O    O  N N 434 
VAL CB   C  N N 435 
VAL CG1  C  N N 436 
VAL CG2  C  N N 437 
VAL OXT  O  N N 438 
VAL H    H  N N 439 
VAL H2   H  N N 440 
VAL HA   H  N N 441 
VAL HB   H  N N 442 
VAL HG11 H  N N 443 
VAL HG12 H  N N 444 
VAL HG13 H  N N 445 
VAL HG21 H  N N 446 
VAL HG22 H  N N 447 
VAL HG23 H  N N 448 
VAL HXT  H  N N 449 
# 
loop_
_chem_comp_bond.comp_id 
_chem_comp_bond.atom_id_1 
_chem_comp_bond.atom_id_2 
_chem_comp_bond.value_order 
_chem_comp_bond.pdbx_aromatic_flag 
_chem_comp_bond.pdbx_stereo_config 
_chem_comp_bond.pdbx_ordinal 
1PE OH2 C12  sing N N 1   
1PE OH2 HO2  sing N N 2   
1PE C12 C22  sing N N 3   
1PE C12 H121 sing N N 4   
1PE C12 H122 sing N N 5   
1PE C22 OH3  sing N N 6   
1PE C22 H221 sing N N 7   
1PE C22 H222 sing N N 8   
1PE OH3 C23  sing N N 9   
1PE C13 C23  sing N N 10  
1PE C13 OH4  sing N N 11  
1PE C13 H131 sing N N 12  
1PE C13 H132 sing N N 13  
1PE C23 H231 sing N N 14  
1PE C23 H232 sing N N 15  
1PE OH4 C24  sing N N 16  
1PE C14 C24  sing N N 17  
1PE C14 OH5  sing N N 18  
1PE C14 H141 sing N N 19  
1PE C14 H142 sing N N 20  
1PE C24 H241 sing N N 21  
1PE C24 H242 sing N N 22  
1PE OH5 C25  sing N N 23  
1PE C15 C25  sing N N 24  
1PE C15 OH6  sing N N 25  
1PE C15 H151 sing N N 26  
1PE C15 H152 sing N N 27  
1PE C25 H251 sing N N 28  
1PE C25 H252 sing N N 29  
1PE OH6 C26  sing N N 30  
1PE C16 C26  sing N N 31  
1PE C16 OH7  sing N N 32  
1PE C16 H161 sing N N 33  
1PE C16 H162 sing N N 34  
1PE C26 H261 sing N N 35  
1PE C26 H262 sing N N 36  
1PE OH7 HO7  sing N N 37  
ALA N   CA   sing N N 38  
ALA N   H    sing N N 39  
ALA N   H2   sing N N 40  
ALA CA  C    sing N N 41  
ALA CA  CB   sing N N 42  
ALA CA  HA   sing N N 43  
ALA C   O    doub N N 44  
ALA C   OXT  sing N N 45  
ALA CB  HB1  sing N N 46  
ALA CB  HB2  sing N N 47  
ALA CB  HB3  sing N N 48  
ALA OXT HXT  sing N N 49  
ARG N   CA   sing N N 50  
ARG N   H    sing N N 51  
ARG N   H2   sing N N 52  
ARG CA  C    sing N N 53  
ARG CA  CB   sing N N 54  
ARG CA  HA   sing N N 55  
ARG C   O    doub N N 56  
ARG C   OXT  sing N N 57  
ARG CB  CG   sing N N 58  
ARG CB  HB2  sing N N 59  
ARG CB  HB3  sing N N 60  
ARG CG  CD   sing N N 61  
ARG CG  HG2  sing N N 62  
ARG CG  HG3  sing N N 63  
ARG CD  NE   sing N N 64  
ARG CD  HD2  sing N N 65  
ARG CD  HD3  sing N N 66  
ARG NE  CZ   sing N N 67  
ARG NE  HE   sing N N 68  
ARG CZ  NH1  sing N N 69  
ARG CZ  NH2  doub N N 70  
ARG NH1 HH11 sing N N 71  
ARG NH1 HH12 sing N N 72  
ARG NH2 HH21 sing N N 73  
ARG NH2 HH22 sing N N 74  
ARG OXT HXT  sing N N 75  
ASN N   CA   sing N N 76  
ASN N   H    sing N N 77  
ASN N   H2   sing N N 78  
ASN CA  C    sing N N 79  
ASN CA  CB   sing N N 80  
ASN CA  HA   sing N N 81  
ASN C   O    doub N N 82  
ASN C   OXT  sing N N 83  
ASN CB  CG   sing N N 84  
ASN CB  HB2  sing N N 85  
ASN CB  HB3  sing N N 86  
ASN CG  OD1  doub N N 87  
ASN CG  ND2  sing N N 88  
ASN ND2 HD21 sing N N 89  
ASN ND2 HD22 sing N N 90  
ASN OXT HXT  sing N N 91  
ASP N   CA   sing N N 92  
ASP N   H    sing N N 93  
ASP N   H2   sing N N 94  
ASP CA  C    sing N N 95  
ASP CA  CB   sing N N 96  
ASP CA  HA   sing N N 97  
ASP C   O    doub N N 98  
ASP C   OXT  sing N N 99  
ASP CB  CG   sing N N 100 
ASP CB  HB2  sing N N 101 
ASP CB  HB3  sing N N 102 
ASP CG  OD1  doub N N 103 
ASP CG  OD2  sing N N 104 
ASP OD2 HD2  sing N N 105 
ASP OXT HXT  sing N N 106 
CYS N   CA   sing N N 107 
CYS N   H    sing N N 108 
CYS N   H2   sing N N 109 
CYS CA  C    sing N N 110 
CYS CA  CB   sing N N 111 
CYS CA  HA   sing N N 112 
CYS C   O    doub N N 113 
CYS C   OXT  sing N N 114 
CYS CB  SG   sing N N 115 
CYS CB  HB2  sing N N 116 
CYS CB  HB3  sing N N 117 
CYS SG  HG   sing N N 118 
CYS OXT HXT  sing N N 119 
EDO C1  O1   sing N N 120 
EDO C1  C2   sing N N 121 
EDO C1  H11  sing N N 122 
EDO C1  H12  sing N N 123 
EDO O1  HO1  sing N N 124 
EDO C2  O2   sing N N 125 
EDO C2  H21  sing N N 126 
EDO C2  H22  sing N N 127 
EDO O2  HO2  sing N N 128 
GLN N   CA   sing N N 129 
GLN N   H    sing N N 130 
GLN N   H2   sing N N 131 
GLN CA  C    sing N N 132 
GLN CA  CB   sing N N 133 
GLN CA  HA   sing N N 134 
GLN C   O    doub N N 135 
GLN C   OXT  sing N N 136 
GLN CB  CG   sing N N 137 
GLN CB  HB2  sing N N 138 
GLN CB  HB3  sing N N 139 
GLN CG  CD   sing N N 140 
GLN CG  HG2  sing N N 141 
GLN CG  HG3  sing N N 142 
GLN CD  OE1  doub N N 143 
GLN CD  NE2  sing N N 144 
GLN NE2 HE21 sing N N 145 
GLN NE2 HE22 sing N N 146 
GLN OXT HXT  sing N N 147 
GLU N   CA   sing N N 148 
GLU N   H    sing N N 149 
GLU N   H2   sing N N 150 
GLU CA  C    sing N N 151 
GLU CA  CB   sing N N 152 
GLU CA  HA   sing N N 153 
GLU C   O    doub N N 154 
GLU C   OXT  sing N N 155 
GLU CB  CG   sing N N 156 
GLU CB  HB2  sing N N 157 
GLU CB  HB3  sing N N 158 
GLU CG  CD   sing N N 159 
GLU CG  HG2  sing N N 160 
GLU CG  HG3  sing N N 161 
GLU CD  OE1  doub N N 162 
GLU CD  OE2  sing N N 163 
GLU OE2 HE2  sing N N 164 
GLU OXT HXT  sing N N 165 
GLY N   CA   sing N N 166 
GLY N   H    sing N N 167 
GLY N   H2   sing N N 168 
GLY CA  C    sing N N 169 
GLY CA  HA2  sing N N 170 
GLY CA  HA3  sing N N 171 
GLY C   O    doub N N 172 
GLY C   OXT  sing N N 173 
GLY OXT HXT  sing N N 174 
HIS N   CA   sing N N 175 
HIS N   H    sing N N 176 
HIS N   H2   sing N N 177 
HIS CA  C    sing N N 178 
HIS CA  CB   sing N N 179 
HIS CA  HA   sing N N 180 
HIS C   O    doub N N 181 
HIS C   OXT  sing N N 182 
HIS CB  CG   sing N N 183 
HIS CB  HB2  sing N N 184 
HIS CB  HB3  sing N N 185 
HIS CG  ND1  sing Y N 186 
HIS CG  CD2  doub Y N 187 
HIS ND1 CE1  doub Y N 188 
HIS ND1 HD1  sing N N 189 
HIS CD2 NE2  sing Y N 190 
HIS CD2 HD2  sing N N 191 
HIS CE1 NE2  sing Y N 192 
HIS CE1 HE1  sing N N 193 
HIS NE2 HE2  sing N N 194 
HIS OXT HXT  sing N N 195 
HOH O   H1   sing N N 196 
HOH O   H2   sing N N 197 
ILE N   CA   sing N N 198 
ILE N   H    sing N N 199 
ILE N   H2   sing N N 200 
ILE CA  C    sing N N 201 
ILE CA  CB   sing N N 202 
ILE CA  HA   sing N N 203 
ILE C   O    doub N N 204 
ILE C   OXT  sing N N 205 
ILE CB  CG1  sing N N 206 
ILE CB  CG2  sing N N 207 
ILE CB  HB   sing N N 208 
ILE CG1 CD1  sing N N 209 
ILE CG1 HG12 sing N N 210 
ILE CG1 HG13 sing N N 211 
ILE CG2 HG21 sing N N 212 
ILE CG2 HG22 sing N N 213 
ILE CG2 HG23 sing N N 214 
ILE CD1 HD11 sing N N 215 
ILE CD1 HD12 sing N N 216 
ILE CD1 HD13 sing N N 217 
ILE OXT HXT  sing N N 218 
IMD N1  C2   sing Y N 219 
IMD N1  C5   sing Y N 220 
IMD N1  HN1  sing N N 221 
IMD C2  N3   doub Y N 222 
IMD C2  H2   sing N N 223 
IMD N3  C4   sing Y N 224 
IMD N3  HN3  sing N N 225 
IMD C4  C5   doub Y N 226 
IMD C4  H4   sing N N 227 
IMD C5  H5   sing N N 228 
LEU N   CA   sing N N 229 
LEU N   H    sing N N 230 
LEU N   H2   sing N N 231 
LEU CA  C    sing N N 232 
LEU CA  CB   sing N N 233 
LEU CA  HA   sing N N 234 
LEU C   O    doub N N 235 
LEU C   OXT  sing N N 236 
LEU CB  CG   sing N N 237 
LEU CB  HB2  sing N N 238 
LEU CB  HB3  sing N N 239 
LEU CG  CD1  sing N N 240 
LEU CG  CD2  sing N N 241 
LEU CG  HG   sing N N 242 
LEU CD1 HD11 sing N N 243 
LEU CD1 HD12 sing N N 244 
LEU CD1 HD13 sing N N 245 
LEU CD2 HD21 sing N N 246 
LEU CD2 HD22 sing N N 247 
LEU CD2 HD23 sing N N 248 
LEU OXT HXT  sing N N 249 
LYS N   CA   sing N N 250 
LYS N   H    sing N N 251 
LYS N   H2   sing N N 252 
LYS CA  C    sing N N 253 
LYS CA  CB   sing N N 254 
LYS CA  HA   sing N N 255 
LYS C   O    doub N N 256 
LYS C   OXT  sing N N 257 
LYS CB  CG   sing N N 258 
LYS CB  HB2  sing N N 259 
LYS CB  HB3  sing N N 260 
LYS CG  CD   sing N N 261 
LYS CG  HG2  sing N N 262 
LYS CG  HG3  sing N N 263 
LYS CD  CE   sing N N 264 
LYS CD  HD2  sing N N 265 
LYS CD  HD3  sing N N 266 
LYS CE  NZ   sing N N 267 
LYS CE  HE2  sing N N 268 
LYS CE  HE3  sing N N 269 
LYS NZ  HZ1  sing N N 270 
LYS NZ  HZ2  sing N N 271 
LYS NZ  HZ3  sing N N 272 
LYS OXT HXT  sing N N 273 
MSE N   CA   sing N N 274 
MSE N   H    sing N N 275 
MSE N   H2   sing N N 276 
MSE CA  C    sing N N 277 
MSE CA  CB   sing N N 278 
MSE CA  HA   sing N N 279 
MSE C   O    doub N N 280 
MSE C   OXT  sing N N 281 
MSE OXT HXT  sing N N 282 
MSE CB  CG   sing N N 283 
MSE CB  HB2  sing N N 284 
MSE CB  HB3  sing N N 285 
MSE CG  SE   sing N N 286 
MSE CG  HG2  sing N N 287 
MSE CG  HG3  sing N N 288 
MSE SE  CE   sing N N 289 
MSE CE  HE1  sing N N 290 
MSE CE  HE2  sing N N 291 
MSE CE  HE3  sing N N 292 
PHE N   CA   sing N N 293 
PHE N   H    sing N N 294 
PHE N   H2   sing N N 295 
PHE CA  C    sing N N 296 
PHE CA  CB   sing N N 297 
PHE CA  HA   sing N N 298 
PHE C   O    doub N N 299 
PHE C   OXT  sing N N 300 
PHE CB  CG   sing N N 301 
PHE CB  HB2  sing N N 302 
PHE CB  HB3  sing N N 303 
PHE CG  CD1  doub Y N 304 
PHE CG  CD2  sing Y N 305 
PHE CD1 CE1  sing Y N 306 
PHE CD1 HD1  sing N N 307 
PHE CD2 CE2  doub Y N 308 
PHE CD2 HD2  sing N N 309 
PHE CE1 CZ   doub Y N 310 
PHE CE1 HE1  sing N N 311 
PHE CE2 CZ   sing Y N 312 
PHE CE2 HE2  sing N N 313 
PHE CZ  HZ   sing N N 314 
PHE OXT HXT  sing N N 315 
PRO N   CA   sing N N 316 
PRO N   CD   sing N N 317 
PRO N   H    sing N N 318 
PRO CA  C    sing N N 319 
PRO CA  CB   sing N N 320 
PRO CA  HA   sing N N 321 
PRO C   O    doub N N 322 
PRO C   OXT  sing N N 323 
PRO CB  CG   sing N N 324 
PRO CB  HB2  sing N N 325 
PRO CB  HB3  sing N N 326 
PRO CG  CD   sing N N 327 
PRO CG  HG2  sing N N 328 
PRO CG  HG3  sing N N 329 
PRO CD  HD2  sing N N 330 
PRO CD  HD3  sing N N 331 
PRO OXT HXT  sing N N 332 
SER N   CA   sing N N 333 
SER N   H    sing N N 334 
SER N   H2   sing N N 335 
SER CA  C    sing N N 336 
SER CA  CB   sing N N 337 
SER CA  HA   sing N N 338 
SER C   O    doub N N 339 
SER C   OXT  sing N N 340 
SER CB  OG   sing N N 341 
SER CB  HB2  sing N N 342 
SER CB  HB3  sing N N 343 
SER OG  HG   sing N N 344 
SER OXT HXT  sing N N 345 
THR N   CA   sing N N 346 
THR N   H    sing N N 347 
THR N   H2   sing N N 348 
THR CA  C    sing N N 349 
THR CA  CB   sing N N 350 
THR CA  HA   sing N N 351 
THR C   O    doub N N 352 
THR C   OXT  sing N N 353 
THR CB  OG1  sing N N 354 
THR CB  CG2  sing N N 355 
THR CB  HB   sing N N 356 
THR OG1 HG1  sing N N 357 
THR CG2 HG21 sing N N 358 
THR CG2 HG22 sing N N 359 
THR CG2 HG23 sing N N 360 
THR OXT HXT  sing N N 361 
TRP N   CA   sing N N 362 
TRP N   H    sing N N 363 
TRP N   H2   sing N N 364 
TRP CA  C    sing N N 365 
TRP CA  CB   sing N N 366 
TRP CA  HA   sing N N 367 
TRP C   O    doub N N 368 
TRP C   OXT  sing N N 369 
TRP CB  CG   sing N N 370 
TRP CB  HB2  sing N N 371 
TRP CB  HB3  sing N N 372 
TRP CG  CD1  doub Y N 373 
TRP CG  CD2  sing Y N 374 
TRP CD1 NE1  sing Y N 375 
TRP CD1 HD1  sing N N 376 
TRP CD2 CE2  doub Y N 377 
TRP CD2 CE3  sing Y N 378 
TRP NE1 CE2  sing Y N 379 
TRP NE1 HE1  sing N N 380 
TRP CE2 CZ2  sing Y N 381 
TRP CE3 CZ3  doub Y N 382 
TRP CE3 HE3  sing N N 383 
TRP CZ2 CH2  doub Y N 384 
TRP CZ2 HZ2  sing N N 385 
TRP CZ3 CH2  sing Y N 386 
TRP CZ3 HZ3  sing N N 387 
TRP CH2 HH2  sing N N 388 
TRP OXT HXT  sing N N 389 
TYR N   CA   sing N N 390 
TYR N   H    sing N N 391 
TYR N   H2   sing N N 392 
TYR CA  C    sing N N 393 
TYR CA  CB   sing N N 394 
TYR CA  HA   sing N N 395 
TYR C   O    doub N N 396 
TYR C   OXT  sing N N 397 
TYR CB  CG   sing N N 398 
TYR CB  HB2  sing N N 399 
TYR CB  HB3  sing N N 400 
TYR CG  CD1  doub Y N 401 
TYR CG  CD2  sing Y N 402 
TYR CD1 CE1  sing Y N 403 
TYR CD1 HD1  sing N N 404 
TYR CD2 CE2  doub Y N 405 
TYR CD2 HD2  sing N N 406 
TYR CE1 CZ   doub Y N 407 
TYR CE1 HE1  sing N N 408 
TYR CE2 CZ   sing Y N 409 
TYR CE2 HE2  sing N N 410 
TYR CZ  OH   sing N N 411 
TYR OH  HH   sing N N 412 
TYR OXT HXT  sing N N 413 
VAL N   CA   sing N N 414 
VAL N   H    sing N N 415 
VAL N   H2   sing N N 416 
VAL CA  C    sing N N 417 
VAL CA  CB   sing N N 418 
VAL CA  HA   sing N N 419 
VAL C   O    doub N N 420 
VAL C   OXT  sing N N 421 
VAL CB  CG1  sing N N 422 
VAL CB  CG2  sing N N 423 
VAL CB  HB   sing N N 424 
VAL CG1 HG11 sing N N 425 
VAL CG1 HG12 sing N N 426 
VAL CG1 HG13 sing N N 427 
VAL CG2 HG21 sing N N 428 
VAL CG2 HG22 sing N N 429 
VAL CG2 HG23 sing N N 430 
VAL OXT HXT  sing N N 431 
# 
_atom_sites.entry_id                    2OD5 
_atom_sites.fract_transf_matrix[1][1]   -0.00321325 
_atom_sites.fract_transf_matrix[1][2]   0.01636748 
_atom_sites.fract_transf_matrix[1][3]   0.00657594 
_atom_sites.fract_transf_matrix[2][1]   -0.01676934 
_atom_sites.fract_transf_matrix[2][2]   0.00490575 
_atom_sites.fract_transf_matrix[2][3]   0.00402588 
_atom_sites.fract_transf_matrix[3][1]   0.00090712 
_atom_sites.fract_transf_matrix[3][2]   -0.00262525 
_atom_sites.fract_transf_matrix[3][3]   0.00697749 
_atom_sites.fract_transf_vector[1]      0.322705 
_atom_sites.fract_transf_vector[2]      0.099244 
_atom_sites.fract_transf_vector[3]      0.072713 
# 
loop_
_atom_type.symbol 
C  
CL 
N  
O  
S  
SE 
# 
loop_
_atom_site.group_PDB 
_atom_site.id 
_atom_site.type_symbol 
_atom_site.label_atom_id 
_atom_site.label_alt_id 
_atom_site.label_comp_id 
_atom_site.label_asym_id 
_atom_site.label_entity_id 
_atom_site.label_seq_id 
_atom_site.pdbx_PDB_ins_code 
_atom_site.Cartn_x 
_atom_site.Cartn_y 
_atom_site.Cartn_z 
_atom_site.occupancy 
_atom_site.B_iso_or_equiv 
_atom_site.pdbx_formal_charge 
_atom_site.auth_seq_id 
_atom_site.auth_comp_id 
_atom_site.auth_asym_id 
_atom_site.auth_atom_id 
_atom_site.pdbx_PDB_model_num 
ATOM   1   N  N   . GLU A 1 7  ? -12.804 -17.471 -2.749  1.00 89.72  ? 6   GLU A N   1 
ATOM   2   C  CA  . GLU A 1 7  ? -13.551 -17.123 -3.991  1.00 89.58  ? 6   GLU A CA  1 
ATOM   3   C  C   . GLU A 1 7  ? -14.228 -15.757 -3.901  1.00 87.43  ? 6   GLU A C   1 
ATOM   4   O  O   . GLU A 1 7  ? -14.324 -15.049 -4.902  1.00 87.64  ? 6   GLU A O   1 
ATOM   5   C  CB  . GLU A 1 7  ? -14.606 -18.187 -4.296  1.00 90.28  ? 6   GLU A CB  1 
ATOM   6   C  CG  . GLU A 1 7  ? -14.041 -19.511 -4.788  1.00 92.51  ? 6   GLU A CG  1 
ATOM   7   C  CD  . GLU A 1 7  ? -15.016 -20.252 -5.687  1.00 92.18  ? 6   GLU A CD  1 
ATOM   8   O  OE1 . GLU A 1 7  ? -15.324 -19.726 -6.781  1.00 96.32  ? 6   GLU A OE1 1 
ATOM   9   O  OE2 . GLU A 1 7  ? -15.471 -21.353 -5.304  1.00 97.37  ? 6   GLU A OE2 1 
ATOM   10  N  N   . THR A 1 8  ? -14.715 -15.400 -2.716  1.00 85.25  ? 7   THR A N   1 
ATOM   11  C  CA  . THR A 1 8  ? -15.394 -14.114 -2.524  1.00 83.92  ? 7   THR A CA  1 
ATOM   12  C  C   . THR A 1 8  ? -14.415 -12.940 -2.617  1.00 82.40  ? 7   THR A C   1 
ATOM   13  O  O   . THR A 1 8  ? -13.202 -13.114 -2.472  1.00 81.29  ? 7   THR A O   1 
ATOM   14  C  CB  . THR A 1 8  ? -16.186 -14.055 -1.176  1.00 84.48  ? 7   THR A CB  1 
ATOM   15  O  OG1 . THR A 1 8  ? -16.733 -12.742 -0.980  1.00 86.09  ? 7   THR A OG1 1 
ATOM   16  C  CG2 . THR A 1 8  ? -15.310 -14.409 0.009   1.00 81.92  ? 7   THR A CG2 1 
ATOM   17  N  N   . GLU A 1 9  ? -14.959 -11.751 -2.877  1.00 80.43  ? 8   GLU A N   1 
ATOM   18  C  CA  . GLU A 1 9  ? -14.173 -10.521 -2.926  1.00 79.16  ? 8   GLU A CA  1 
ATOM   19  C  C   . GLU A 1 9  ? -13.506 -10.230 -1.581  1.00 77.77  ? 8   GLU A C   1 
ATOM   20  O  O   . GLU A 1 9  ? -12.386 -9.711  -1.536  1.00 77.14  ? 8   GLU A O   1 
ATOM   21  C  CB  . GLU A 1 9  ? -15.057 -9.338  -3.336  1.00 79.32  ? 8   GLU A CB  1 
ATOM   22  N  N   . SER A 1 10 ? -14.198 -10.565 -0.492  1.00 75.71  ? 9   SER A N   1 
ATOM   23  C  CA  . SER A 1 10 ? -13.647 -10.403 0.853   1.00 74.27  ? 9   SER A CA  1 
ATOM   24  C  C   . SER A 1 10 ? -12.467 -11.341 1.074   1.00 71.52  ? 9   SER A C   1 
ATOM   25  O  O   . SER A 1 10 ? -11.452 -10.936 1.628   1.00 73.39  ? 9   SER A O   1 
ATOM   26  C  CB  . SER A 1 10 ? -14.710 -10.675 1.924   1.00 75.24  ? 9   SER A CB  1 
ATOM   27  O  OG  . SER A 1 10 ? -14.788 -12.063 2.227   1.00 77.47  ? 9   SER A OG  1 
HETATM 28  N  N   . MSE A 1 11 ? -12.616 -12.595 0.654   1.00 67.91  ? 10  MSE A N   1 
HETATM 29  C  CA  . MSE A 1 11 ? -11.542 -13.579 0.749   1.00 66.95  ? 10  MSE A CA  1 
HETATM 30  C  C   . MSE A 1 11 ? -10.299 -13.112 -0.004  1.00 60.91  ? 10  MSE A C   1 
HETATM 31  O  O   . MSE A 1 11 ? -9.184  -13.248 0.490   1.00 57.55  ? 10  MSE A O   1 
HETATM 32  C  CB  . MSE A 1 11 ? -11.984 -14.937 0.188   1.00 66.21  ? 10  MSE A CB  1 
HETATM 33  C  CG  . MSE A 1 11 ? -12.738 -15.809 1.180   1.00 72.61  ? 10  MSE A CG  1 
HETATM 34  SE SE  . MSE A 1 11 ? -13.673 -17.325 0.335   0.75 75.85  ? 10  MSE A SE  1 
HETATM 35  C  CE  . MSE A 1 11 ? -12.259 -18.680 0.449   1.00 72.35  ? 10  MSE A CE  1 
ATOM   36  N  N   . LYS A 1 12 ? -10.497 -12.596 -1.213  1.00 57.56  ? 11  LYS A N   1 
ATOM   37  C  CA  . LYS A 1 12 ? -9.381  -12.080 -2.006  1.00 56.36  ? 11  LYS A CA  1 
ATOM   38  C  C   . LYS A 1 12 ? -8.742  -10.916 -1.266  1.00 56.07  ? 11  LYS A C   1 
ATOM   39  O  O   . LYS A 1 12 ? -7.525  -10.873 -1.105  1.00 56.71  ? 11  LYS A O   1 
ATOM   40  C  CB  . LYS A 1 12 ? -9.833  -11.616 -3.391  1.00 55.07  ? 11  LYS A CB  1 
ATOM   41  C  CG  . LYS A 1 12 ? -8.671  -11.119 -4.255  1.00 54.49  ? 11  LYS A CG  1 
ATOM   42  C  CD  . LYS A 1 12 ? -9.079  -10.980 -5.714  1.00 55.08  ? 11  LYS A CD  1 
ATOM   43  C  CE  . LYS A 1 12 ? -7.992  -10.336 -6.562  1.00 49.15  ? 11  LYS A CE  1 
ATOM   44  N  NZ  . LYS A 1 12 ? -8.411  -10.251 -7.985  1.00 45.07  ? 11  LYS A NZ  1 
ATOM   45  N  N   . THR A 1 13 ? -9.572  -9.983  -0.812  1.00 55.03  ? 12  THR A N   1 
ATOM   46  C  CA  . THR A 1 13 ? -9.086  -8.796  -0.110  1.00 55.81  ? 12  THR A CA  1 
ATOM   47  C  C   . THR A 1 13 ? -8.297  -9.181  1.141   1.00 53.03  ? 12  THR A C   1 
ATOM   48  O  O   . THR A 1 13 ? -7.231  -8.633  1.394   1.00 51.90  ? 12  THR A O   1 
ATOM   49  C  CB  . THR A 1 13 ? -10.235 -7.807  0.222   1.00 56.06  ? 12  THR A CB  1 
ATOM   50  O  OG1 . THR A 1 13 ? -10.757 -7.280  -1.006  1.00 61.99  ? 12  THR A OG1 1 
ATOM   51  C  CG2 . THR A 1 13 ? -9.743  -6.648  1.066   1.00 58.20  ? 12  THR A CG2 1 
ATOM   52  N  N   . VAL A 1 14 ? -8.793  -10.146 1.897   1.00 50.27  ? 13  VAL A N   1 
ATOM   53  C  CA  . VAL A 1 14 ? -8.047  -10.665 3.046   1.00 48.89  ? 13  VAL A CA  1 
ATOM   54  C  C   . VAL A 1 14 ? -6.664  -11.237 2.655   1.00 47.14  ? 13  VAL A C   1 
ATOM   55  O  O   . VAL A 1 14 ? -5.665  -11.043 3.356   1.00 46.12  ? 13  VAL A O   1 
ATOM   56  C  CB  . VAL A 1 14 ? -8.846  -11.777 3.755   1.00 50.86  ? 13  VAL A CB  1 
ATOM   57  C  CG1 . VAL A 1 14 ? -7.980  -12.501 4.792   1.00 46.40  ? 13  VAL A CG1 1 
ATOM   58  C  CG2 . VAL A 1 14 ? -10.118 -11.202 4.389   1.00 50.96  ? 13  VAL A CG2 1 
ATOM   59  N  N   . ARG A 1 15 ? -6.631  -11.984 1.559   1.00 45.00  ? 14  ARG A N   1 
ATOM   60  C  CA  . ARG A 1 15 ? -5.389  -12.549 1.042   1.00 45.24  ? 14  ARG A CA  1 
ATOM   61  C  C   . ARG A 1 15 ? -4.415  -11.431 0.655   1.00 42.19  ? 14  ARG A C   1 
ATOM   62  O  O   . ARG A 1 15 ? -3.219  -11.501 0.935   1.00 41.83  ? 14  ARG A O   1 
ATOM   63  C  CB  . ARG A 1 15 ? -5.720  -13.391 -0.189  1.00 45.74  ? 14  ARG A CB  1 
ATOM   64  C  CG  . ARG A 1 15 ? -4.683  -14.400 -0.606  1.00 52.65  ? 14  ARG A CG  1 
ATOM   65  C  CD  . ARG A 1 15 ? -5.324  -15.518 -1.481  1.00 52.63  ? 14  ARG A CD  1 
ATOM   66  N  NE  . ARG A 1 15 ? -6.213  -14.988 -2.531  1.00 54.55  ? 14  ARG A NE  1 
ATOM   67  C  CZ  . ARG A 1 15 ? -5.852  -14.711 -3.786  1.00 62.28  ? 14  ARG A CZ  1 
ATOM   68  N  NH1 . ARG A 1 15 ? -4.602  -14.884 -4.202  1.00 65.15  ? 14  ARG A NH1 1 
ATOM   69  N  NH2 . ARG A 1 15 ? -6.756  -14.237 -4.637  1.00 53.29  ? 14  ARG A NH2 1 
ATOM   70  N  N   . ILE A 1 16 ? -4.946  -10.420 -0.014  1.00 39.59  ? 15  ILE A N   1 
ATOM   71  C  CA  . ILE A 1 16 ? -4.156  -9.264  -0.462  1.00 40.26  ? 15  ILE A CA  1 
ATOM   72  C  C   . ILE A 1 16 ? -3.562  -8.531  0.741   1.00 39.13  ? 15  ILE A C   1 
ATOM   73  O  O   . ILE A 1 16 ? -2.375  -8.204  0.742   1.00 37.00  ? 15  ILE A O   1 
ATOM   74  C  CB  . ILE A 1 16 ? -4.992  -8.316  -1.304  1.00 40.41  ? 15  ILE A CB  1 
ATOM   75  C  CG1 . ILE A 1 16 ? -5.314  -8.964  -2.664  1.00 46.06  ? 15  ILE A CG1 1 
ATOM   76  C  CG2 . ILE A 1 16 ? -4.236  -7.022  -1.589  1.00 35.88  ? 15  ILE A CG2 1 
ATOM   77  C  CD1 . ILE A 1 16 ? -6.132  -8.080  -3.614  1.00 43.69  ? 15  ILE A CD1 1 
ATOM   78  N  N   . ARG A 1 17 ? -4.378  -8.293  1.768   1.00 38.77  ? 16  ARG A N   1 
ATOM   79  C  CA  . ARG A 1 17 ? -3.892  -7.633  2.984   1.00 36.43  ? 16  ARG A CA  1 
ATOM   80  C  C   . ARG A 1 17 ? -2.739  -8.368  3.613   1.00 36.41  ? 16  ARG A C   1 
ATOM   81  O  O   . ARG A 1 17 ? -1.799  -7.738  4.069   1.00 36.53  ? 16  ARG A O   1 
ATOM   82  C  CB  . ARG A 1 17 ? -4.974  -7.492  4.040   1.00 37.30  ? 16  ARG A CB  1 
ATOM   83  C  CG  . ARG A 1 17 ? -6.024  -6.471  3.748   1.00 40.03  ? 16  ARG A CG  1 
ATOM   84  C  CD  . ARG A 1 17 ? -7.023  -6.468  4.901   1.00 39.01  ? 16  ARG A CD  1 
ATOM   85  N  NE  . ARG A 1 17 ? -7.903  -5.318  4.841   1.00 47.83  ? 16  ARG A NE  1 
ATOM   86  C  CZ  . ARG A 1 17 ? -8.891  -5.087  5.701   1.00 45.82  ? 16  ARG A CZ  1 
ATOM   87  N  NH1 . ARG A 1 17 ? -9.134  -5.937  6.688   1.00 48.76  ? 16  ARG A NH1 1 
ATOM   88  N  NH2 . ARG A 1 17 ? -9.645  -3.998  5.580   1.00 42.60  ? 16  ARG A NH2 1 
ATOM   89  N  N   . GLU A 1 18 ? -2.814  -9.698  3.697   1.00 35.96  ? 17  GLU A N   1 
ATOM   90  C  CA  A GLU A 1 18 ? -1.744  -10.470 4.314   0.50 35.39  ? 17  GLU A CA  1 
ATOM   91  C  CA  B GLU A 1 18 ? -1.739  -10.471 4.312   0.50 35.02  ? 17  GLU A CA  1 
ATOM   92  C  C   . GLU A 1 18 ? -0.453  -10.370 3.506   1.00 34.15  ? 17  GLU A C   1 
ATOM   93  O  O   . GLU A 1 18 ? 0.635   -10.278 4.069   1.00 34.12  ? 17  GLU A O   1 
ATOM   94  C  CB  A GLU A 1 18 ? -2.171  -11.935 4.487   0.50 37.44  ? 17  GLU A CB  1 
ATOM   95  C  CB  B GLU A 1 18 ? -2.132  -11.948 4.475   0.50 36.99  ? 17  GLU A CB  1 
ATOM   96  C  CG  A GLU A 1 18 ? -3.387  -12.101 5.386   0.50 39.03  ? 17  GLU A CG  1 
ATOM   97  C  CG  B GLU A 1 18 ? -1.065  -12.777 5.174   0.50 35.94  ? 17  GLU A CG  1 
ATOM   98  N  N   . LYS A 1 19 ? -0.570  -10.391 2.183   1.00 33.54  ? 18  LYS A N   1 
ATOM   99  C  CA  . LYS A 1 19 ? 0.618   -10.234 1.340   1.00 34.99  ? 18  LYS A CA  1 
ATOM   100 C  C   . LYS A 1 19 ? 1.265   -8.867  1.518   1.00 34.24  ? 18  LYS A C   1 
ATOM   101 O  O   . LYS A 1 19 ? 2.487   -8.760  1.613   1.00 34.37  ? 18  LYS A O   1 
ATOM   102 C  CB  . LYS A 1 19 ? 0.259   -10.384 -0.129  1.00 36.31  ? 18  LYS A CB  1 
ATOM   103 C  CG  . LYS A 1 19 ? -0.026  -11.772 -0.549  1.00 46.84  ? 18  LYS A CG  1 
ATOM   104 C  CD  . LYS A 1 19 ? -0.091  -11.810 -2.064  1.00 54.37  ? 18  LYS A CD  1 
ATOM   105 C  CE  . LYS A 1 19 ? -0.579  -13.147 -2.555  1.00 63.06  ? 18  LYS A CE  1 
ATOM   106 N  NZ  . LYS A 1 19 ? 0.537   -14.079 -2.858  1.00 64.99  ? 18  LYS A NZ  1 
ATOM   107 N  N   . ILE A 1 20 ? 0.431   -7.829  1.531   1.00 34.66  ? 19  ILE A N   1 
ATOM   108 C  CA  . ILE A 1 20 ? 0.920   -6.469  1.667   1.00 33.80  ? 19  ILE A CA  1 
ATOM   109 C  C   . ILE A 1 20 ? 1.680   -6.325  3.001   1.00 32.79  ? 19  ILE A C   1 
ATOM   110 O  O   . ILE A 1 20 ? 2.781   -5.785  3.048   1.00 34.43  ? 19  ILE A O   1 
ATOM   111 C  CB  . ILE A 1 20 ? -0.217  -5.427  1.594   1.00 33.50  ? 19  ILE A CB  1 
ATOM   112 C  CG1 . ILE A 1 20 ? -0.890  -5.389  0.211   1.00 33.36  ? 19  ILE A CG1 1 
ATOM   113 C  CG2 . ILE A 1 20 ? 0.331   -4.062  1.948   1.00 32.21  ? 19  ILE A CG2 1 
ATOM   114 C  CD1 . ILE A 1 20 ? -2.241  -4.648  0.214   1.00 31.42  ? 19  ILE A CD1 1 
ATOM   115 N  N   . LYS A 1 21 ? 1.106   -6.824  4.090   1.00 32.50  ? 20  LYS A N   1 
ATOM   116 C  CA  . LYS A 1 21 ? 1.720   -6.692  5.413   1.00 34.12  ? 20  LYS A CA  1 
ATOM   117 C  C   . LYS A 1 21 ? 3.090   -7.373  5.483   1.00 34.08  ? 20  LYS A C   1 
ATOM   118 O  O   . LYS A 1 21 ? 4.050   -6.809  6.003   1.00 33.02  ? 20  LYS A O   1 
ATOM   119 C  CB  . LYS A 1 21 ? 0.764   -7.185  6.502   1.00 37.70  ? 20  LYS A CB  1 
ATOM   120 C  CG  . LYS A 1 21 ? -0.450  -6.297  6.720   1.00 47.50  ? 20  LYS A CG  1 
ATOM   121 N  N   . LYS A 1 22 ? 3.197   -8.555  4.898   1.00 32.57  ? 21  LYS A N   1 
ATOM   122 C  CA  . LYS A 1 22 ? 4.481   -9.252  4.805   1.00 33.13  ? 21  LYS A CA  1 
ATOM   123 C  C   . LYS A 1 22 ? 5.500   -8.482  3.976   1.00 32.89  ? 21  LYS A C   1 
ATOM   124 O  O   . LYS A 1 22 ? 6.673   -8.345  4.356   1.00 34.86  ? 21  LYS A O   1 
ATOM   125 C  CB  . LYS A 1 22 ? 4.272   -10.648 4.231   1.00 34.21  ? 21  LYS A CB  1 
ATOM   126 C  CG  . LYS A 1 22 ? 3.676   -11.624 5.237   1.00 44.38  ? 21  LYS A CG  1 
ATOM   127 C  CD  . LYS A 1 22 ? 4.702   -12.051 6.259   1.00 55.42  ? 21  LYS A CD  1 
ATOM   128 N  N   . PHE A 1 23 ? 5.054   -7.959  2.844   1.00 32.61  ? 22  PHE A N   1 
ATOM   129 C  CA  . PHE A 1 23 ? 5.913   -7.182  1.972   1.00 31.50  ? 22  PHE A CA  1 
ATOM   130 C  C   . PHE A 1 23 ? 6.453   -5.928  2.664   1.00 32.28  ? 22  PHE A C   1 
ATOM   131 O  O   . PHE A 1 23 ? 7.610   -5.578  2.479   1.00 32.22  ? 22  PHE A O   1 
ATOM   132 C  CB  . PHE A 1 23 ? 5.154   -6.808  0.690   1.00 32.40  ? 22  PHE A CB  1 
ATOM   133 C  CG  . PHE A 1 23 ? 5.966   -6.056  -0.314  1.00 31.77  ? 22  PHE A CG  1 
ATOM   134 C  CD1 . PHE A 1 23 ? 7.085   -6.639  -0.909  1.00 32.61  ? 22  PHE A CD1 1 
ATOM   135 C  CD2 . PHE A 1 23 ? 5.627   -4.759  -0.668  1.00 30.67  ? 22  PHE A CD2 1 
ATOM   136 C  CE1 . PHE A 1 23 ? 7.840   -5.965  -1.838  1.00 36.82  ? 22  PHE A CE1 1 
ATOM   137 C  CE2 . PHE A 1 23 ? 6.365   -4.089  -1.637  1.00 34.14  ? 22  PHE A CE2 1 
ATOM   138 C  CZ  . PHE A 1 23 ? 7.477   -4.693  -2.214  1.00 32.72  ? 22  PHE A CZ  1 
ATOM   139 N  N   . LEU A 1 24 ? 5.610   -5.256  3.448   1.00 30.43  ? 23  LEU A N   1 
ATOM   140 C  CA  . LEU A 1 24 ? 5.984   -4.025  4.130   1.00 32.34  ? 23  LEU A CA  1 
ATOM   141 C  C   . LEU A 1 24 ? 6.741   -4.254  5.451   1.00 33.91  ? 23  LEU A C   1 
ATOM   142 O  O   . LEU A 1 24 ? 7.153   -3.307  6.108   1.00 34.26  ? 23  LEU A O   1 
ATOM   143 C  CB  . LEU A 1 24 ? 4.741   -3.187  4.412   1.00 31.06  ? 23  LEU A CB  1 
ATOM   144 C  CG  . LEU A 1 24 ? 4.020   -2.592  3.210   1.00 33.98  ? 23  LEU A CG  1 
ATOM   145 C  CD1 . LEU A 1 24 ? 2.823   -1.786  3.673   1.00 32.13  ? 23  LEU A CD1 1 
ATOM   146 C  CD2 . LEU A 1 24 ? 4.960   -1.732  2.347   1.00 33.92  ? 23  LEU A CD2 1 
ATOM   147 N  N   . GLY A 1 25 ? 6.949   -5.506  5.821   1.00 36.91  ? 24  GLY A N   1 
ATOM   148 C  CA  . GLY A 1 25 ? 7.679   -5.814  7.052   1.00 37.66  ? 24  GLY A CA  1 
ATOM   149 C  C   . GLY A 1 25 ? 9.023   -5.135  7.215   1.00 38.90  ? 24  GLY A C   1 
ATOM   150 O  O   . GLY A 1 25 ? 9.291   -4.534  8.261   1.00 42.20  ? 24  GLY A O   1 
ATOM   151 N  N   . ASP A 1 26 ? 9.851   -5.211  6.183   1.00 39.74  ? 25  ASP A N   1 
ATOM   152 C  CA  A ASP A 1 26 ? 11.209  -4.683  6.250   0.50 42.73  ? 25  ASP A CA  1 
ATOM   153 C  CA  B ASP A 1 26 ? 11.211  -4.674  6.209   0.50 42.48  ? 25  ASP A CA  1 
ATOM   154 C  C   . ASP A 1 26 ? 11.273  -3.154  6.302   1.00 42.12  ? 25  ASP A C   1 
ATOM   155 O  O   . ASP A 1 26 ? 12.059  -2.596  7.056   1.00 45.32  ? 25  ASP A O   1 
ATOM   156 C  CB  A ASP A 1 26 ? 12.050  -5.211  5.078   0.50 45.80  ? 25  ASP A CB  1 
ATOM   157 C  CB  B ASP A 1 26 ? 11.971  -5.103  4.949   0.50 45.43  ? 25  ASP A CB  1 
ATOM   158 C  CG  A ASP A 1 26 ? 12.336  -6.711  5.182   0.50 51.01  ? 25  ASP A CG  1 
ATOM   159 C  CG  B ASP A 1 26 ? 13.430  -4.684  4.981   0.50 49.26  ? 25  ASP A CG  1 
ATOM   160 O  OD1 A ASP A 1 26 ? 12.370  -7.255  6.314   0.50 51.89  ? 25  ASP A OD1 1 
ATOM   161 O  OD1 B ASP A 1 26 ? 14.138  -5.055  5.947   0.50 56.22  ? 25  ASP A OD1 1 
ATOM   162 O  OD2 A ASP A 1 26 ? 12.531  -7.344  4.123   0.50 59.11  ? 25  ASP A OD2 1 
ATOM   163 O  OD2 B ASP A 1 26 ? 13.872  -3.983  4.047   0.50 57.08  ? 25  ASP A OD2 1 
ATOM   164 N  N   . ARG A 1 27 ? 10.456  -2.473  5.513   1.00 38.29  ? 26  ARG A N   1 
ATOM   165 C  CA  . ARG A 1 27 ? 10.523  -1.028  5.437   1.00 36.29  ? 26  ARG A CA  1 
ATOM   166 C  C   . ARG A 1 27 ? 9.352   -0.512  4.633   1.00 34.73  ? 26  ARG A C   1 
ATOM   167 O  O   . ARG A 1 27 ? 8.729   -1.288  3.904   1.00 32.93  ? 26  ARG A O   1 
ATOM   168 C  CB  . ARG A 1 27 ? 11.816  -0.599  4.745   1.00 37.99  ? 26  ARG A CB  1 
ATOM   169 C  CG  . ARG A 1 27 ? 11.940  -1.067  3.308   1.00 38.01  ? 26  ARG A CG  1 
ATOM   170 C  CD  . ARG A 1 27 ? 13.274  -0.672  2.715   1.00 47.06  ? 26  ARG A CD  1 
ATOM   171 N  NE  . ARG A 1 27 ? 13.459  -1.329  1.422   1.00 54.45  ? 26  ARG A NE  1 
ATOM   172 C  CZ  . ARG A 1 27 ? 13.251  -0.776  0.228   1.00 64.99  ? 26  ARG A CZ  1 
ATOM   173 N  NH1 . ARG A 1 27 ? 12.860  0.501   0.097   1.00 68.28  ? 26  ARG A NH1 1 
ATOM   174 N  NH2 . ARG A 1 27 ? 13.452  -1.520  -0.859  1.00 70.26  ? 26  ARG A NH2 1 
ATOM   175 N  N   . PRO A 1 28 ? 9.075   0.801   4.712   1.00 32.03  ? 27  PRO A N   1 
ATOM   176 C  CA  . PRO A 1 28 ? 7.990   1.347   3.894   1.00 31.77  ? 27  PRO A CA  1 
ATOM   177 C  C   . PRO A 1 28 ? 8.214   1.191   2.388   1.00 33.29  ? 27  PRO A C   1 
ATOM   178 O  O   . PRO A 1 28 ? 9.364   1.182   1.938   1.00 33.54  ? 27  PRO A O   1 
ATOM   179 C  CB  . PRO A 1 28 ? 7.979   2.826   4.269   1.00 33.44  ? 27  PRO A CB  1 
ATOM   180 C  CG  . PRO A 1 28 ? 8.600   2.894   5.630   1.00 34.36  ? 27  PRO A CG  1 
ATOM   181 C  CD  . PRO A 1 28 ? 9.650   1.820   5.616   1.00 34.17  ? 27  PRO A CD  1 
ATOM   182 N  N   . ARG A 1 29 ? 7.125   1.076   1.623   1.00 31.83  ? 28  ARG A N   1 
ATOM   183 C  CA  . ARG A 1 29 ? 7.214   0.950   0.158   1.00 32.32  ? 28  ARG A CA  1 
ATOM   184 C  C   . ARG A 1 29 ? 6.135   1.792   -0.477  1.00 30.86  ? 28  ARG A C   1 
ATOM   185 O  O   . ARG A 1 29 ? 5.124   2.098   0.148   1.00 30.27  ? 28  ARG A O   1 
ATOM   186 C  CB  . ARG A 1 29 ? 7.029   -0.522  -0.291  1.00 34.07  ? 28  ARG A CB  1 
ATOM   187 C  CG  . ARG A 1 29 ? 8.022   -1.491  0.319   1.00 35.98  ? 28  ARG A CG  1 
ATOM   188 C  CD  . ARG A 1 29 ? 9.478   -1.147  -0.004  1.00 43.41  ? 28  ARG A CD  1 
ATOM   189 N  NE  . ARG A 1 29 ? 9.915   -1.762  -1.236  1.00 46.61  ? 28  ARG A NE  1 
ATOM   190 C  CZ  . ARG A 1 29 ? 10.414  -2.997  -1.329  1.00 47.63  ? 28  ARG A CZ  1 
ATOM   191 N  NH1 . ARG A 1 29 ? 10.534  -3.780  -0.263  1.00 50.40  ? 28  ARG A NH1 1 
ATOM   192 N  NH2 . ARG A 1 29 ? 10.766  -3.457  -2.514  1.00 51.99  ? 28  ARG A NH2 1 
ATOM   193 N  N   . ASN A 1 30 ? 6.336   2.178   -1.732  1.00 30.69  ? 29  ASN A N   1 
ATOM   194 C  CA  . ASN A 1 30 ? 5.348   2.996   -2.415  1.00 31.16  ? 29  ASN A CA  1 
ATOM   195 C  C   . ASN A 1 30 ? 4.298   2.140   -3.129  1.00 29.86  ? 29  ASN A C   1 
ATOM   196 O  O   . ASN A 1 30 ? 4.448   0.909   -3.264  1.00 31.14  ? 29  ASN A O   1 
ATOM   197 C  CB  . ASN A 1 30 ? 6.013   4.051   -3.343  1.00 32.64  ? 29  ASN A CB  1 
ATOM   198 C  CG  . ASN A 1 30 ? 6.643   3.454   -4.563  1.00 39.65  ? 29  ASN A CG  1 
ATOM   199 O  OD1 . ASN A 1 30 ? 6.051   2.614   -5.247  1.00 35.95  ? 29  ASN A OD1 1 
ATOM   200 N  ND2 . ASN A 1 30 ? 7.844   3.905   -4.873  1.00 42.86  ? 29  ASN A ND2 1 
ATOM   201 N  N   . THR A 1 31 ? 3.196   2.759   -3.510  1.00 30.86  ? 30  THR A N   1 
ATOM   202 C  CA  . THR A 1 31 ? 2.047   2.030   -4.034  1.00 32.22  ? 30  THR A CA  1 
ATOM   203 C  C   . THR A 1 31 ? 2.398   1.199   -5.275  1.00 32.59  ? 30  THR A C   1 
ATOM   204 O  O   . THR A 1 31 ? 1.901   0.079   -5.440  1.00 34.03  ? 30  THR A O   1 
ATOM   205 C  CB  . THR A 1 31 ? 0.867   2.977   -4.414  1.00 36.19  ? 30  THR A CB  1 
ATOM   206 O  OG1 . THR A 1 31 ? 0.488   3.778   -3.289  1.00 35.43  ? 30  THR A OG1 1 
ATOM   207 C  CG2 . THR A 1 31 ? -0.373  2.157   -4.842  1.00 37.15  ? 30  THR A CG2 1 
ATOM   208 N  N   . ALA A 1 32 ? 3.263   1.743   -6.113  1.00 33.07  ? 31  ALA A N   1 
ATOM   209 C  CA  . ALA A 1 32 ? 3.717   1.058   -7.327  1.00 33.85  ? 31  ALA A CA  1 
ATOM   210 C  C   . ALA A 1 32 ? 4.486   -0.220  -7.025  1.00 32.49  ? 31  ALA A C   1 
ATOM   211 O  O   . ALA A 1 32 ? 4.294   -1.253  -7.682  1.00 29.98  ? 31  ALA A O   1 
ATOM   212 C  CB  . ALA A 1 32 ? 4.590   2.027   -8.178  1.00 34.11  ? 31  ALA A CB  1 
ATOM   213 N  N   . GLU A 1 33 ? 5.426   -0.136  -6.081  1.00 30.68  ? 32  GLU A N   1 
ATOM   214 C  CA  . GLU A 1 33 ? 6.160   -1.305  -5.638  1.00 31.99  ? 32  GLU A CA  1 
ATOM   215 C  C   . GLU A 1 33 ? 5.223   -2.361  -5.034  1.00 29.14  ? 32  GLU A C   1 
ATOM   216 O  O   . GLU A 1 33 ? 5.380   -3.566  -5.272  1.00 30.43  ? 32  GLU A O   1 
ATOM   217 C  CB  . GLU A 1 33 ? 7.193   -0.914  -4.590  1.00 31.38  ? 32  GLU A CB  1 
ATOM   218 C  CG  . GLU A 1 33 ? 8.274   0.018   -5.049  1.00 37.70  ? 32  GLU A CG  1 
ATOM   219 C  CD  . GLU A 1 33 ? 9.210   0.333   -3.878  1.00 44.33  ? 32  GLU A CD  1 
ATOM   220 O  OE1 . GLU A 1 33 ? 8.806   1.119   -2.952  1.00 46.91  ? 32  GLU A OE1 1 
ATOM   221 O  OE2 . GLU A 1 33 ? 10.314  -0.261  -3.854  1.00 53.66  ? 32  GLU A OE2 1 
ATOM   222 N  N   . ILE A 1 34 ? 4.244   -1.927  -4.248  1.00 28.48  ? 33  ILE A N   1 
ATOM   223 C  CA  . ILE A 1 34 ? 3.296   -2.833  -3.626  1.00 29.04  ? 33  ILE A CA  1 
ATOM   224 C  C   . ILE A 1 34 ? 2.460   -3.532  -4.690  1.00 29.64  ? 33  ILE A C   1 
ATOM   225 O  O   . ILE A 1 34 ? 2.328   -4.760  -4.687  1.00 28.63  ? 33  ILE A O   1 
ATOM   226 C  CB  . ILE A 1 34 ? 2.378   -2.116  -2.594  1.00 28.79  ? 33  ILE A CB  1 
ATOM   227 C  CG1 . ILE A 1 34 ? 3.220   -1.497  -1.451  1.00 29.66  ? 33  ILE A CG1 1 
ATOM   228 C  CG2 . ILE A 1 34 ? 1.371   -3.102  -1.988  1.00 29.56  ? 33  ILE A CG2 1 
ATOM   229 C  CD1 . ILE A 1 34 ? 2.431   -0.528  -0.571  1.00 32.03  ? 33  ILE A CD1 1 
ATOM   230 N  N   . LEU A 1 35 ? 1.976   -2.759  -5.644  1.00 28.65  ? 34  LEU A N   1 
ATOM   231 C  CA  . LEU A 1 35 ? 1.183   -3.313  -6.742  1.00 29.44  ? 34  LEU A CA  1 
ATOM   232 C  C   . LEU A 1 35 ? 1.999   -4.320  -7.528  1.00 28.36  ? 34  LEU A C   1 
ATOM   233 O  O   . LEU A 1 35 ? 1.504   -5.396  -7.856  1.00 30.19  ? 34  LEU A O   1 
ATOM   234 C  CB  . LEU A 1 35 ? 0.718   -2.201  -7.692  1.00 29.46  ? 34  LEU A CB  1 
ATOM   235 C  CG  . LEU A 1 35 ? -0.293  -2.661  -8.768  1.00 29.58  ? 34  LEU A CG  1 
ATOM   236 C  CD1 . LEU A 1 35 ? -1.608  -3.148  -8.127  1.00 29.32  ? 34  LEU A CD1 1 
ATOM   237 C  CD2 . LEU A 1 35 ? -0.546  -1.522  -9.743  1.00 32.67  ? 34  LEU A CD2 1 
ATOM   238 N  N   . GLU A 1 36 ? 3.243   -3.989  -7.859  1.00 29.99  ? 35  GLU A N   1 
ATOM   239 C  CA  . GLU A 1 36 ? 4.047   -4.915  -8.633  1.00 30.07  ? 35  GLU A CA  1 
ATOM   240 C  C   . GLU A 1 36 ? 4.261   -6.224  -7.860  1.00 30.05  ? 35  GLU A C   1 
ATOM   241 O  O   . GLU A 1 36 ? 4.169   -7.313  -8.421  1.00 30.83  ? 35  GLU A O   1 
ATOM   242 C  CB  . GLU A 1 36 ? 5.385   -4.287  -9.058  1.00 29.53  ? 35  GLU A CB  1 
ATOM   243 C  CG  . GLU A 1 36 ? 6.214   -5.237  -9.947  1.00 32.43  ? 35  GLU A CG  1 
ATOM   244 C  CD  . GLU A 1 36 ? 7.509   -4.634  -10.521 1.00 37.10  ? 35  GLU A CD  1 
ATOM   245 O  OE1 . GLU A 1 36 ? 7.908   -3.534  -10.097 1.00 38.43  ? 35  GLU A OE1 1 
ATOM   246 O  OE2 . GLU A 1 36 ? 8.135   -5.313  -11.367 1.00 34.87  ? 35  GLU A OE2 1 
ATOM   247 N  N   . HIS A 1 37 ? 4.507   -6.124  -6.560  1.00 29.65  ? 36  HIS A N   1 
ATOM   248 C  CA  . HIS A 1 37 ? 4.710   -7.305  -5.730  1.00 30.70  ? 36  HIS A CA  1 
ATOM   249 C  C   . HIS A 1 37 ? 3.482   -8.172  -5.687  1.00 31.15  ? 36  HIS A C   1 
ATOM   250 O  O   . HIS A 1 37 ? 3.549   -9.376  -5.916  1.00 32.67  ? 36  HIS A O   1 
ATOM   251 C  CB  . HIS A 1 37 ? 5.078   -6.887  -4.298  1.00 31.60  ? 36  HIS A CB  1 
ATOM   252 C  CG  . HIS A 1 37 ? 5.223   -8.055  -3.395  1.00 34.48  ? 36  HIS A CG  1 
ATOM   253 N  ND1 . HIS A 1 37 ? 6.266   -8.941  -3.523  1.00 33.71  ? 36  HIS A ND1 1 
ATOM   254 C  CD2 . HIS A 1 37 ? 4.409   -8.552  -2.433  1.00 37.69  ? 36  HIS A CD2 1 
ATOM   255 C  CE1 . HIS A 1 37 ? 6.121   -9.907  -2.628  1.00 40.82  ? 36  HIS A CE1 1 
ATOM   256 N  NE2 . HIS A 1 37 ? 4.992   -9.707  -1.967  1.00 35.86  ? 36  HIS A NE2 1 
ATOM   257 N  N   . ILE A 1 38 ? 2.347   -7.580  -5.342  1.00 31.81  ? 37  ILE A N   1 
ATOM   258 C  CA  A ILE A 1 38 ? 1.051   -8.266  -5.260  0.50 32.45  ? 37  ILE A CA  1 
ATOM   259 C  CA  B ILE A 1 38 ? 1.144   -8.413  -5.216  0.50 33.59  ? 37  ILE A CA  1 
ATOM   260 C  C   . ILE A 1 38 ? 0.699   -8.965  -6.571  1.00 33.44  ? 37  ILE A C   1 
ATOM   261 O  O   . ILE A 1 38 ? 0.364   -10.151 -6.637  1.00 34.57  ? 37  ILE A O   1 
ATOM   262 C  CB  A ILE A 1 38 ? -0.056  -7.216  -4.931  0.50 31.90  ? 37  ILE A CB  1 
ATOM   263 C  CB  B ILE A 1 38 ? -0.028  -7.766  -4.416  0.50 34.11  ? 37  ILE A CB  1 
ATOM   264 C  CG1 A ILE A 1 38 ? 0.048   -6.748  -3.476  0.50 33.47  ? 37  ILE A CG1 1 
ATOM   265 C  CG1 B ILE A 1 38 ? -0.623  -6.575  -5.145  0.50 35.68  ? 37  ILE A CG1 1 
ATOM   266 C  CG2 A ILE A 1 38 ? -1.423  -7.761  -5.117  0.50 27.99  ? 37  ILE A CG2 1 
ATOM   267 C  CG2 B ILE A 1 38 ? 0.456   -7.358  -3.020  0.50 33.79  ? 37  ILE A CG2 1 
ATOM   268 C  CD1 A ILE A 1 38 ? -0.089  -7.871  -2.465  0.50 40.53  ? 37  ILE A CD1 1 
ATOM   269 C  CD1 B ILE A 1 38 ? -1.596  -5.787  -4.278  0.50 34.29  ? 37  ILE A CD1 1 
ATOM   270 N  N   . ASN A 1 39 ? 0.756   -8.189  -7.633  1.00 33.78  ? 38  ASN A N   1 
ATOM   271 C  CA  . ASN A 1 39 ? 0.373   -8.709  -8.926  1.00 31.97  ? 38  ASN A CA  1 
ATOM   272 C  C   . ASN A 1 39 ? 1.345   -9.768  -9.488  1.00 34.05  ? 38  ASN A C   1 
ATOM   273 O  O   . ASN A 1 39 ? 0.983   -10.507 -10.405 1.00 36.38  ? 38  ASN A O   1 
ATOM   274 C  CB  . ASN A 1 39 ? 0.165   -7.571  -9.922  1.00 31.96  ? 38  ASN A CB  1 
ATOM   275 C  CG  . ASN A 1 39 ? -1.162  -6.833  -9.713  1.00 30.84  ? 38  ASN A CG  1 
ATOM   276 O  OD1 . ASN A 1 39 ? -1.947  -7.197  -8.846  1.00 34.03  ? 38  ASN A OD1 1 
ATOM   277 N  ND2 . ASN A 1 39 ? -1.414  -5.803  -10.520 1.00 33.57  ? 38  ASN A ND2 1 
ATOM   278 N  N   . SER A 1 40 ? 2.564   -9.826  -8.958  1.00 33.41  ? 39  SER A N   1 
ATOM   279 C  CA  . SER A 1 40 ? 3.538   -10.843 -9.329  1.00 34.22  ? 39  SER A CA  1 
ATOM   280 C  C   . SER A 1 40 ? 3.306   -12.193 -8.684  1.00 32.92  ? 39  SER A C   1 
ATOM   281 O  O   . SER A 1 40 ? 3.930   -13.167 -9.098  1.00 34.19  ? 39  SER A O   1 
ATOM   282 C  CB  . SER A 1 40 ? 4.966   -10.369 -9.035  1.00 34.64  ? 39  SER A CB  1 
ATOM   283 O  OG  . SER A 1 40 ? 5.255   -10.515 -7.663  1.00 40.41  ? 39  SER A OG  1 
ATOM   284 N  N   . THR A 1 41 ? 2.403   -12.281 -7.706  1.00 33.61  ? 40  THR A N   1 
ATOM   285 C  CA  . THR A 1 41 ? 2.225   -13.504 -6.917  1.00 37.39  ? 40  THR A CA  1 
ATOM   286 C  C   . THR A 1 41 ? 0.782   -13.962 -6.765  1.00 38.04  ? 40  THR A C   1 
ATOM   287 O  O   . THR A 1 41 ? 0.471   -14.728 -5.845  1.00 40.11  ? 40  THR A O   1 
ATOM   288 C  CB  . THR A 1 41 ? 2.784   -13.268 -5.507  1.00 39.92  ? 40  THR A CB  1 
ATOM   289 O  OG1 . THR A 1 41 ? 2.057   -12.195 -4.883  1.00 45.54  ? 40  THR A OG1 1 
ATOM   290 C  CG2 . THR A 1 41 ? 4.270   -12.871 -5.599  1.00 46.92  ? 40  THR A CG2 1 
HETATM 291 N  N   . MSE A 1 42 ? -0.102  -13.480 -7.634  1.00 33.17  ? 41  MSE A N   1 
HETATM 292 C  CA  . MSE A 1 42 ? -1.521  -13.796 -7.621  1.00 33.72  ? 41  MSE A CA  1 
HETATM 293 C  C   . MSE A 1 42 ? -1.890  -14.030 -9.079  1.00 30.24  ? 41  MSE A C   1 
HETATM 294 O  O   . MSE A 1 42 ? -1.243  -13.461 -9.975  1.00 30.28  ? 41  MSE A O   1 
HETATM 295 C  CB  . MSE A 1 42 ? -2.324  -12.591 -7.123  1.00 34.89  ? 41  MSE A CB  1 
HETATM 296 C  CG  . MSE A 1 42 ? -2.091  -12.281 -5.715  1.00 43.91  ? 41  MSE A CG  1 
HETATM 297 SE SE  . MSE A 1 42 ? -3.304  -10.939 -5.187  0.75 41.00  ? 41  MSE A SE  1 
HETATM 298 C  CE  . MSE A 1 42 ? -2.581  -9.425  -6.113  1.00 58.42  ? 41  MSE A CE  1 
ATOM   299 N  N   . ARG A 1 43 ? -2.900  -14.849 -9.324  1.00 29.57  ? 42  ARG A N   1 
ATOM   300 C  CA  . ARG A 1 43 ? -3.333  -15.124 -10.708 1.00 25.75  ? 42  ARG A CA  1 
ATOM   301 C  C   . ARG A 1 43 ? -3.871  -13.868 -11.410 1.00 29.00  ? 42  ARG A C   1 
ATOM   302 O  O   . ARG A 1 43 ? -3.500  -13.588 -12.544 1.00 29.13  ? 42  ARG A O   1 
ATOM   303 C  CB  . ARG A 1 43 ? -4.400  -16.217 -10.737 1.00 27.91  ? 42  ARG A CB  1 
ATOM   304 C  CG  . ARG A 1 43 ? -4.892  -16.547 -12.097 1.00 26.62  ? 42  ARG A CG  1 
ATOM   305 C  CD  . ARG A 1 43 ? -3.778  -16.877 -13.086 1.00 23.63  ? 42  ARG A CD  1 
ATOM   306 N  NE  . ARG A 1 43 ? -4.273  -17.262 -14.405 1.00 23.02  ? 42  ARG A NE  1 
ATOM   307 C  CZ  . ARG A 1 43 ? -4.489  -16.394 -15.398 1.00 25.18  ? 42  ARG A CZ  1 
ATOM   308 N  NH1 . ARG A 1 43 ? -4.244  -15.118 -15.227 1.00 27.31  ? 42  ARG A NH1 1 
ATOM   309 N  NH2 . ARG A 1 43 ? -4.944  -16.805 -16.569 1.00 24.88  ? 42  ARG A NH2 1 
ATOM   310 N  N   . HIS A 1 44 ? -4.755  -13.134 -10.741 1.00 28.38  ? 43  HIS A N   1 
ATOM   311 C  CA  . HIS A 1 44 ? -5.455  -11.999 -11.368 1.00 29.64  ? 43  HIS A CA  1 
ATOM   312 C  C   . HIS A 1 44 ? -5.040  -10.668 -10.790 1.00 30.40  ? 43  HIS A C   1 
ATOM   313 O  O   . HIS A 1 44 ? -4.926  -9.691  -11.528 1.00 30.66  ? 43  HIS A O   1 
ATOM   314 C  CB  . HIS A 1 44 ? -6.957  -12.180 -11.278 1.00 30.48  ? 43  HIS A CB  1 
ATOM   315 C  CG  . HIS A 1 44 ? -7.440  -13.381 -12.028 1.00 25.02  ? 43  HIS A CG  1 
ATOM   316 N  ND1 . HIS A 1 44 ? -7.305  -13.494 -13.393 1.00 29.06  ? 43  HIS A ND1 1 
ATOM   317 C  CD2 . HIS A 1 44 ? -7.940  -14.566 -11.598 1.00 29.42  ? 43  HIS A CD2 1 
ATOM   318 C  CE1 . HIS A 1 44 ? -7.788  -14.664 -13.782 1.00 27.01  ? 43  HIS A CE1 1 
ATOM   319 N  NE2 . HIS A 1 44 ? -8.162  -15.339 -12.708 1.00 28.35  ? 43  HIS A NE2 1 
ATOM   320 N  N   . GLY A 1 45 ? -4.791  -10.637 -9.480  1.00 30.06  ? 44  GLY A N   1 
ATOM   321 C  CA  . GLY A 1 45 ? -4.239  -9.478  -8.834  1.00 30.26  ? 44  GLY A CA  1 
ATOM   322 C  C   . GLY A 1 45 ? -5.243  -8.342  -8.764  1.00 31.43  ? 44  GLY A C   1 
ATOM   323 O  O   . GLY A 1 45 ? -6.458  -8.574  -8.736  1.00 29.96  ? 44  GLY A O   1 
ATOM   324 N  N   . THR A 1 46 ? -4.727  -7.115  -8.780  1.00 32.57  ? 45  THR A N   1 
ATOM   325 C  CA  . THR A 1 46 ? -5.563  -5.941  -8.578  1.00 32.56  ? 45  THR A CA  1 
ATOM   326 C  C   . THR A 1 46 ? -5.096  -4.770  -9.439  1.00 32.64  ? 45  THR A C   1 
ATOM   327 O  O   . THR A 1 46 ? -4.206  -4.924  -10.296 1.00 31.38  ? 45  THR A O   1 
ATOM   328 C  CB  . THR A 1 46 ? -5.589  -5.595  -7.053  1.00 35.59  ? 45  THR A CB  1 
ATOM   329 O  OG1 . THR A 1 46 ? -6.613  -4.638  -6.766  1.00 41.18  ? 45  THR A OG1 1 
ATOM   330 C  CG2 . THR A 1 46 ? -4.232  -5.119  -6.562  1.00 32.98  ? 45  THR A CG2 1 
ATOM   331 N  N   . THR A 1 47 ? -5.736  -3.624  -9.252  1.00 31.96  ? 46  THR A N   1 
ATOM   332 C  CA  . THR A 1 47 ? -5.420  -2.409  -9.988  1.00 33.79  ? 46  THR A CA  1 
ATOM   333 C  C   . THR A 1 47 ? -4.886  -1.378  -9.019  1.00 33.16  ? 46  THR A C   1 
ATOM   334 O  O   . THR A 1 47 ? -5.076  -1.507  -7.801  1.00 30.96  ? 46  THR A O   1 
ATOM   335 C  CB  . THR A 1 47 ? -6.674  -1.819  -10.649 1.00 34.73  ? 46  THR A CB  1 
ATOM   336 O  OG1 . THR A 1 47 ? -7.619  -1.430  -9.653  1.00 34.69  ? 46  THR A OG1 1 
ATOM   337 C  CG2 . THR A 1 47 ? -7.341  -2.820  -11.607 1.00 38.32  ? 46  THR A CG2 1 
ATOM   338 N  N   . SER A 1 48 ? -4.245  -0.331  -9.534  1.00 32.81  ? 47  SER A N   1 
ATOM   339 C  CA  . SER A 1 48 ? -3.689  0.672   -8.613  1.00 32.94  ? 47  SER A CA  1 
ATOM   340 C  C   . SER A 1 48 ? -4.828  1.372   -7.880  1.00 33.67  ? 47  SER A C   1 
ATOM   341 O  O   . SER A 1 48 ? -4.695  1.698   -6.688  1.00 33.34  ? 47  SER A O   1 
ATOM   342 C  CB  . SER A 1 48 ? -2.805  1.675   -9.365  1.00 35.52  ? 47  SER A CB  1 
ATOM   343 O  OG  . SER A 1 48 ? -3.511  2.204   -10.464 1.00 40.31  ? 47  SER A OG  1 
ATOM   344 N  N   . GLN A 1 49 ? -5.973  1.558   -8.533  1.00 32.86  ? 48  GLN A N   1 
ATOM   345 C  CA  A GLN A 1 49 ? -7.114  2.214   -7.877  0.50 34.80  ? 48  GLN A CA  1 
ATOM   346 C  CA  B GLN A 1 49 ? -7.091  2.227   -7.857  0.50 34.03  ? 48  GLN A CA  1 
ATOM   347 C  C   . GLN A 1 49 ? -7.657  1.362   -6.731  1.00 33.74  ? 48  GLN A C   1 
ATOM   348 O  O   . GLN A 1 49 ? -7.848  1.839   -5.612  1.00 33.16  ? 48  GLN A O   1 
ATOM   349 C  CB  A GLN A 1 49 ? -8.234  2.499   -8.882  0.50 36.43  ? 48  GLN A CB  1 
ATOM   350 C  CB  B GLN A 1 49 ? -8.180  2.633   -8.850  0.50 36.10  ? 48  GLN A CB  1 
ATOM   351 C  CG  A GLN A 1 49 ? -9.408  3.272   -8.291  0.50 35.47  ? 48  GLN A CG  1 
ATOM   352 C  CG  B GLN A 1 49 ? -7.823  3.882   -9.635  0.50 36.82  ? 48  GLN A CG  1 
ATOM   353 C  CD  A GLN A 1 49 ? -10.367 3.780   -9.350  0.50 39.18  ? 48  GLN A CD  1 
ATOM   354 O  OE1 A GLN A 1 49 ? -10.620 3.112   -10.351 0.50 51.29  ? 48  GLN A OE1 1 
ATOM   355 N  NE2 A GLN A 1 49 ? -10.914 4.967   -9.125  0.50 45.69  ? 48  GLN A NE2 1 
ATOM   356 N  N   . GLN A 1 50 ? -7.889  0.093   -7.006  1.00 32.79  ? 49  GLN A N   1 
ATOM   357 C  CA  A GLN A 1 50 ? -8.383  -0.817  -5.980  0.50 32.76  ? 49  GLN A CA  1 
ATOM   358 C  CA  B GLN A 1 50 ? -8.377  -0.819  -5.981  0.50 31.78  ? 49  GLN A CA  1 
ATOM   359 C  C   . GLN A 1 50 ? -7.384  -0.958  -4.839  1.00 33.09  ? 49  GLN A C   1 
ATOM   360 O  O   . GLN A 1 50 ? -7.771  -0.997  -3.677  1.00 32.12  ? 49  GLN A O   1 
ATOM   361 C  CB  A GLN A 1 50 ? -8.718  -2.184  -6.579  0.50 32.62  ? 49  GLN A CB  1 
ATOM   362 C  CB  B GLN A 1 50 ? -8.664  -2.188  -6.577  0.50 31.91  ? 49  GLN A CB  1 
ATOM   363 C  CG  A GLN A 1 50 ? -9.980  -2.182  -7.452  0.50 31.33  ? 49  GLN A CG  1 
ATOM   364 C  CG  B GLN A 1 50 ? -9.103  -3.219  -5.561  0.50 33.94  ? 49  GLN A CG  1 
ATOM   365 C  CD  A GLN A 1 50 ? -10.170 -3.472  -8.230  0.50 38.17  ? 49  GLN A CD  1 
ATOM   366 O  OE1 A GLN A 1 50 ? -9.379  -3.805  -9.117  0.50 48.06  ? 49  GLN A OE1 1 
ATOM   367 N  NE2 A GLN A 1 50 ? -11.230 -4.199  -7.911  0.50 47.80  ? 49  GLN A NE2 1 
ATOM   368 N  N   . LEU A 1 51 ? -6.107  -1.027  -5.165  1.00 31.30  ? 50  LEU A N   1 
ATOM   369 C  CA  . LEU A 1 51 ? -5.062  -1.192  -4.126  1.00 29.68  ? 50  LEU A CA  1 
ATOM   370 C  C   . LEU A 1 51 ? -5.045  0.019   -3.189  1.00 30.68  ? 50  LEU A C   1 
ATOM   371 O  O   . LEU A 1 51 ? -4.937  -0.111  -1.951  1.00 29.32  ? 50  LEU A O   1 
ATOM   372 C  CB  . LEU A 1 51 ? -3.699  -1.421  -4.746  1.00 32.45  ? 50  LEU A CB  1 
ATOM   373 C  CG  . LEU A 1 51 ? -2.507  -1.474  -3.768  1.00 33.65  ? 50  LEU A CG  1 
ATOM   374 C  CD1 . LEU A 1 51 ? -2.694  -2.624  -2.772  1.00 33.97  ? 50  LEU A CD1 1 
ATOM   375 C  CD2 . LEU A 1 51 ? -1.165  -1.608  -4.507  1.00 32.24  ? 50  LEU A CD2 1 
ATOM   376 N  N   . GLY A 1 52 ? -5.190  1.208   -3.747  1.00 31.59  ? 51  GLY A N   1 
ATOM   377 C  CA  . GLY A 1 52 ? -5.249  2.411   -2.918  1.00 34.87  ? 51  GLY A CA  1 
ATOM   378 C  C   . GLY A 1 52 ? -6.373  2.340   -1.905  1.00 34.03  ? 51  GLY A C   1 
ATOM   379 O  O   . GLY A 1 52 ? -6.196  2.734   -0.750  1.00 34.70  ? 51  GLY A O   1 
ATOM   380 N  N   . ASN A 1 53 ? -7.540  1.840   -2.335  1.00 33.91  ? 52  ASN A N   1 
ATOM   381 C  CA  . ASN A 1 53 ? -8.662  1.654   -1.430  1.00 34.96  ? 52  ASN A CA  1 
ATOM   382 C  C   . ASN A 1 53 ? -8.354  0.638   -0.328  1.00 32.84  ? 52  ASN A C   1 
ATOM   383 O  O   . ASN A 1 53 ? -8.645  0.882   0.853   1.00 34.00  ? 52  ASN A O   1 
ATOM   384 C  CB  . ASN A 1 53 ? -9.917  1.227   -2.202  1.00 37.04  ? 52  ASN A CB  1 
ATOM   385 C  CG  . ASN A 1 53 ? -10.459 2.347   -3.082  1.00 49.02  ? 52  ASN A CG  1 
ATOM   386 O  OD1 . ASN A 1 53 ? -10.190 3.524   -2.826  1.00 53.13  ? 52  ASN A OD1 1 
ATOM   387 N  ND2 . ASN A 1 53 ? -11.211 1.986   -4.134  1.00 49.39  ? 52  ASN A ND2 1 
ATOM   388 N  N   . VAL A 1 54 ? -7.767  -0.487  -0.713  1.00 31.71  ? 53  VAL A N   1 
ATOM   389 C  CA  . VAL A 1 54 ? -7.423  -1.529  0.230   1.00 30.59  ? 53  VAL A CA  1 
ATOM   390 C  C   . VAL A 1 54 ? -6.453  -0.995  1.274   1.00 31.03  ? 53  VAL A C   1 
ATOM   391 O  O   . VAL A 1 54 ? -6.594  -1.253  2.474   1.00 34.16  ? 53  VAL A O   1 
ATOM   392 C  CB  . VAL A 1 54 ? -6.778  -2.746  -0.473  1.00 31.30  ? 53  VAL A CB  1 
ATOM   393 C  CG1 . VAL A 1 54 ? -6.163  -3.722  0.572   1.00 33.98  ? 53  VAL A CG1 1 
ATOM   394 C  CG2 . VAL A 1 54 ? -7.810  -3.434  -1.377  1.00 33.56  ? 53  VAL A CG2 1 
ATOM   395 N  N   . LEU A 1 55 ? -5.445  -0.276  0.818   1.00 29.27  ? 54  LEU A N   1 
ATOM   396 C  CA  . LEU A 1 55 ? -4.417  0.258   1.723   1.00 29.96  ? 54  LEU A CA  1 
ATOM   397 C  C   . LEU A 1 55 ? -5.012  1.261   2.690   1.00 31.21  ? 54  LEU A C   1 
ATOM   398 O  O   . LEU A 1 55 ? -4.673  1.257   3.877   1.00 30.95  ? 54  LEU A O   1 
ATOM   399 C  CB  . LEU A 1 55 ? -3.281  0.911   0.911   1.00 29.14  ? 54  LEU A CB  1 
ATOM   400 C  CG  . LEU A 1 55 ? -2.376  -0.022  0.097   1.00 29.63  ? 54  LEU A CG  1 
ATOM   401 C  CD1 . LEU A 1 55 ? -1.492  0.811   -0.884  1.00 29.06  ? 54  LEU A CD1 1 
ATOM   402 C  CD2 . LEU A 1 55 ? -1.526  -0.873  0.986   1.00 29.97  ? 54  LEU A CD2 1 
ATOM   403 N  N   . SER A 1 56 ? -5.894  2.125   2.192   1.00 30.29  ? 55  SER A N   1 
ATOM   404 C  CA  . SER A 1 56 ? -6.557  3.144   3.049   1.00 34.03  ? 55  SER A CA  1 
ATOM   405 C  C   . SER A 1 56 ? -7.472  2.520   4.063   1.00 34.37  ? 55  SER A C   1 
ATOM   406 O  O   . SER A 1 56 ? -7.505  2.948   5.243   1.00 37.93  ? 55  SER A O   1 
ATOM   407 C  CB  . SER A 1 56 ? -7.378  4.108   2.193   1.00 35.13  ? 55  SER A CB  1 
ATOM   408 O  OG  . SER A 1 56 ? -6.514  4.895   1.421   1.00 47.63  ? 55  SER A OG  1 
ATOM   409 N  N   . LYS A 1 57 ? -8.211  1.502   3.637   1.00 32.82  ? 56  LYS A N   1 
ATOM   410 C  CA  A LYS A 1 57 ? -9.195  0.837   4.484   0.50 34.88  ? 56  LYS A CA  1 
ATOM   411 C  CA  B LYS A 1 57 ? -9.187  0.844   4.495   0.50 33.98  ? 56  LYS A CA  1 
ATOM   412 C  C   . LYS A 1 57 ? -8.565  -0.066  5.554   1.00 33.98  ? 56  LYS A C   1 
ATOM   413 O  O   . LYS A 1 57 ? -9.146  -0.278  6.614   1.00 32.95  ? 56  LYS A O   1 
ATOM   414 C  CB  A LYS A 1 57 ? -10.181 0.023   3.634   0.50 36.83  ? 56  LYS A CB  1 
ATOM   415 C  CB  B LYS A 1 57 ? -10.172 0.039   3.655   0.50 35.57  ? 56  LYS A CB  1 
ATOM   416 C  CG  A LYS A 1 57 ? -11.199 -0.745  4.468   0.50 39.09  ? 56  LYS A CG  1 
ATOM   417 C  CG  B LYS A 1 57 ? -11.161 0.901   2.906   0.50 34.12  ? 56  LYS A CG  1 
ATOM   418 C  CD  A LYS A 1 57 ? -12.420 -1.212  3.699   0.50 38.46  ? 56  LYS A CD  1 
ATOM   419 C  CD  B LYS A 1 57 ? -12.014 0.053   1.988   0.50 36.46  ? 56  LYS A CD  1 
ATOM   420 C  CE  A LYS A 1 57 ? -13.420 -1.821  4.683   0.50 43.16  ? 56  LYS A CE  1 
ATOM   421 N  NZ  A LYS A 1 57 ? -14.396 -2.714  4.009   0.50 51.49  ? 56  LYS A NZ  1 
ATOM   422 N  N   . ASP A 1 58 ? -7.388  -0.609  5.276   1.00 32.03  ? 57  ASP A N   1 
ATOM   423 C  CA  . ASP A 1 58 ? -6.727  -1.492  6.224   1.00 31.56  ? 57  ASP A CA  1 
ATOM   424 C  C   . ASP A 1 58 ? -6.032  -0.638  7.258   1.00 29.92  ? 57  ASP A C   1 
ATOM   425 O  O   . ASP A 1 58 ? -5.042  0.008   6.962   1.00 32.51  ? 57  ASP A O   1 
ATOM   426 C  CB  . ASP A 1 58 ? -5.721  -2.409  5.539   1.00 30.76  ? 57  ASP A CB  1 
ATOM   427 C  CG  . ASP A 1 58 ? -5.145  -3.439  6.484   1.00 36.28  ? 57  ASP A CG  1 
ATOM   428 O  OD1 . ASP A 1 58 ? -5.133  -3.195  7.717   1.00 33.48  ? 57  ASP A OD1 1 
ATOM   429 O  OD2 . ASP A 1 58 ? -4.697  -4.514  6.027   1.00 41.75  ? 57  ASP A OD2 1 
ATOM   430 N  N   . LYS A 1 59 ? -6.501  -0.689  8.498   1.00 28.30  ? 58  LYS A N   1 
ATOM   431 C  CA  . LYS A 1 59 ? -5.926  0.143   9.553   1.00 28.13  ? 58  LYS A CA  1 
ATOM   432 C  C   . LYS A 1 59 ? -4.532  -0.275  10.038  1.00 28.28  ? 58  LYS A C   1 
ATOM   433 O  O   . LYS A 1 59 ? -3.889  0.447   10.798  1.00 29.89  ? 58  LYS A O   1 
ATOM   434 C  CB  . LYS A 1 59 ? -6.932  0.266   10.714  1.00 30.23  ? 58  LYS A CB  1 
ATOM   435 C  CG  . LYS A 1 59 ? -8.343  0.817   10.272  1.00 36.34  ? 58  LYS A CG  1 
ATOM   436 C  CD  . LYS A 1 59 ? -8.286  2.134   9.419   1.00 41.32  ? 58  LYS A CD  1 
ATOM   437 C  CE  . LYS A 1 59 ? -9.521  2.357   8.478   1.00 48.18  ? 58  LYS A CE  1 
ATOM   438 N  NZ  . LYS A 1 59 ? -9.338  3.468   7.402   1.00 41.26  ? 58  LYS A NZ  1 
ATOM   439 N  N   . ASP A 1 60 ? -4.084  -1.455  9.640   1.00 25.84  ? 59  ASP A N   1 
ATOM   440 C  CA  . ASP A 1 60 ? -2.740  -1.935  9.977   1.00 29.45  ? 59  ASP A CA  1 
ATOM   441 C  C   . ASP A 1 60 ? -1.693  -1.383  9.044   1.00 28.62  ? 59  ASP A C   1 
ATOM   442 O  O   . ASP A 1 60 ? -0.508  -1.555  9.286   1.00 28.35  ? 59  ASP A O   1 
ATOM   443 C  CB  . ASP A 1 60 ? -2.660  -3.464  9.902   1.00 30.59  ? 59  ASP A CB  1 
ATOM   444 C  CG  . ASP A 1 60 ? -3.677  -4.162  10.761  1.00 31.71  ? 59  ASP A CG  1 
ATOM   445 O  OD1 . ASP A 1 60 ? -4.264  -3.571  11.725  1.00 31.16  ? 59  ASP A OD1 1 
ATOM   446 O  OD2 . ASP A 1 60 ? -3.888  -5.365  10.484  1.00 34.98  ? 59  ASP A OD2 1 
ATOM   447 N  N   . ILE A 1 61 ? -2.127  -0.729  7.976   1.00 30.71  ? 60  ILE A N   1 
ATOM   448 C  CA  . ILE A 1 61 ? -1.211  -0.238  6.953   1.00 32.89  ? 60  ILE A CA  1 
ATOM   449 C  C   . ILE A 1 61 ? -1.455  1.243   6.840   1.00 35.48  ? 60  ILE A C   1 
ATOM   450 O  O   . ILE A 1 61 ? -2.544  1.644   6.397   1.00 37.34  ? 60  ILE A O   1 
ATOM   451 C  CB  . ILE A 1 61 ? -1.439  -0.914  5.604   1.00 31.23  ? 60  ILE A CB  1 
ATOM   452 C  CG1 . ILE A 1 61 ? -1.190  -2.410  5.650   1.00 35.82  ? 60  ILE A CG1 1 
ATOM   453 C  CG2 . ILE A 1 61 ? -0.450  -0.338  4.496   1.00 31.76  ? 60  ILE A CG2 1 
ATOM   454 C  CD1 . ILE A 1 61 ? -1.858  -3.167  4.495   1.00 38.02  ? 60  ILE A CD1 1 
ATOM   455 N  N   . VAL A 1 62 ? -0.448  2.034   7.245   1.00 31.35  ? 61  VAL A N   1 
ATOM   456 C  CA  . VAL A 1 62 ? -0.578  3.486   7.395   1.00 32.90  ? 61  VAL A CA  1 
ATOM   457 C  C   . VAL A 1 62 ? 0.198   4.287   6.333   1.00 30.67  ? 61  VAL A C   1 
ATOM   458 O  O   . VAL A 1 62 ? 1.263   3.885   5.907   1.00 28.74  ? 61  VAL A O   1 
ATOM   459 C  CB  . VAL A 1 62 ? -0.130  3.962   8.754   1.00 34.75  ? 61  VAL A CB  1 
ATOM   460 C  CG1 . VAL A 1 62 ? -0.973  3.290   9.867   1.00 37.42  ? 61  VAL A CG1 1 
ATOM   461 C  CG2 . VAL A 1 62 ? 1.325   3.695   8.989   1.00 31.96  ? 61  VAL A CG2 1 
ATOM   462 N  N   . LYS A 1 63 ? -0.354  5.417   5.903   1.00 30.30  ? 62  LYS A N   1 
ATOM   463 C  CA  . LYS A 1 63 ? 0.317   6.232   4.880   1.00 30.74  ? 62  LYS A CA  1 
ATOM   464 C  C   . LYS A 1 63 ? 1.359   7.115   5.551   1.00 30.36  ? 62  LYS A C   1 
ATOM   465 O  O   . LYS A 1 63 ? 1.023   7.888   6.464   1.00 33.61  ? 62  LYS A O   1 
ATOM   466 C  CB  . LYS A 1 63 ? -0.704  7.119   4.184   1.00 31.04  ? 62  LYS A CB  1 
ATOM   467 C  CG  . LYS A 1 63 ? -0.195  7.728   2.895   1.00 31.91  ? 62  LYS A CG  1 
ATOM   468 C  CD  . LYS A 1 63 ? -1.096  8.846   2.429   1.00 38.49  ? 62  LYS A CD  1 
ATOM   469 C  CE  . LYS A 1 63 ? -2.132  8.430   1.440   1.00 50.79  ? 62  LYS A CE  1 
ATOM   470 N  NZ  . LYS A 1 63 ? -1.679  8.305   0.053   1.00 48.06  ? 62  LYS A NZ  1 
ATOM   471 N  N   . VAL A 1 64 ? 2.618   6.986   5.144   1.00 28.89  ? 63  VAL A N   1 
ATOM   472 C  CA  . VAL A 1 64 ? 3.711   7.689   5.790   1.00 27.50  ? 63  VAL A CA  1 
ATOM   473 C  C   . VAL A 1 64 ? 4.333   8.792   4.935   1.00 27.45  ? 63  VAL A C   1 
ATOM   474 O  O   . VAL A 1 64 ? 5.159   9.547   5.415   1.00 28.23  ? 63  VAL A O   1 
ATOM   475 C  CB  . VAL A 1 64 ? 4.824   6.726   6.245   1.00 30.73  ? 63  VAL A CB  1 
ATOM   476 C  CG1 . VAL A 1 64 ? 4.268   5.766   7.334   1.00 30.15  ? 63  VAL A CG1 1 
ATOM   477 C  CG2 . VAL A 1 64 ? 5.391   5.955   5.106   1.00 30.90  ? 63  VAL A CG2 1 
ATOM   478 N  N   . GLY A 1 65 ? 3.915   8.875   3.694   1.00 27.98  ? 64  GLY A N   1 
ATOM   479 C  CA  . GLY A 1 65 ? 4.408   9.919   2.806   1.00 28.73  ? 64  GLY A CA  1 
ATOM   480 C  C   . GLY A 1 65 ? 3.699   9.957   1.492   1.00 27.60  ? 64  GLY A C   1 
ATOM   481 O  O   . GLY A 1 65 ? 2.994   9.022   1.118   1.00 27.16  ? 64  GLY A O   1 
ATOM   482 N  N   . TYR A 1 66 ? 3.919   11.064  0.782   1.00 26.02  ? 65  TYR A N   1 
ATOM   483 C  CA  A TYR A 1 66 ? 3.211   11.390  -0.423  0.50 27.03  ? 65  TYR A CA  1 
ATOM   484 C  CA  B TYR A 1 66 ? 3.413   11.187  -0.566  0.50 27.51  ? 65  TYR A CA  1 
ATOM   485 C  C   . TYR A 1 66 ? 4.086   12.312  -1.286  1.00 25.87  ? 65  TYR A C   1 
ATOM   486 O  O   . TYR A 1 66 ? 4.669   13.220  -0.689  1.00 24.84  ? 65  TYR A O   1 
ATOM   487 C  CB  A TYR A 1 66 ? 1.985   12.146  0.095   0.50 27.48  ? 65  TYR A CB  1 
ATOM   488 C  CB  B TYR A 1 66 ? 1.881   11.329  -0.686  0.50 29.69  ? 65  TYR A CB  1 
ATOM   489 C  CG  A TYR A 1 66 ? 1.010   12.710  -0.895  0.50 30.84  ? 65  TYR A CG  1 
ATOM   490 C  CG  B TYR A 1 66 ? 1.258   12.623  -0.185  0.50 30.67  ? 65  TYR A CG  1 
ATOM   491 C  CD1 A TYR A 1 66 ? 0.988   14.067  -1.166  0.50 33.26  ? 65  TYR A CD1 1 
ATOM   492 C  CD1 B TYR A 1 66 ? 1.409   13.825  -0.877  0.50 31.98  ? 65  TYR A CD1 1 
ATOM   493 C  CD2 A TYR A 1 66 ? 0.057   11.899  -1.503  0.50 33.91  ? 65  TYR A CD2 1 
ATOM   494 C  CD2 B TYR A 1 66 ? 0.471   12.622  0.957   0.50 35.62  ? 65  TYR A CD2 1 
ATOM   495 C  CE1 A TYR A 1 66 ? 0.067   14.604  -2.045  0.50 35.91  ? 65  TYR A CE1 1 
ATOM   496 C  CE1 B TYR A 1 66 ? 0.825   14.995  -0.410  0.50 32.07  ? 65  TYR A CE1 1 
ATOM   497 C  CE2 A TYR A 1 66 ? -0.877  12.433  -2.390  0.50 37.16  ? 65  TYR A CE2 1 
ATOM   498 C  CE2 B TYR A 1 66 ? -0.124  13.775  1.419   0.50 37.62  ? 65  TYR A CE2 1 
ATOM   499 C  CZ  A TYR A 1 66 ? -0.859  13.785  -2.647  0.50 35.17  ? 65  TYR A CZ  1 
ATOM   500 C  CZ  B TYR A 1 66 ? 0.052   14.951  0.740   0.50 35.25  ? 65  TYR A CZ  1 
ATOM   501 O  OH  A TYR A 1 66 ? -1.755  14.333  -3.527  0.50 42.04  ? 65  TYR A OH  1 
ATOM   502 O  OH  B TYR A 1 66 ? -0.551  16.075  1.227   0.50 38.61  ? 65  TYR A OH  1 
ATOM   503 N  N   . ILE A 1 67 ? 4.062   12.130  -2.601  1.00 28.87  ? 66  ILE A N   1 
ATOM   504 C  CA  . ILE A 1 67 ? 4.507   13.117  -3.583  1.00 27.58  ? 66  ILE A CA  1 
ATOM   505 C  C   . ILE A 1 67 ? 3.396   13.245  -4.597  1.00 27.56  ? 66  ILE A C   1 
ATOM   506 O  O   . ILE A 1 67 ? 2.919   12.251  -5.132  1.00 29.22  ? 66  ILE A O   1 
ATOM   507 C  CB  . ILE A 1 67 ? 5.790   12.675  -4.306  1.00 29.62  ? 66  ILE A CB  1 
ATOM   508 C  CG1 . ILE A 1 67 ? 6.952   12.566  -3.322  1.00 33.80  ? 66  ILE A CG1 1 
ATOM   509 C  CG2 . ILE A 1 67 ? 6.214   13.671  -5.414  1.00 29.79  ? 66  ILE A CG2 1 
ATOM   510 C  CD1 . ILE A 1 67 ? 8.095   11.767  -3.883  1.00 36.31  ? 66  ILE A CD1 1 
ATOM   511 N  N   . LYS A 1 68 ? 2.988   14.469  -4.867  1.00 30.34  ? 67  LYS A N   1 
ATOM   512 C  CA  . LYS A 1 68 ? 2.071   14.749  -5.947  1.00 31.53  ? 67  LYS A CA  1 
ATOM   513 C  C   . LYS A 1 68 ? 2.853   15.565  -6.967  1.00 27.42  ? 67  LYS A C   1 
ATOM   514 O  O   . LYS A 1 68 ? 3.524   16.522  -6.594  1.00 26.81  ? 67  LYS A O   1 
ATOM   515 C  CB  . LYS A 1 68 ? 0.893   15.552  -5.423  1.00 31.78  ? 67  LYS A CB  1 
ATOM   516 C  CG  . LYS A 1 68 ? -0.183  15.892  -6.463  1.00 43.13  ? 67  LYS A CG  1 
ATOM   517 C  CD  . LYS A 1 68 ? -1.285  16.790  -5.829  1.00 43.41  ? 67  LYS A CD  1 
ATOM   518 C  CE  . LYS A 1 68 ? -2.458  17.045  -6.772  1.00 49.88  ? 67  LYS A CE  1 
ATOM   519 N  NZ  . LYS A 1 68 ? -1.995  17.567  -8.084  1.00 59.16  ? 67  LYS A NZ  1 
ATOM   520 N  N   . ARG A 1 69 ? 2.765   15.168  -8.219  1.00 26.64  ? 68  ARG A N   1 
ATOM   521 C  CA  . ARG A 1 69 ? 3.385   15.903  -9.298  1.00 28.09  ? 68  ARG A CA  1 
ATOM   522 C  C   . ARG A 1 69 ? 2.301   16.374  -10.230 1.00 28.57  ? 68  ARG A C   1 
ATOM   523 O  O   . ARG A 1 69 ? 1.379   15.623  -10.556 1.00 30.17  ? 68  ARG A O   1 
ATOM   524 C  CB  . ARG A 1 69 ? 4.375   15.017  -10.053 1.00 31.71  ? 68  ARG A CB  1 
ATOM   525 C  CG  . ARG A 1 69 ? 4.926   15.591  -11.340 1.00 31.00  ? 68  ARG A CG  1 
ATOM   526 C  CD  . ARG A 1 69 ? 5.733   16.819  -11.121 1.00 29.87  ? 68  ARG A CD  1 
ATOM   527 N  NE  . ARG A 1 69 ? 5.953   17.553  -12.351 1.00 26.00  ? 68  ARG A NE  1 
ATOM   528 C  CZ  . ARG A 1 69 ? 6.595   18.708  -12.425 1.00 27.05  ? 68  ARG A CZ  1 
ATOM   529 N  NH1 . ARG A 1 69 ? 7.068   19.268  -11.330 1.00 27.43  ? 68  ARG A NH1 1 
ATOM   530 N  NH2 . ARG A 1 69 ? 6.742   19.294  -13.587 1.00 32.09  ? 68  ARG A NH2 1 
ATOM   531 N  N   . SER A 1 70 ? 2.458   17.597  -10.697 1.00 27.97  ? 69  SER A N   1 
ATOM   532 C  CA  . SER A 1 70 ? 1.628   18.124  -11.760 1.00 29.15  ? 69  SER A CA  1 
ATOM   533 C  C   . SER A 1 70 ? 2.474   19.013  -12.664 1.00 26.66  ? 69  SER A C   1 
ATOM   534 O  O   . SER A 1 70 ? 3.347   19.719  -12.211 1.00 26.32  ? 69  SER A O   1 
ATOM   535 C  CB  . SER A 1 70 ? 0.501   18.913  -11.135 1.00 31.23  ? 69  SER A CB  1 
ATOM   536 O  OG  . SER A 1 70 ? -0.313  19.490  -12.137 1.00 42.26  ? 69  SER A OG  1 
ATOM   537 N  N   . GLY A 1 71 ? 2.210   18.984  -13.948 1.00 24.57  ? 70  GLY A N   1 
ATOM   538 C  CA  . GLY A 1 71 ? 2.952   19.814  -14.875 1.00 24.00  ? 70  GLY A CA  1 
ATOM   539 C  C   . GLY A 1 71 ? 2.283   19.882  -16.223 1.00 26.80  ? 70  GLY A C   1 
ATOM   540 O  O   . GLY A 1 71 ? 1.563   18.959  -16.600 1.00 27.69  ? 70  GLY A O   1 
ATOM   541 N  N   . ILE A 1 72 ? 2.516   20.970  -16.924 1.00 24.89  ? 71  ILE A N   1 
ATOM   542 C  CA  . ILE A 1 72 ? 1.876   21.147  -18.246 1.00 34.42  ? 71  ILE A CA  1 
ATOM   543 C  C   . ILE A 1 72 ? 2.379   20.060  -19.219 1.00 35.36  ? 71  ILE A C   1 
ATOM   544 O  O   . ILE A 1 72 ? 1.681   19.694  -20.162 1.00 38.03  ? 71  ILE A O   1 
ATOM   545 C  CB  . ILE A 1 72 ? 1.926   22.589  -18.752 1.00 33.27  ? 71  ILE A CB  1 
ATOM   546 C  CG1 . ILE A 1 72 ? 3.337   23.093  -18.995 1.00 35.85  ? 71  ILE A CG1 1 
ATOM   547 C  CG2 . ILE A 1 72 ? 1.222   23.502  -17.779 1.00 35.93  ? 71  ILE A CG2 1 
ATOM   548 C  CD1 . ILE A 1 72 ? 3.347   24.389  -19.772 1.00 33.14  ? 71  ILE A CD1 1 
ATOM   549 N  N   . LEU A 1 73 ? 3.547   19.487  -18.920 1.00 42.19  ? 72  LEU A N   1 
ATOM   550 C  CA  . LEU A 1 73 ? 4.071   18.317  -19.638 1.00 45.27  ? 72  LEU A CA  1 
ATOM   551 C  C   . LEU A 1 73 ? 3.863   17.018  -18.848 1.00 48.16  ? 72  LEU A C   1 
ATOM   552 O  O   . LEU A 1 73 ? 3.385   16.028  -19.397 1.00 50.99  ? 72  LEU A O   1 
ATOM   553 C  CB  . LEU A 1 73 ? 5.560   18.542  -19.955 1.00 49.09  ? 72  LEU A CB  1 
ATOM   554 C  CG  . LEU A 1 73 ? 6.187   17.763  -21.116 1.00 46.23  ? 72  LEU A CG  1 
ATOM   555 C  CD1 . LEU A 1 73 ? 7.455   18.423  -21.568 1.00 48.27  ? 72  LEU A CD1 1 
ATOM   556 C  CD2 . LEU A 1 73 ? 6.463   16.324  -20.668 1.00 53.70  ? 72  LEU A CD2 1 
ATOM   557 N  N   . SER A 1 74 ? 4.203   17.027  -17.554 1.00 47.76  ? 73  SER A N   1 
ATOM   558 C  CA  . SER A 1 74 ? 4.014   15.853  -16.676 1.00 48.27  ? 73  SER A CA  1 
ATOM   559 C  C   . SER A 1 74 ? 2.621   15.244  -16.710 1.00 48.55  ? 73  SER A C   1 
ATOM   560 O  O   . SER A 1 74 ? 2.474   14.051  -16.469 1.00 51.13  ? 73  SER A O   1 
ATOM   561 C  CB  . SER A 1 74 ? 4.269   16.207  -15.187 1.00 45.99  ? 73  SER A CB  1 
ATOM   562 O  OG  . SER A 1 74 ? 5.629   16.274  -14.899 1.00 49.34  ? 73  SER A OG  1 
ATOM   563 N  N   . GLY A 1 75 ? 1.599   16.067  -16.947 1.00 45.98  ? 74  GLY A N   1 
ATOM   564 C  CA  . GLY A 1 75 ? 0.269   15.754  -16.449 1.00 43.37  ? 74  GLY A CA  1 
ATOM   565 C  C   . GLY A 1 75 ? 0.392   15.593  -14.928 1.00 41.54  ? 74  GLY A C   1 
ATOM   566 O  O   . GLY A 1 75 ? 1.366   16.045  -14.317 1.00 42.93  ? 74  GLY A O   1 
ATOM   567 N  N   . GLY A 1 76 ? -0.557  14.905  -14.314 1.00 37.27  ? 75  GLY A N   1 
ATOM   568 C  CA  . GLY A 1 76 ? -0.572  14.772  -12.864 1.00 37.28  ? 75  GLY A CA  1 
ATOM   569 C  C   . GLY A 1 76 ? -0.522  13.321  -12.413 1.00 38.03  ? 75  GLY A C   1 
ATOM   570 O  O   . GLY A 1 76 ? -1.090  12.444  -13.053 1.00 39.20  ? 75  GLY A O   1 
ATOM   571 N  N   . TYR A 1 77 ? 0.168   13.061  -11.312 1.00 32.71  ? 76  TYR A N   1 
ATOM   572 C  CA  . TYR A 1 77 ? 0.120   11.768  -10.676 1.00 30.72  ? 76  TYR A CA  1 
ATOM   573 C  C   . TYR A 1 77 ? 0.579   11.902  -9.232  1.00 28.87  ? 76  TYR A C   1 
ATOM   574 O  O   . TYR A 1 77 ? 1.156   12.928  -8.854  1.00 28.59  ? 76  TYR A O   1 
ATOM   575 C  CB  . TYR A 1 77 ? 0.999   10.772  -11.407 1.00 32.13  ? 76  TYR A CB  1 
ATOM   576 C  CG  . TYR A 1 77 ? 2.449   11.153  -11.535 1.00 29.98  ? 76  TYR A CG  1 
ATOM   577 C  CD1 . TYR A 1 77 ? 3.368   10.847  -10.552 1.00 34.71  ? 76  TYR A CD1 1 
ATOM   578 C  CD2 . TYR A 1 77 ? 2.906   11.793  -12.678 1.00 35.39  ? 76  TYR A CD2 1 
ATOM   579 C  CE1 . TYR A 1 77 ? 4.699   11.176  -10.706 1.00 35.71  ? 76  TYR A CE1 1 
ATOM   580 C  CE2 . TYR A 1 77 ? 4.212   12.146  -12.828 1.00 33.05  ? 76  TYR A CE2 1 
ATOM   581 C  CZ  . TYR A 1 77 ? 5.109   11.822  -11.861 1.00 33.83  ? 76  TYR A CZ  1 
ATOM   582 O  OH  . TYR A 1 77 ? 6.407   12.192  -12.084 1.00 41.52  ? 76  TYR A OH  1 
ATOM   583 N  N   . ASP A 1 78 ? 0.245   10.897  -8.425  1.00 29.71  ? 77  ASP A N   1 
ATOM   584 C  CA  . ASP A 1 78 ? 0.628   10.852  -7.018  1.00 33.30  ? 77  ASP A CA  1 
ATOM   585 C  C   . ASP A 1 78 ? 1.423   9.589   -6.783  1.00 33.95  ? 77  ASP A C   1 
ATOM   586 O  O   . ASP A 1 78 ? 1.214   8.595   -7.465  1.00 35.10  ? 77  ASP A O   1 
ATOM   587 C  CB  . ASP A 1 78 ? -0.598  10.708  -6.098  1.00 38.18  ? 77  ASP A CB  1 
ATOM   588 C  CG  . ASP A 1 78 ? -1.534  11.855  -6.178  1.00 49.31  ? 77  ASP A CG  1 
ATOM   589 O  OD1 . ASP A 1 78 ? -1.139  12.918  -6.694  1.00 64.43  ? 77  ASP A OD1 1 
ATOM   590 O  OD2 . ASP A 1 78 ? -2.682  11.688  -5.717  1.00 59.96  ? 77  ASP A OD2 1 
ATOM   591 N  N   . ILE A 1 79 ? 2.314   9.617   -5.796  1.00 31.08  ? 78  ILE A N   1 
ATOM   592 C  CA  . ILE A 1 79 ? 3.000   8.413   -5.355  1.00 34.00  ? 78  ILE A CA  1 
ATOM   593 C  C   . ILE A 1 79 ? 2.835   8.431   -3.836  1.00 31.44  ? 78  ILE A C   1 
ATOM   594 O  O   . ILE A 1 79 ? 3.177   9.421   -3.207  1.00 31.62  ? 78  ILE A O   1 
ATOM   595 C  CB  . ILE A 1 79 ? 4.528   8.447   -5.638  1.00 38.04  ? 78  ILE A CB  1 
ATOM   596 C  CG1 . ILE A 1 79 ? 4.831   8.921   -7.049  1.00 49.64  ? 78  ILE A CG1 1 
ATOM   597 C  CG2 . ILE A 1 79 ? 5.121   7.039   -5.408  1.00 44.09  ? 78  ILE A CG2 1 
ATOM   598 C  CD1 . ILE A 1 79 ? 5.248   10.372  -7.125  1.00 56.86  ? 78  ILE A CD1 1 
ATOM   599 N  N   . CYS A 1 80 ? 2.330   7.367   -3.248  1.00 31.02  ? 79  CYS A N   1 
ATOM   600 C  CA  . CYS A 1 80 ? 2.164   7.330   -1.785  1.00 29.71  ? 79  CYS A CA  1 
ATOM   601 C  C   . CYS A 1 80 ? 3.068   6.256   -1.214  1.00 31.59  ? 79  CYS A C   1 
ATOM   602 O  O   . CYS A 1 80 ? 3.363   5.250   -1.882  1.00 30.35  ? 79  CYS A O   1 
ATOM   603 C  CB  . CYS A 1 80 ? 0.717   7.066   -1.412  1.00 36.09  ? 79  CYS A CB  1 
ATOM   604 S  SG  . CYS A 1 80 ? -0.399  8.404   -1.979  1.00 39.41  ? 79  CYS A SG  1 
ATOM   605 N  N   . GLU A 1 81 ? 3.517   6.487   0.015   1.00 27.55  ? 80  GLU A N   1 
ATOM   606 C  CA  . GLU A 1 81 ? 4.403   5.589   0.718   1.00 30.02  ? 80  GLU A CA  1 
ATOM   607 C  C   . GLU A 1 81 ? 3.633   5.025   1.897   1.00 30.11  ? 80  GLU A C   1 
ATOM   608 O  O   . GLU A 1 81 ? 2.956   5.776   2.622   1.00 28.30  ? 80  GLU A O   1 
ATOM   609 C  CB  . GLU A 1 81 ? 5.620   6.358   1.252   1.00 30.57  ? 80  GLU A CB  1 
ATOM   610 C  CG  . GLU A 1 81 ? 6.500   6.940   0.152   1.00 36.31  ? 80  GLU A CG  1 
ATOM   611 C  CD  . GLU A 1 81 ? 7.269   8.172   0.562   1.00 36.02  ? 80  GLU A CD  1 
ATOM   612 O  OE1 . GLU A 1 81 ? 7.335   8.511   1.757   1.00 40.63  ? 80  GLU A OE1 1 
ATOM   613 O  OE2 . GLU A 1 81 ? 7.789   8.824   -0.332  1.00 40.66  ? 80  GLU A OE2 1 
ATOM   614 N  N   . TRP A 1 82 ? 3.768   3.717   2.101   1.00 28.58  ? 81  TRP A N   1 
ATOM   615 C  CA  . TRP A 1 82 ? 3.012   3.008   3.121   1.00 26.52  ? 81  TRP A CA  1 
ATOM   616 C  C   . TRP A 1 82 ? 3.909   2.149   3.992   1.00 27.60  ? 81  TRP A C   1 
ATOM   617 O  O   . TRP A 1 82 ? 4.904   1.606   3.519   1.00 28.58  ? 81  TRP A O   1 
ATOM   618 C  CB  . TRP A 1 82 ? 2.004   2.109   2.425   1.00 27.12  ? 81  TRP A CB  1 
ATOM   619 C  CG  . TRP A 1 82 ? 1.101   2.770   1.513   1.00 28.25  ? 81  TRP A CG  1 
ATOM   620 C  CD1 . TRP A 1 82 ? 1.322   3.002   0.178   1.00 33.71  ? 81  TRP A CD1 1 
ATOM   621 C  CD2 . TRP A 1 82 ? -0.161  3.349   1.815   1.00 26.39  ? 81  TRP A CD2 1 
ATOM   622 N  NE1 . TRP A 1 82 ? 0.249   3.646   -0.371  1.00 33.76  ? 81  TRP A NE1 1 
ATOM   623 C  CE2 . TRP A 1 82 ? -0.669  3.879   0.605   1.00 30.60  ? 81  TRP A CE2 1 
ATOM   624 C  CE3 . TRP A 1 82 ? -0.940  3.432   2.968   1.00 33.77  ? 81  TRP A CE3 1 
ATOM   625 C  CZ2 . TRP A 1 82 ? -1.901  4.475   0.524   1.00 36.40  ? 81  TRP A CZ2 1 
ATOM   626 C  CZ3 . TRP A 1 82 ? -2.184  4.037   2.868   1.00 35.49  ? 81  TRP A CZ3 1 
ATOM   627 C  CH2 . TRP A 1 82 ? -2.621  4.571   1.656   1.00 30.74  ? 81  TRP A CH2 1 
ATOM   628 N  N   . ALA A 1 83 ? 3.513   1.968   5.251   1.00 27.97  ? 82  ALA A N   1 
ATOM   629 C  CA  . ALA A 1 83 ? 4.245   1.166   6.225   1.00 27.53  ? 82  ALA A CA  1 
ATOM   630 C  C   . ALA A 1 83 ? 3.243   0.420   7.076   1.00 27.72  ? 82  ALA A C   1 
ATOM   631 O  O   . ALA A 1 83 ? 2.085   0.823   7.179   1.00 28.70  ? 82  ALA A O   1 
ATOM   632 C  CB  . ALA A 1 83 ? 5.082   2.094   7.123   1.00 29.59  ? 82  ALA A CB  1 
ATOM   633 N  N   . THR A 1 84 ? 3.669   -0.637  7.741   1.00 27.47  ? 83  THR A N   1 
ATOM   634 C  CA  . THR A 1 84 ? 2.785   -1.221  8.737   1.00 27.37  ? 83  THR A CA  1 
ATOM   635 C  C   . THR A 1 84 ? 2.753   -0.314  9.948   1.00 26.66  ? 83  THR A C   1 
ATOM   636 O  O   . THR A 1 84 ? 3.735   0.349   10.274  1.00 27.03  ? 83  THR A O   1 
ATOM   637 C  CB  . THR A 1 84 ? 3.202   -2.645  9.139   1.00 28.75  ? 83  THR A CB  1 
ATOM   638 O  OG1 . THR A 1 84 ? 4.405   -2.594  9.912   1.00 28.45  ? 83  THR A OG1 1 
ATOM   639 C  CG2 . THR A 1 84 ? 3.348   -3.587  7.904   1.00 28.85  ? 83  THR A CG2 1 
ATOM   640 N  N   . ARG A 1 85 ? 1.649   -0.338  10.679  1.00 26.76  ? 84  ARG A N   1 
ATOM   641 C  CA  . ARG A 1 85 ? 1.554   0.446   11.920  1.00 26.34  ? 84  ARG A CA  1 
ATOM   642 C  C   . ARG A 1 85 ? 2.624   0.044   12.924  1.00 27.40  ? 84  ARG A C   1 
ATOM   643 O  O   . ARG A 1 85 ? 3.173   0.885   13.671  1.00 27.39  ? 84  ARG A O   1 
ATOM   644 C  CB  . ARG A 1 85 ? 0.157   0.313   12.514  1.00 25.13  ? 84  ARG A CB  1 
ATOM   645 C  CG  . ARG A 1 85 ? -0.134  1.232   13.642  1.00 27.75  ? 84  ARG A CG  1 
ATOM   646 C  CD  . ARG A 1 85 ? -1.533  1.084   14.138  1.00 28.67  ? 84  ARG A CD  1 
ATOM   647 N  NE  . ARG A 1 85 ? -2.537  1.467   13.152  1.00 29.54  ? 84  ARG A NE  1 
ATOM   648 C  CZ  . ARG A 1 85 ? -2.986  2.709   12.978  1.00 33.63  ? 84  ARG A CZ  1 
ATOM   649 N  NH1 . ARG A 1 85 ? -2.536  3.715   13.730  1.00 33.40  ? 84  ARG A NH1 1 
ATOM   650 N  NH2 . ARG A 1 85 ? -3.898  2.951   12.060  1.00 32.06  ? 84  ARG A NH2 1 
ATOM   651 N  N   . ASN A 1 86 ? 2.886   -1.259  13.022  1.00 25.90  ? 85  ASN A N   1 
ATOM   652 C  CA  . ASN A 1 86 ? 3.909   -1.743  13.928  1.00 26.16  ? 85  ASN A CA  1 
ATOM   653 C  C   . ASN A 1 86 ? 5.311   -1.286  13.536  1.00 26.76  ? 85  ASN A C   1 
ATOM   654 O  O   . ASN A 1 86 ? 6.138   -0.954  14.414  1.00 28.61  ? 85  ASN A O   1 
ATOM   655 C  CB  . ASN A 1 86 ? 3.855   -3.263  14.053  1.00 26.39  ? 85  ASN A CB  1 
ATOM   656 C  CG  . ASN A 1 86 ? 2.764   -3.730  14.964  1.00 27.32  ? 85  ASN A CG  1 
ATOM   657 O  OD1 . ASN A 1 86 ? 2.576   -3.209  16.064  1.00 28.40  ? 85  ASN A OD1 1 
ATOM   658 N  ND2 . ASN A 1 86 ? 2.051   -4.761  14.526  1.00 28.89  ? 85  ASN A ND2 1 
ATOM   659 N  N   . TRP A 1 87 ? 5.587   -1.227  12.245  1.00 29.41  ? 86  TRP A N   1 
ATOM   660 C  CA  . TRP A 1 87 ? 6.878   -0.706  11.788  1.00 32.05  ? 86  TRP A CA  1 
ATOM   661 C  C   . TRP A 1 87 ? 7.040   0.746   12.260  1.00 31.14  ? 86  TRP A C   1 
ATOM   662 O  O   . TRP A 1 87 ? 8.064   1.132   12.825  1.00 31.55  ? 86  TRP A O   1 
ATOM   663 C  CB  . TRP A 1 87 ? 6.990   -0.776  10.268  1.00 31.48  ? 86  TRP A CB  1 
ATOM   664 C  CG  . TRP A 1 87 ? 8.360   -0.391  9.784   1.00 36.81  ? 86  TRP A CG  1 
ATOM   665 C  CD1 . TRP A 1 87 ? 9.416   -1.232  9.524   1.00 37.13  ? 86  TRP A CD1 1 
ATOM   666 C  CD2 . TRP A 1 87 ? 8.813   0.927   9.517   1.00 36.52  ? 86  TRP A CD2 1 
ATOM   667 N  NE1 . TRP A 1 87 ? 10.514  -0.496  9.125   1.00 39.58  ? 86  TRP A NE1 1 
ATOM   668 C  CE2 . TRP A 1 87 ? 10.170  0.833   9.127   1.00 36.91  ? 86  TRP A CE2 1 
ATOM   669 C  CE3 . TRP A 1 87 ? 8.212   2.196   9.598   1.00 33.75  ? 86  TRP A CE3 1 
ATOM   670 C  CZ2 . TRP A 1 87 ? 10.923  1.948   8.828   1.00 40.42  ? 86  TRP A CZ2 1 
ATOM   671 C  CZ3 . TRP A 1 87 ? 8.967   3.302   9.301   1.00 40.56  ? 86  TRP A CZ3 1 
ATOM   672 C  CH2 . TRP A 1 87 ? 10.306  3.168   8.904   1.00 39.41  ? 86  TRP A CH2 1 
ATOM   673 N  N   . VAL A 1 88 ? 6.005   1.551   12.056  1.00 28.31  ? 87  VAL A N   1 
ATOM   674 C  CA  . VAL A 1 88 ? 6.048   2.927   12.501  1.00 29.91  ? 87  VAL A CA  1 
ATOM   675 C  C   . VAL A 1 88 ? 6.195   3.026   14.012  1.00 29.57  ? 87  VAL A C   1 
ATOM   676 O  O   . VAL A 1 88 ? 6.969   3.848   14.511  1.00 32.31  ? 87  VAL A O   1 
ATOM   677 C  CB  . VAL A 1 88 ? 4.809   3.737   12.047  1.00 29.97  ? 87  VAL A CB  1 
ATOM   678 C  CG1 . VAL A 1 88 ? 4.915   5.199   12.503  1.00 35.14  ? 87  VAL A CG1 1 
ATOM   679 C  CG2 . VAL A 1 88 ? 4.652   3.660   10.534  1.00 31.37  ? 87  VAL A CG2 1 
ATOM   680 N  N   . ALA A 1 89 ? 5.477   2.198   14.759  1.00 29.53  ? 88  ALA A N   1 
ATOM   681 C  CA  . ALA A 1 89 ? 5.569   2.238   16.212  1.00 31.08  ? 88  ALA A CA  1 
ATOM   682 C  C   . ALA A 1 89 ? 7.007   1.977   16.676  1.00 31.92  ? 88  ALA A C   1 
ATOM   683 O  O   . ALA A 1 89 ? 7.495   2.572   17.650  1.00 33.03  ? 88  ALA A O   1 
ATOM   684 C  CB  . ALA A 1 89 ? 4.600   1.212   16.838  1.00 29.36  ? 88  ALA A CB  1 
ATOM   685 N  N   . GLU A 1 90 ? 7.681   1.073   15.979  1.00 33.15  ? 89  GLU A N   1 
ATOM   686 C  CA  . GLU A 1 90 ? 9.018   0.649   16.337  1.00 37.92  ? 89  GLU A CA  1 
ATOM   687 C  C   . GLU A 1 90 ? 10.061  1.674   15.889  1.00 40.76  ? 89  GLU A C   1 
ATOM   688 O  O   . GLU A 1 90 ? 11.015  1.940   16.612  1.00 43.57  ? 89  GLU A O   1 
ATOM   689 C  CB  . GLU A 1 90 ? 9.317   -0.730  15.736  1.00 39.42  ? 89  GLU A CB  1 
ATOM   690 C  CG  . GLU A 1 90 ? 8.498   -1.882  16.374  1.00 45.07  ? 89  GLU A CG  1 
ATOM   691 N  N   . HIS A 1 91 ? 9.865   2.281   14.733  1.00 40.10  ? 90  HIS A N   1 
ATOM   692 C  CA  . HIS A 1 91 ? 10.874  3.175   14.154  1.00 40.44  ? 90  HIS A CA  1 
ATOM   693 C  C   . HIS A 1 91 ? 10.635  4.652   14.389  1.00 43.81  ? 90  HIS A C   1 
ATOM   694 O  O   . HIS A 1 91 ? 11.568  5.455   14.279  1.00 47.09  ? 90  HIS A O   1 
ATOM   695 C  CB  . HIS A 1 91 ? 11.006  2.906   12.652  1.00 41.75  ? 90  HIS A CB  1 
ATOM   696 C  CG  . HIS A 1 91 ? 11.623  1.579   12.357  1.00 43.48  ? 90  HIS A CG  1 
ATOM   697 N  ND1 . HIS A 1 91 ? 10.916  0.399   12.445  1.00 44.04  ? 90  HIS A ND1 1 
ATOM   698 C  CD2 . HIS A 1 91 ? 12.892  1.237   12.038  1.00 44.96  ? 90  HIS A CD2 1 
ATOM   699 C  CE1 . HIS A 1 91 ? 11.720  -0.612  12.171  1.00 46.54  ? 90  HIS A CE1 1 
ATOM   700 N  NE2 . HIS A 1 91 ? 12.924  -0.130  11.918  1.00 49.95  ? 90  HIS A NE2 1 
ATOM   701 N  N   . CYS A 1 92 ? 9.388   5.016   14.661  1.00 44.17  ? 91  CYS A N   1 
ATOM   702 C  CA  . CYS A 1 92 ? 9.005   6.389   14.960  1.00 46.30  ? 91  CYS A CA  1 
ATOM   703 C  C   . CYS A 1 92 ? 8.176   6.408   16.234  1.00 48.75  ? 91  CYS A C   1 
ATOM   704 O  O   . CYS A 1 92 ? 6.979   6.643   16.208  1.00 50.45  ? 91  CYS A O   1 
ATOM   705 C  CB  . CYS A 1 92 ? 8.222   6.939   13.812  1.00 47.74  ? 91  CYS A CB  1 
ATOM   706 S  SG  . CYS A 1 92 ? 9.152   6.691   12.313  1.00 50.29  ? 91  CYS A SG  1 
ATOM   707 N  N   . PRO A 1 93 ? 8.831   6.194   17.356  1.00 52.39  ? 92  PRO A N   1 
ATOM   708 C  CA  . PRO A 1 93 ? 8.096   5.980   18.595  1.00 58.01  ? 92  PRO A CA  1 
ATOM   709 C  C   . PRO A 1 93 ? 7.606   7.287   19.229  1.00 63.20  ? 92  PRO A C   1 
ATOM   710 O  O   . PRO A 1 93 ? 7.120   7.277   20.360  1.00 64.57  ? 92  PRO A O   1 
ATOM   711 C  CB  . PRO A 1 93 ? 9.138   5.312   19.479  1.00 58.08  ? 92  PRO A CB  1 
ATOM   712 C  CG  . PRO A 1 93 ? 10.412  5.943   19.069  1.00 58.36  ? 92  PRO A CG  1 
ATOM   713 C  CD  . PRO A 1 93 ? 10.287  6.198   17.573  1.00 51.71  ? 92  PRO A CD  1 
ATOM   714 N  N   . GLU A 1 94 ? 7.742   8.405   18.517  1.00 67.23  ? 93  GLU A N   1 
ATOM   715 C  CA  . GLU A 1 94 ? 7.108   9.653   18.926  1.00 70.41  ? 93  GLU A CA  1 
ATOM   716 C  C   . GLU A 1 94 ? 5.881   9.915   18.073  1.00 71.13  ? 93  GLU A C   1 
ATOM   717 O  O   . GLU A 1 94 ? 5.183   10.903  18.271  1.00 71.57  ? 93  GLU A O   1 
ATOM   718 C  CB  . GLU A 1 94 ? 8.089   10.824  18.807  1.00 71.26  ? 93  GLU A CB  1 
ATOM   719 C  CG  . GLU A 1 94 ? 9.371   10.621  19.588  1.00 72.86  ? 93  GLU A CG  1 
ATOM   720 C  CD  . GLU A 1 94 ? 9.115   10.587  21.070  1.00 80.91  ? 93  GLU A CD  1 
ATOM   721 O  OE1 . GLU A 1 94 ? 9.007   11.684  21.663  1.00 82.96  ? 93  GLU A OE1 1 
ATOM   722 O  OE2 . GLU A 1 94 ? 8.986   9.471   21.626  1.00 83.12  ? 93  GLU A OE2 1 
ATOM   723 N  N   . TRP A 1 95 ? 5.608   9.030   17.129  1.00 72.77  ? 94  TRP A N   1 
ATOM   724 C  CA  . TRP A 1 95 ? 4.550   9.289   16.178  1.00 74.77  ? 94  TRP A CA  1 
ATOM   725 C  C   . TRP A 1 95 ? 3.216   8.831   16.726  1.00 78.41  ? 94  TRP A C   1 
ATOM   726 O  O   . TRP A 1 95 ? 3.154   7.863   17.479  1.00 79.91  ? 94  TRP A O   1 
ATOM   727 C  CB  . TRP A 1 95 ? 4.825   8.592   14.855  1.00 74.04  ? 94  TRP A CB  1 
ATOM   728 C  CG  . TRP A 1 95 ? 3.832   8.971   13.834  1.00 70.96  ? 94  TRP A CG  1 
ATOM   729 C  CD1 . TRP A 1 95 ? 3.720   10.178  13.212  1.00 71.73  ? 94  TRP A CD1 1 
ATOM   730 C  CD2 . TRP A 1 95 ? 2.770   8.156   13.334  1.00 67.38  ? 94  TRP A CD2 1 
ATOM   731 N  NE1 . TRP A 1 95 ? 2.662   10.162  12.339  1.00 73.21  ? 94  TRP A NE1 1 
ATOM   732 C  CE2 . TRP A 1 95 ? 2.060   8.932   12.393  1.00 72.08  ? 94  TRP A CE2 1 
ATOM   733 C  CE3 . TRP A 1 95 ? 2.351   6.843   13.585  1.00 72.17  ? 94  TRP A CE3 1 
ATOM   734 C  CZ2 . TRP A 1 95 ? 0.958   8.431   11.685  1.00 73.31  ? 94  TRP A CZ2 1 
ATOM   735 C  CZ3 . TRP A 1 95 ? 1.249   6.346   12.889  1.00 73.18  ? 94  TRP A CZ3 1 
ATOM   736 C  CH2 . TRP A 1 95 ? 0.564   7.142   11.952  1.00 73.62  ? 94  TRP A CH2 1 
ATOM   737 N  N   . THR A 1 96 ? 2.158   9.543   16.342  1.00 82.32  ? 95  THR A N   1 
ATOM   738 C  CA  . THR A 1 96 ? 0.784   9.180   16.690  1.00 85.37  ? 95  THR A CA  1 
ATOM   739 C  C   . THR A 1 96 ? -0.183  9.580   15.568  1.00 87.27  ? 95  THR A C   1 
ATOM   740 O  O   . THR A 1 96 ? 0.061   10.555  14.847  1.00 86.85  ? 95  THR A O   1 
ATOM   741 C  CB  . THR A 1 96 ? 0.311   9.884   18.001  1.00 85.70  ? 95  THR A CB  1 
ATOM   742 O  OG1 . THR A 1 96 ? 0.169   11.294  17.773  1.00 88.62  ? 95  THR A OG1 1 
ATOM   743 C  CG2 . THR A 1 96 ? 1.292   9.659   19.157  1.00 85.66  ? 95  THR A CG2 1 
ATOM   744 N  N   . GLU A 1 97 ? -1.269  8.818   15.422  1.00 89.59  ? 96  GLU A N   1 
ATOM   745 C  CA  . GLU A 1 97 ? -2.448  9.275   14.677  1.00 91.13  ? 96  GLU A CA  1 
ATOM   746 C  C   . GLU A 1 97 ? -3.734  8.838   15.377  1.00 91.98  ? 96  GLU A C   1 
ATOM   747 O  O   . GLU A 1 97 ? -4.237  9.536   16.262  1.00 92.53  ? 96  GLU A O   1 
ATOM   748 C  CB  . GLU A 1 97 ? -2.431  8.782   13.225  1.00 91.58  ? 96  GLU A CB  1 
ATOM   749 C  CG  . GLU A 1 97 ? -1.890  9.804   12.215  1.00 94.09  ? 96  GLU A CG  1 
ATOM   750 C  CD  . GLU A 1 97 ? -2.813  11.002  11.997  1.00 97.47  ? 96  GLU A CD  1 
ATOM   751 O  OE1 . GLU A 1 97 ? -2.922  11.854  12.909  1.00 101.62 ? 96  GLU A OE1 1 
ATOM   752 O  OE2 . GLU A 1 97 ? -3.412  11.108  10.902  1.00 98.53  ? 96  GLU A OE2 1 
HETATM 753 CL CL  . CL  B 2 .  ? -6.007  -13.282 -7.799  1.00 30.49  ? 116 CL  A CL  1 
HETATM 754 N  N1  . IMD C 3 .  ? 0.237   -4.017  -12.722 0.50 38.41  ? 117 IMD A N1  1 
HETATM 755 C  C2  . IMD C 3 .  ? 0.705   -5.275  -12.695 0.50 39.20  ? 117 IMD A C2  1 
HETATM 756 N  N3  . IMD C 3 .  ? 1.988   -5.252  -12.253 0.50 37.58  ? 117 IMD A N3  1 
HETATM 757 C  C4  . IMD C 3 .  ? 2.322   -3.971  -11.996 0.50 40.69  ? 117 IMD A C4  1 
HETATM 758 C  C5  . IMD C 3 .  ? 1.217   -3.184  -12.299 0.50 37.95  ? 117 IMD A C5  1 
HETATM 759 C  C1  . EDO D 4 .  ? 8.619   4.049   -7.939  1.00 45.29  ? 118 EDO A C1  1 
HETATM 760 O  O1  . EDO D 4 .  ? 7.753   4.240   -9.070  1.00 63.11  ? 118 EDO A O1  1 
HETATM 761 C  C2  . EDO D 4 .  ? 8.687   2.572   -7.575  1.00 51.00  ? 118 EDO A C2  1 
HETATM 762 O  O2  . EDO D 4 .  ? 10.024  2.153   -7.235  1.00 47.64  ? 118 EDO A O2  1 
HETATM 763 C  C1  . EDO E 4 .  ? 8.018   -4.586  -6.019  1.00 31.72  ? 119 EDO A C1  1 
HETATM 764 O  O1  . EDO E 4 .  ? 8.989   -3.722  -6.642  1.00 55.91  ? 119 EDO A O1  1 
HETATM 765 C  C2  . EDO E 4 .  ? 8.654   -5.956  -5.829  1.00 51.95  ? 119 EDO A C2  1 
HETATM 766 O  O2  . EDO E 4 .  ? 8.164   -6.903  -6.800  1.00 55.68  ? 119 EDO A O2  1 
HETATM 767 C  C1  . EDO F 4 .  ? -10.122 -15.366 -3.880  1.00 75.90  ? 120 EDO A C1  1 
HETATM 768 O  O1  . EDO F 4 .  ? -11.266 -15.363 -3.018  1.00 75.81  ? 120 EDO A O1  1 
HETATM 769 C  C2  . EDO F 4 .  ? -9.050  -16.261 -3.273  1.00 77.03  ? 120 EDO A C2  1 
HETATM 770 O  O2  . EDO F 4 .  ? -8.623  -15.753 -2.002  1.00 74.82  ? 120 EDO A O2  1 
HETATM 771 O  OH2 . 1PE G 5 .  ? 6.409   -13.737 -9.979  0.25 27.96  ? 121 1PE A OH2 1 
HETATM 772 C  C12 . 1PE G 5 .  ? 6.229   -13.523 -11.374 0.25 29.94  ? 121 1PE A C12 1 
HETATM 773 C  C22 . 1PE G 5 .  ? 6.643   -12.140 -11.881 0.25 33.91  ? 121 1PE A C22 1 
HETATM 774 O  OH3 . 1PE G 5 .  ? 5.636   -11.655 -12.780 0.25 27.64  ? 121 1PE A OH3 1 
HETATM 775 C  C13 . 1PE G 5 .  ? 3.587   -10.342 -12.806 0.25 23.68  ? 121 1PE A C13 1 
HETATM 776 C  C23 . 1PE G 5 .  ? 5.092   -10.353 -12.507 0.25 29.58  ? 121 1PE A C23 1 
HETATM 777 O  OH4 . 1PE G 5 .  ? 3.085   -9.039  -13.141 0.25 16.43  ? 121 1PE A OH4 1 
HETATM 778 C  C14 . 1PE G 5 .  ? 1.145   -7.529  -13.267 0.25 15.08  ? 121 1PE A C14 1 
HETATM 779 C  C24 . 1PE G 5 .  ? 1.811   -8.710  -12.592 0.25 11.78  ? 121 1PE A C24 1 
HETATM 780 O  OH5 . 1PE G 5 .  ? -0.151  -7.875  -13.760 0.25 13.11  ? 121 1PE A OH5 1 
HETATM 781 C  C15 . 1PE G 5 .  ? -2.162  -6.790  -14.547 0.25 14.71  ? 121 1PE A C15 1 
HETATM 782 C  C25 . 1PE G 5 .  ? -1.233  -7.028  -13.367 0.25 8.56   ? 121 1PE A C25 1 
HETATM 783 O  OH6 . 1PE G 5 .  ? -3.455  -6.260  -14.264 0.25 19.85  ? 121 1PE A OH6 1 
HETATM 784 C  C16 . 1PE G 5 .  ? -5.767  -6.227  -15.109 0.25 23.50  ? 121 1PE A C16 1 
HETATM 785 C  C26 . 1PE G 5 .  ? -4.481  -7.019  -14.920 0.25 23.26  ? 121 1PE A C26 1 
HETATM 786 O  OH7 . 1PE G 5 .  ? -6.330  -6.456  -16.409 0.25 21.71  ? 121 1PE A OH7 1 
HETATM 787 C  C13 . 1PE H 5 .  ? -7.930  -7.042  -11.183 0.25 30.38  ? 122 1PE A C13 1 
HETATM 788 O  OH4 . 1PE H 5 .  ? -8.022  -8.354  -11.740 0.25 29.72  ? 122 1PE A OH4 1 
HETATM 789 C  C14 . 1PE H 5 .  ? -10.041 -9.319  -12.635 0.25 35.55  ? 122 1PE A C14 1 
HETATM 790 C  C24 . 1PE H 5 .  ? -9.229  -9.025  -11.376 0.25 33.43  ? 122 1PE A C24 1 
HETATM 791 O  OH5 . 1PE H 5 .  ? -9.602  -10.557 -13.198 0.25 37.42  ? 122 1PE A OH5 1 
HETATM 792 C  C15 . 1PE H 5 .  ? -11.237 -11.610 -14.638 0.25 37.73  ? 122 1PE A C15 1 
HETATM 793 C  C25 . 1PE H 5 .  ? -10.579 -11.600 -13.256 0.25 38.83  ? 122 1PE A C25 1 
HETATM 794 O  OH6 . 1PE H 5 .  ? -12.024 -12.785 -14.875 0.25 42.54  ? 122 1PE A OH6 1 
HETATM 795 C  C16 . 1PE H 5 .  ? -12.054 -15.161 -15.427 0.25 40.39  ? 122 1PE A C16 1 
HETATM 796 C  C26 . 1PE H 5 .  ? -11.366 -14.040 -14.652 0.25 40.92  ? 122 1PE A C26 1 
HETATM 797 O  OH7 . 1PE H 5 .  ? -11.556 -16.439 -15.001 0.25 38.24  ? 122 1PE A OH7 1 
HETATM 798 O  O   . HOH I 6 .  ? -4.004  -16.488 -7.014  1.00 29.47  ? 123 HOH A O   1 
HETATM 799 O  O   . HOH I 6 .  ? 9.418   -3.552  2.707   1.00 31.09  ? 124 HOH A O   1 
HETATM 800 O  O   . HOH I 6 .  ? 6.600   -0.842  7.021   1.00 22.69  ? 125 HOH A O   1 
HETATM 801 O  O   . HOH I 6 .  ? -10.003 -0.430  -10.557 1.00 41.64  ? 126 HOH A O   1 
HETATM 802 O  O   . HOH I 6 .  ? 4.190   -10.668 0.604   1.00 31.82  ? 127 HOH A O   1 
HETATM 803 O  O   . HOH I 6 .  ? -6.339  1.596   -11.465 1.00 37.26  ? 128 HOH A O   1 
HETATM 804 O  O   . HOH I 6 .  ? -7.731  4.376   -4.975  1.00 39.74  ? 129 HOH A O   1 
HETATM 805 O  O   . HOH I 6 .  ? 0.976   -3.343  11.795  1.00 24.23  ? 130 HOH A O   1 
HETATM 806 O  O   . HOH I 6 .  ? 4.039   -0.972  -10.432 1.00 38.49  ? 131 HOH A O   1 
HETATM 807 O  O   . HOH I 6 .  ? -3.027  6.135   6.944   1.00 39.11  ? 132 HOH A O   1 
HETATM 808 O  O   . HOH I 6 .  ? -1.837  -10.906 -10.792 1.00 25.14  ? 133 HOH A O   1 
HETATM 809 O  O   . HOH I 6 .  ? 5.320   -5.135  10.576  1.00 28.86  ? 134 HOH A O   1 
HETATM 810 O  O   . HOH I 6 .  ? -5.092  3.059   6.418   1.00 29.39  ? 135 HOH A O   1 
HETATM 811 O  O   . HOH I 6 .  ? 2.772   -5.954  11.949  1.00 31.95  ? 136 HOH A O   1 
HETATM 812 O  O   . HOH I 6 .  ? 6.007   19.364  -16.680 1.00 33.07  ? 137 HOH A O   1 
HETATM 813 O  O   . HOH I 6 .  ? 6.697   -7.599  -12.033 1.00 42.01  ? 138 HOH A O   1 
HETATM 814 O  O   . HOH I 6 .  ? -4.343  -7.183  -12.174 1.00 34.50  ? 139 HOH A O   1 
HETATM 815 O  O   . HOH I 6 .  ? -10.785 -1.702  8.564   1.00 40.95  ? 140 HOH A O   1 
HETATM 816 O  O   . HOH I 6 .  ? 9.097   9.329   16.257  1.00 42.13  ? 141 HOH A O   1 
HETATM 817 O  O   . HOH I 6 .  ? 9.885   -6.951  1.474   1.00 49.97  ? 142 HOH A O   1 
HETATM 818 O  O   . HOH I 6 .  ? 4.905   -7.283  8.570   1.00 36.63  ? 143 HOH A O   1 
HETATM 819 O  O   . HOH I 6 .  ? -0.425  3.706   16.031  1.00 45.43  ? 144 HOH A O   1 
HETATM 820 O  O   . HOH I 6 .  ? -1.944  -15.440 -2.864  1.00 63.38  ? 145 HOH A O   1 
HETATM 821 O  O   . HOH I 6 .  ? -2.745  -1.658  13.327  0.50 19.26  ? 146 HOH A O   1 
HETATM 822 O  O   . HOH I 6 .  ? -3.814  -7.697  12.027  1.00 43.24  ? 147 HOH A O   1 
HETATM 823 O  O   . HOH I 6 .  ? -4.900  5.357   -1.145  1.00 38.55  ? 148 HOH A O   1 
HETATM 824 O  O   . HOH I 6 .  ? -8.614  -3.054  3.191   1.00 32.76  ? 149 HOH A O   1 
HETATM 825 O  O   . HOH I 6 .  ? 0.690   -10.968 6.760   1.00 44.01  ? 150 HOH A O   1 
HETATM 826 O  O   . HOH I 6 .  ? -5.082  6.931   3.431   1.00 48.22  ? 151 HOH A O   1 
HETATM 827 O  O   . HOH I 6 .  ? -10.631 -2.606  -3.299  1.00 56.54  ? 152 HOH A O   1 
HETATM 828 O  O   . HOH I 6 .  ? -4.928  3.965   9.071   1.00 39.41  ? 153 HOH A O   1 
HETATM 829 O  O   . HOH I 6 .  ? -3.662  -8.849  7.390   1.00 41.67  ? 154 HOH A O   1 
HETATM 830 O  O   . HOH I 6 .  ? -0.015  6.189   -4.953  1.00 50.96  ? 155 HOH A O   1 
HETATM 831 O  O   . HOH I 6 .  ? 8.033   -4.679  10.880  1.00 60.20  ? 156 HOH A O   1 
HETATM 832 O  O   . HOH I 6 .  ? -6.956  -7.893  7.881   1.00 69.16  ? 157 HOH A O   1 
HETATM 833 O  O   . HOH I 6 .  ? -5.623  -10.277 6.062   1.00 46.62  ? 158 HOH A O   1 
HETATM 834 O  O   . HOH I 6 .  ? -4.771  7.474   0.539   1.00 43.53  ? 159 HOH A O   1 
HETATM 835 O  O   . HOH I 6 .  ? 3.042   -9.650  8.712   1.00 58.71  ? 160 HOH A O   1 
HETATM 836 O  O   . HOH I 6 .  ? -11.924 -0.626  -4.672  1.00 60.18  ? 161 HOH A O   1 
HETATM 837 O  O   . HOH I 6 .  ? -1.364  15.503  -9.254  1.00 49.93  ? 162 HOH A O   1 
HETATM 838 O  O   . HOH I 6 .  ? 1.321   6.708   18.943  1.00 69.47  ? 163 HOH A O   1 
HETATM 839 O  O   . HOH I 6 .  ? -2.575  5.008   -3.306  1.00 53.37  ? 164 HOH A O   1 
HETATM 840 O  O   . HOH I 6 .  ? -1.772  -14.032 1.295   1.00 61.11  ? 165 HOH A O   1 
HETATM 841 O  O   . HOH I 6 .  ? -3.072  14.327  -15.908 1.00 64.44  ? 166 HOH A O   1 
HETATM 842 O  O   . HOH I 6 .  ? -8.728  -15.238 2.300   1.00 58.96  ? 167 HOH A O   1 
HETATM 843 O  O   . HOH I 6 .  ? -1.072  8.695   7.942   1.00 48.76  ? 168 HOH A O   1 
HETATM 844 O  O   . HOH I 6 .  ? 9.395   -7.220  4.175   1.00 47.68  ? 169 HOH A O   1 
HETATM 845 O  O   . HOH I 6 .  ? -9.630  -5.836  -3.469  1.00 67.11  ? 170 HOH A O   1 
HETATM 846 O  O   . HOH I 6 .  ? 3.420   11.638  -16.803 1.00 46.67  ? 171 HOH A O   1 
HETATM 847 O  O   . HOH I 6 .  ? 7.896   -9.487  6.394   1.00 64.77  ? 172 HOH A O   1 
HETATM 848 O  O   . HOH I 6 .  ? -9.002  -6.024  -7.114  1.00 66.66  ? 173 HOH A O   1 
HETATM 849 O  O   . HOH I 6 .  ? 7.864   9.051   4.378   1.00 55.77  ? 174 HOH A O   1 
HETATM 850 O  O   . HOH I 6 .  ? 7.871   11.761  15.052  1.00 45.55  ? 175 HOH A O   1 
HETATM 851 O  O   . HOH I 6 .  ? -10.624 -3.486  1.522   1.00 47.94  ? 176 HOH A O   1 
HETATM 852 O  O   . HOH I 6 .  ? -11.777 -14.827 3.932   1.00 71.02  ? 177 HOH A O   1 
HETATM 853 O  O   . HOH I 6 .  ? 1.531   10.488  -15.531 1.00 49.74  ? 178 HOH A O   1 
HETATM 854 O  O   . HOH I 6 .  ? 14.176  1.841   6.986   1.00 67.98  ? 179 HOH A O   1 
HETATM 855 O  O   . HOH I 6 .  ? 12.997  3.557   5.138   1.00 66.73  ? 180 HOH A O   1 
HETATM 856 O  O   . HOH I 6 .  ? -11.448 -1.706  -0.368  1.00 56.05  ? 181 HOH A O   1 
HETATM 857 O  O   . HOH I 6 .  ? -3.595  3.973   -5.779  1.00 40.85  ? 182 HOH A O   1 
HETATM 858 O  O   . HOH I 6 .  ? 11.785  2.572   2.716   1.00 46.47  ? 183 HOH A O   1 
HETATM 859 O  O   . HOH I 6 .  ? -1.612  4.873   -7.691  1.00 62.59  ? 184 HOH A O   1 
HETATM 860 O  O   . HOH I 6 .  ? 0.940   4.222   -8.166  1.00 66.11  ? 185 HOH A O   1 
HETATM 861 O  O   . HOH I 6 .  ? 7.243   -10.479 1.080   1.00 43.09  ? 186 HOH A O   1 
HETATM 862 O  O   . HOH I 6 .  ? 9.281   -3.220  12.816  1.00 66.53  ? 187 HOH A O   1 
HETATM 863 O  O   . HOH I 6 .  ? 0.932   1.787   -10.152 1.00 44.08  ? 188 HOH A O   1 
HETATM 864 O  O   . HOH I 6 .  ? 3.140   4.886   -6.134  1.00 41.08  ? 189 HOH A O   1 
HETATM 865 O  O   . HOH I 6 .  ? 8.499   -8.581  -4.907  1.00 54.35  ? 190 HOH A O   1 
HETATM 866 O  O   . HOH I 6 .  ? 3.928   -7.556  -11.063 1.00 32.60  ? 191 HOH A O   1 
HETATM 867 O  O   . HOH I 6 .  ? -1.362  8.754   -9.762  1.00 38.53  ? 192 HOH A O   1 
HETATM 868 O  O   . HOH I 6 .  ? 7.789   -0.823  -8.859  1.00 58.23  ? 193 HOH A O   1 
HETATM 869 O  O   . HOH I 6 .  ? -8.635  5.724   -0.729  1.00 66.54  ? 194 HOH A O   1 
HETATM 870 O  O   . HOH I 6 .  ? 2.210   3.449   15.113  1.00 50.85  ? 195 HOH A O   1 
HETATM 871 O  O   . HOH I 6 .  ? 6.546   13.543  17.482  1.00 70.61  ? 196 HOH A O   1 
HETATM 872 O  O   . HOH I 6 .  ? -4.226  4.877   -9.873  1.00 60.24  ? 197 HOH A O   1 
HETATM 873 O  O   . HOH I 6 .  ? 8.810   9.926   13.159  1.00 75.80  ? 198 HOH A O   1 
HETATM 874 O  O   . HOH I 6 .  ? -4.266  -6.272  8.003   1.00 31.19  ? 199 HOH A O   1 
# 
